data_4B9I
# 
_entry.id   4B9I 
# 
_audit_conform.dict_name       mmcif_pdbx.dic 
_audit_conform.dict_version    5.391 
_audit_conform.dict_location   http://mmcif.pdb.org/dictionaries/ascii/mmcif_pdbx.dic 
# 
loop_
_database_2.database_id 
_database_2.database_code 
_database_2.pdbx_database_accession 
_database_2.pdbx_DOI 
PDB   4B9I         pdb_00004b9i 10.2210/pdb4b9i/pdb 
PDBE  EBI-53977    ?            ?                   
WWPDB D_1290053977 ?            ?                   
# 
loop_
_pdbx_audit_revision_history.ordinal 
_pdbx_audit_revision_history.data_content_type 
_pdbx_audit_revision_history.major_revision 
_pdbx_audit_revision_history.minor_revision 
_pdbx_audit_revision_history.revision_date 
1 'Structure model' 1 0 2012-11-07 
2 'Structure model' 1 1 2012-12-12 
3 'Structure model' 1 2 2024-05-08 
# 
_pdbx_audit_revision_details.ordinal             1 
_pdbx_audit_revision_details.revision_ordinal    1 
_pdbx_audit_revision_details.data_content_type   'Structure model' 
_pdbx_audit_revision_details.provider            repository 
_pdbx_audit_revision_details.type                'Initial release' 
_pdbx_audit_revision_details.description         ? 
_pdbx_audit_revision_details.details             ? 
# 
loop_
_pdbx_audit_revision_group.ordinal 
_pdbx_audit_revision_group.revision_ordinal 
_pdbx_audit_revision_group.data_content_type 
_pdbx_audit_revision_group.group 
1 2 'Structure model' 'Database references' 
2 3 'Structure model' 'Data collection'     
3 3 'Structure model' 'Database references' 
4 3 'Structure model' Other                 
# 
loop_
_pdbx_audit_revision_category.ordinal 
_pdbx_audit_revision_category.revision_ordinal 
_pdbx_audit_revision_category.data_content_type 
_pdbx_audit_revision_category.category 
1 3 'Structure model' chem_comp_atom       
2 3 'Structure model' chem_comp_bond       
3 3 'Structure model' database_2           
4 3 'Structure model' pdbx_database_status 
# 
loop_
_pdbx_audit_revision_item.ordinal 
_pdbx_audit_revision_item.revision_ordinal 
_pdbx_audit_revision_item.data_content_type 
_pdbx_audit_revision_item.item 
1 3 'Structure model' '_database_2.pdbx_DOI'                 
2 3 'Structure model' '_database_2.pdbx_database_accession'  
3 3 'Structure model' '_pdbx_database_status.status_code_sf' 
# 
_pdbx_database_status.status_code                     REL 
_pdbx_database_status.entry_id                        4B9I 
_pdbx_database_status.deposit_site                    PDBE 
_pdbx_database_status.process_site                    PDBE 
_pdbx_database_status.SG_entry                        . 
_pdbx_database_status.recvd_initial_deposition_date   2012-09-04 
_pdbx_database_status.pdb_format_compatible           Y 
_pdbx_database_status.status_code_sf                  REL 
_pdbx_database_status.status_code_mr                  ? 
_pdbx_database_status.status_code_cs                  ? 
_pdbx_database_status.methods_development_category    ? 
_pdbx_database_status.status_code_nmr_data            ? 
# 
loop_
_pdbx_database_related.db_name 
_pdbx_database_related.db_id 
_pdbx_database_related.content_type 
_pdbx_database_related.details 
PDB 4B9G unspecified 
;STRUCTURE OF CSSB SUBUNIT COMPLEMENTED WITH DONOR STRAND FROM CSSA SUBUNIT OF ENTEROTOXIGENIC ESCHERICHIA COLI COLONIZATION FACTOR CS6
;
PDB 4B9J unspecified 'STRUCTURE OF SELF-COMPLEMENTED CSSA SUBUNIT OF ENTEROTOXIGENIC ESCHERICHIA COLI COLONIZATION FACTOR CS6' 
# 
loop_
_audit_author.name 
_audit_author.pdbx_ordinal 
'Roy, S.P.'      1 
'Rahman, M.M.'   2 
'Yu, X.D.'       3 
'Tuittila, M.'   4 
'Knight, S.D.'   5 
'Zavialov, A.V.' 6 
# 
_citation.id                        primary 
_citation.title                     
'Crystal Structure of Enterotoxigenic Escherichia Coli Colonization Factor Cs6 Reveals a Novel Type of Functional Assembly.' 
_citation.journal_abbrev            Mol.Microbiol. 
_citation.journal_volume            86 
_citation.page_first                1100 
_citation.page_last                 ? 
_citation.year                      2012 
_citation.journal_id_ASTM           MOMIEE 
_citation.country                   UK 
_citation.journal_id_ISSN           0950-382X 
_citation.journal_id_CSD            2007 
_citation.book_publisher            ? 
_citation.pdbx_database_id_PubMed   23046340 
_citation.pdbx_database_id_DOI      10.1111/MMI.12044 
# 
loop_
_citation_author.citation_id 
_citation_author.name 
_citation_author.ordinal 
_citation_author.identifier_ORCID 
primary 'Roy, S.P.'      1 ? 
primary 'Rahman, M.M.'   2 ? 
primary 'Yu, X.D.'       3 ? 
primary 'Tuittila, M.'   4 ? 
primary 'Knight, S.D.'   5 ? 
primary 'Zavialov, A.V.' 6 ? 
# 
loop_
_entity.id 
_entity.type 
_entity.src_method 
_entity.pdbx_description 
_entity.formula_weight 
_entity.pdbx_number_of_molecules 
_entity.pdbx_ec 
_entity.pdbx_mutation 
_entity.pdbx_fragment 
_entity.details 
1 polymer man 'CS6 FIMBRIAL SUBUNIT A, CS6 FIMBRIAL SUBUNIT B' 16656.416 1   ? ? 'RESIDUES 28-154 OF CSSA AND 22-36 OF CSSB' 
'LINKER SEQUENCE DNKQ' 
2 water   nat water                                            18.015    139 ? ? ?                                           ? 
# 
_entity_name_com.entity_id   1 
_entity_name_com.name        'CS6 PILIN, CSSADSB' 
# 
_entity_poly.entity_id                      1 
_entity_poly.type                           'polypeptide(L)' 
_entity_poly.nstd_linkage                   no 
_entity_poly.nstd_monomer                   no 
_entity_poly.pdbx_seq_one_letter_code       
;RTEPVSTTISKSFFAPEPQIQPSFGKNVGKEGGLLFSVSLTVPENVSQVTVYPVYDEDYGLGRLVNTADDSQSIIYQIVD
DKGRKMLKDHGAEVTPNQQITFRALNYTSGDKEIPPGIYNDQVMVGYYVNDNKQGNWQYKSLDVNVNIE
;
_entity_poly.pdbx_seq_one_letter_code_can   
;RTEPVSTTISKSFFAPEPQIQPSFGKNVGKEGGLLFSVSLTVPENVSQVTVYPVYDEDYGLGRLVNTADDSQSIIYQIVD
DKGRKMLKDHGAEVTPNQQITFRALNYTSGDKEIPPGIYNDQVMVGYYVNDNKQGNWQYKSLDVNVNIE
;
_entity_poly.pdbx_strand_id                 A 
_entity_poly.pdbx_target_identifier         ? 
# 
_pdbx_entity_nonpoly.entity_id   2 
_pdbx_entity_nonpoly.name        water 
_pdbx_entity_nonpoly.comp_id     HOH 
# 
loop_
_entity_poly_seq.entity_id 
_entity_poly_seq.num 
_entity_poly_seq.mon_id 
_entity_poly_seq.hetero 
1 1   ARG n 
1 2   THR n 
1 3   GLU n 
1 4   PRO n 
1 5   VAL n 
1 6   SER n 
1 7   THR n 
1 8   THR n 
1 9   ILE n 
1 10  SER n 
1 11  LYS n 
1 12  SER n 
1 13  PHE n 
1 14  PHE n 
1 15  ALA n 
1 16  PRO n 
1 17  GLU n 
1 18  PRO n 
1 19  GLN n 
1 20  ILE n 
1 21  GLN n 
1 22  PRO n 
1 23  SER n 
1 24  PHE n 
1 25  GLY n 
1 26  LYS n 
1 27  ASN n 
1 28  VAL n 
1 29  GLY n 
1 30  LYS n 
1 31  GLU n 
1 32  GLY n 
1 33  GLY n 
1 34  LEU n 
1 35  LEU n 
1 36  PHE n 
1 37  SER n 
1 38  VAL n 
1 39  SER n 
1 40  LEU n 
1 41  THR n 
1 42  VAL n 
1 43  PRO n 
1 44  GLU n 
1 45  ASN n 
1 46  VAL n 
1 47  SER n 
1 48  GLN n 
1 49  VAL n 
1 50  THR n 
1 51  VAL n 
1 52  TYR n 
1 53  PRO n 
1 54  VAL n 
1 55  TYR n 
1 56  ASP n 
1 57  GLU n 
1 58  ASP n 
1 59  TYR n 
1 60  GLY n 
1 61  LEU n 
1 62  GLY n 
1 63  ARG n 
1 64  LEU n 
1 65  VAL n 
1 66  ASN n 
1 67  THR n 
1 68  ALA n 
1 69  ASP n 
1 70  ASP n 
1 71  SER n 
1 72  GLN n 
1 73  SER n 
1 74  ILE n 
1 75  ILE n 
1 76  TYR n 
1 77  GLN n 
1 78  ILE n 
1 79  VAL n 
1 80  ASP n 
1 81  ASP n 
1 82  LYS n 
1 83  GLY n 
1 84  ARG n 
1 85  LYS n 
1 86  MET n 
1 87  LEU n 
1 88  LYS n 
1 89  ASP n 
1 90  HIS n 
1 91  GLY n 
1 92  ALA n 
1 93  GLU n 
1 94  VAL n 
1 95  THR n 
1 96  PRO n 
1 97  ASN n 
1 98  GLN n 
1 99  GLN n 
1 100 ILE n 
1 101 THR n 
1 102 PHE n 
1 103 ARG n 
1 104 ALA n 
1 105 LEU n 
1 106 ASN n 
1 107 TYR n 
1 108 THR n 
1 109 SER n 
1 110 GLY n 
1 111 ASP n 
1 112 LYS n 
1 113 GLU n 
1 114 ILE n 
1 115 PRO n 
1 116 PRO n 
1 117 GLY n 
1 118 ILE n 
1 119 TYR n 
1 120 ASN n 
1 121 ASP n 
1 122 GLN n 
1 123 VAL n 
1 124 MET n 
1 125 VAL n 
1 126 GLY n 
1 127 TYR n 
1 128 TYR n 
1 129 VAL n 
1 130 ASN n 
1 131 ASP n 
1 132 ASN n 
1 133 LYS n 
1 134 GLN n 
1 135 GLY n 
1 136 ASN n 
1 137 TRP n 
1 138 GLN n 
1 139 TYR n 
1 140 LYS n 
1 141 SER n 
1 142 LEU n 
1 143 ASP n 
1 144 VAL n 
1 145 ASN n 
1 146 VAL n 
1 147 ASN n 
1 148 ILE n 
1 149 GLU n 
# 
_entity_src_gen.entity_id                          1 
_entity_src_gen.pdbx_src_id                        1 
_entity_src_gen.pdbx_alt_source_flag               sample 
_entity_src_gen.pdbx_seq_type                      ? 
_entity_src_gen.pdbx_beg_seq_num                   ? 
_entity_src_gen.pdbx_end_seq_num                   ? 
_entity_src_gen.gene_src_common_name               ? 
_entity_src_gen.gene_src_genus                     ? 
_entity_src_gen.pdbx_gene_src_gene                 ? 
_entity_src_gen.gene_src_species                   ? 
_entity_src_gen.gene_src_strain                    'O167\:H5 / E10703 / EIEC' 
_entity_src_gen.gene_src_tissue                    ? 
_entity_src_gen.gene_src_tissue_fraction           ? 
_entity_src_gen.gene_src_details                   ? 
_entity_src_gen.pdbx_gene_src_fragment             ? 
_entity_src_gen.pdbx_gene_src_scientific_name      'ESCHERICHIA COLI' 
_entity_src_gen.pdbx_gene_src_ncbi_taxonomy_id     562 
_entity_src_gen.pdbx_gene_src_variant              ? 
_entity_src_gen.pdbx_gene_src_cell_line            ? 
_entity_src_gen.pdbx_gene_src_atcc                 ? 
_entity_src_gen.pdbx_gene_src_organ                ? 
_entity_src_gen.pdbx_gene_src_organelle            ? 
_entity_src_gen.pdbx_gene_src_cell                 ? 
_entity_src_gen.pdbx_gene_src_cellular_location    ? 
_entity_src_gen.host_org_common_name               ? 
_entity_src_gen.pdbx_host_org_scientific_name      'ESCHERICHIA COLI' 
_entity_src_gen.pdbx_host_org_ncbi_taxonomy_id     469008 
_entity_src_gen.host_org_genus                     ? 
_entity_src_gen.pdbx_host_org_gene                 ? 
_entity_src_gen.pdbx_host_org_organ                ? 
_entity_src_gen.host_org_species                   ? 
_entity_src_gen.pdbx_host_org_tissue               ? 
_entity_src_gen.pdbx_host_org_tissue_fraction      ? 
_entity_src_gen.pdbx_host_org_strain               'BL21(DE3)' 
_entity_src_gen.pdbx_host_org_variant              ? 
_entity_src_gen.pdbx_host_org_cell_line            ? 
_entity_src_gen.pdbx_host_org_atcc                 ? 
_entity_src_gen.pdbx_host_org_culture_collection   ? 
_entity_src_gen.pdbx_host_org_cell                 ? 
_entity_src_gen.pdbx_host_org_organelle            ? 
_entity_src_gen.pdbx_host_org_cellular_location    ? 
_entity_src_gen.pdbx_host_org_vector_type          PLASMID 
_entity_src_gen.pdbx_host_org_vector               ? 
_entity_src_gen.host_org_details                   ? 
_entity_src_gen.expression_system_id               ? 
_entity_src_gen.plasmid_name                       PET-CSSADSB 
_entity_src_gen.plasmid_details                    ? 
_entity_src_gen.pdbx_description                   ? 
# 
loop_
_chem_comp.id 
_chem_comp.type 
_chem_comp.mon_nstd_flag 
_chem_comp.name 
_chem_comp.pdbx_synonyms 
_chem_comp.formula 
_chem_comp.formula_weight 
ALA 'L-peptide linking' y ALANINE         ? 'C3 H7 N O2'     89.093  
ARG 'L-peptide linking' y ARGININE        ? 'C6 H15 N4 O2 1' 175.209 
ASN 'L-peptide linking' y ASPARAGINE      ? 'C4 H8 N2 O3'    132.118 
ASP 'L-peptide linking' y 'ASPARTIC ACID' ? 'C4 H7 N O4'     133.103 
GLN 'L-peptide linking' y GLUTAMINE       ? 'C5 H10 N2 O3'   146.144 
GLU 'L-peptide linking' y 'GLUTAMIC ACID' ? 'C5 H9 N O4'     147.129 
GLY 'peptide linking'   y GLYCINE         ? 'C2 H5 N O2'     75.067  
HIS 'L-peptide linking' y HISTIDINE       ? 'C6 H10 N3 O2 1' 156.162 
HOH non-polymer         . WATER           ? 'H2 O'           18.015  
ILE 'L-peptide linking' y ISOLEUCINE      ? 'C6 H13 N O2'    131.173 
LEU 'L-peptide linking' y LEUCINE         ? 'C6 H13 N O2'    131.173 
LYS 'L-peptide linking' y LYSINE          ? 'C6 H15 N2 O2 1' 147.195 
MET 'L-peptide linking' y METHIONINE      ? 'C5 H11 N O2 S'  149.211 
PHE 'L-peptide linking' y PHENYLALANINE   ? 'C9 H11 N O2'    165.189 
PRO 'L-peptide linking' y PROLINE         ? 'C5 H9 N O2'     115.130 
SER 'L-peptide linking' y SERINE          ? 'C3 H7 N O3'     105.093 
THR 'L-peptide linking' y THREONINE       ? 'C4 H9 N O3'     119.119 
TRP 'L-peptide linking' y TRYPTOPHAN      ? 'C11 H12 N2 O2'  204.225 
TYR 'L-peptide linking' y TYROSINE        ? 'C9 H11 N O3'    181.189 
VAL 'L-peptide linking' y VALINE          ? 'C5 H11 N O2'    117.146 
# 
loop_
_pdbx_poly_seq_scheme.asym_id 
_pdbx_poly_seq_scheme.entity_id 
_pdbx_poly_seq_scheme.seq_id 
_pdbx_poly_seq_scheme.mon_id 
_pdbx_poly_seq_scheme.ndb_seq_num 
_pdbx_poly_seq_scheme.pdb_seq_num 
_pdbx_poly_seq_scheme.auth_seq_num 
_pdbx_poly_seq_scheme.pdb_mon_id 
_pdbx_poly_seq_scheme.auth_mon_id 
_pdbx_poly_seq_scheme.pdb_strand_id 
_pdbx_poly_seq_scheme.pdb_ins_code 
_pdbx_poly_seq_scheme.hetero 
A 1 1   ARG 1   1   ?   ?   ?   A . n 
A 1 2   THR 2   2   ?   ?   ?   A . n 
A 1 3   GLU 3   3   ?   ?   ?   A . n 
A 1 4   PRO 4   4   ?   ?   ?   A . n 
A 1 5   VAL 5   5   ?   ?   ?   A . n 
A 1 6   SER 6   6   ?   ?   ?   A . n 
A 1 7   THR 7   7   ?   ?   ?   A . n 
A 1 8   THR 8   8   ?   ?   ?   A . n 
A 1 9   ILE 9   9   ?   ?   ?   A . n 
A 1 10  SER 10  10  ?   ?   ?   A . n 
A 1 11  LYS 11  11  ?   ?   ?   A . n 
A 1 12  SER 12  12  ?   ?   ?   A . n 
A 1 13  PHE 13  13  13  PHE PHE A . n 
A 1 14  PHE 14  14  14  PHE PHE A . n 
A 1 15  ALA 15  15  15  ALA ALA A . n 
A 1 16  PRO 16  16  16  PRO PRO A . n 
A 1 17  GLU 17  17  17  GLU GLU A . n 
A 1 18  PRO 18  18  18  PRO PRO A . n 
A 1 19  GLN 19  19  19  GLN GLN A . n 
A 1 20  ILE 20  20  20  ILE ILE A . n 
A 1 21  GLN 21  21  21  GLN GLN A . n 
A 1 22  PRO 22  22  22  PRO PRO A . n 
A 1 23  SER 23  23  23  SER SER A . n 
A 1 24  PHE 24  24  24  PHE PHE A . n 
A 1 25  GLY 25  25  ?   ?   ?   A . n 
A 1 26  LYS 26  26  ?   ?   ?   A . n 
A 1 27  ASN 27  27  ?   ?   ?   A . n 
A 1 28  VAL 28  28  28  VAL VAL A . n 
A 1 29  GLY 29  29  29  GLY GLY A . n 
A 1 30  LYS 30  30  30  LYS LYS A . n 
A 1 31  GLU 31  31  31  GLU GLU A . n 
A 1 32  GLY 32  32  32  GLY GLY A . n 
A 1 33  GLY 33  33  33  GLY GLY A . n 
A 1 34  LEU 34  34  34  LEU LEU A . n 
A 1 35  LEU 35  35  35  LEU LEU A . n 
A 1 36  PHE 36  36  36  PHE PHE A . n 
A 1 37  SER 37  37  37  SER SER A . n 
A 1 38  VAL 38  38  38  VAL VAL A . n 
A 1 39  SER 39  39  39  SER SER A . n 
A 1 40  LEU 40  40  40  LEU LEU A . n 
A 1 41  THR 41  41  41  THR THR A . n 
A 1 42  VAL 42  42  42  VAL VAL A . n 
A 1 43  PRO 43  43  43  PRO PRO A . n 
A 1 44  GLU 44  44  44  GLU GLU A . n 
A 1 45  ASN 45  45  45  ASN ASN A . n 
A 1 46  VAL 46  46  46  VAL VAL A . n 
A 1 47  SER 47  47  47  SER SER A . n 
A 1 48  GLN 48  48  48  GLN GLN A . n 
A 1 49  VAL 49  49  49  VAL VAL A . n 
A 1 50  THR 50  50  50  THR THR A . n 
A 1 51  VAL 51  51  51  VAL VAL A . n 
A 1 52  TYR 52  52  52  TYR TYR A . n 
A 1 53  PRO 53  53  53  PRO PRO A . n 
A 1 54  VAL 54  54  54  VAL VAL A . n 
A 1 55  TYR 55  55  55  TYR TYR A . n 
A 1 56  ASP 56  56  56  ASP ASP A . n 
A 1 57  GLU 57  57  57  GLU GLU A . n 
A 1 58  ASP 58  58  58  ASP ASP A . n 
A 1 59  TYR 59  59  59  TYR TYR A . n 
A 1 60  GLY 60  60  60  GLY GLY A . n 
A 1 61  LEU 61  61  61  LEU LEU A . n 
A 1 62  GLY 62  62  62  GLY GLY A . n 
A 1 63  ARG 63  63  63  ARG ARG A . n 
A 1 64  LEU 64  64  64  LEU LEU A . n 
A 1 65  VAL 65  65  65  VAL VAL A . n 
A 1 66  ASN 66  66  66  ASN ASN A . n 
A 1 67  THR 67  67  67  THR THR A . n 
A 1 68  ALA 68  68  68  ALA ALA A . n 
A 1 69  ASP 69  69  69  ASP ASP A . n 
A 1 70  ASP 70  70  70  ASP ASP A . n 
A 1 71  SER 71  71  71  SER SER A . n 
A 1 72  GLN 72  72  72  GLN GLN A . n 
A 1 73  SER 73  73  73  SER SER A . n 
A 1 74  ILE 74  74  74  ILE ILE A . n 
A 1 75  ILE 75  75  75  ILE ILE A . n 
A 1 76  TYR 76  76  76  TYR TYR A . n 
A 1 77  GLN 77  77  77  GLN GLN A . n 
A 1 78  ILE 78  78  78  ILE ILE A . n 
A 1 79  VAL 79  79  79  VAL VAL A . n 
A 1 80  ASP 80  80  80  ASP ASP A . n 
A 1 81  ASP 81  81  81  ASP ASP A . n 
A 1 82  LYS 82  82  82  LYS LYS A . n 
A 1 83  GLY 83  83  83  GLY GLY A . n 
A 1 84  ARG 84  84  84  ARG ARG A . n 
A 1 85  LYS 85  85  85  LYS LYS A . n 
A 1 86  MET 86  86  86  MET MET A . n 
A 1 87  LEU 87  87  87  LEU LEU A . n 
A 1 88  LYS 88  88  88  LYS LYS A . n 
A 1 89  ASP 89  89  89  ASP ASP A . n 
A 1 90  HIS 90  90  90  HIS HIS A . n 
A 1 91  GLY 91  91  91  GLY GLY A . n 
A 1 92  ALA 92  92  92  ALA ALA A . n 
A 1 93  GLU 93  93  93  GLU GLU A . n 
A 1 94  VAL 94  94  94  VAL VAL A . n 
A 1 95  THR 95  95  95  THR THR A . n 
A 1 96  PRO 96  96  96  PRO PRO A . n 
A 1 97  ASN 97  97  97  ASN ASN A . n 
A 1 98  GLN 98  98  98  GLN GLN A . n 
A 1 99  GLN 99  99  99  GLN GLN A . n 
A 1 100 ILE 100 100 100 ILE ILE A . n 
A 1 101 THR 101 101 101 THR THR A . n 
A 1 102 PHE 102 102 102 PHE PHE A . n 
A 1 103 ARG 103 103 103 ARG ARG A . n 
A 1 104 ALA 104 104 104 ALA ALA A . n 
A 1 105 LEU 105 105 105 LEU LEU A . n 
A 1 106 ASN 106 106 106 ASN ASN A . n 
A 1 107 TYR 107 107 107 TYR TYR A . n 
A 1 108 THR 108 108 108 THR THR A . n 
A 1 109 SER 109 109 109 SER SER A . n 
A 1 110 GLY 110 110 110 GLY GLY A . n 
A 1 111 ASP 111 111 ?   ?   ?   A . n 
A 1 112 LYS 112 112 ?   ?   ?   A . n 
A 1 113 GLU 113 113 ?   ?   ?   A . n 
A 1 114 ILE 114 114 114 ILE ILE A . n 
A 1 115 PRO 115 115 115 PRO PRO A . n 
A 1 116 PRO 116 116 116 PRO PRO A . n 
A 1 117 GLY 117 117 117 GLY GLY A . n 
A 1 118 ILE 118 118 118 ILE ILE A . n 
A 1 119 TYR 119 119 119 TYR TYR A . n 
A 1 120 ASN 120 120 120 ASN ASN A . n 
A 1 121 ASP 121 121 121 ASP ASP A . n 
A 1 122 GLN 122 122 122 GLN GLN A . n 
A 1 123 VAL 123 123 123 VAL VAL A . n 
A 1 124 MET 124 124 124 MET MET A . n 
A 1 125 VAL 125 125 125 VAL VAL A . n 
A 1 126 GLY 126 126 126 GLY GLY A . n 
A 1 127 TYR 127 127 127 TYR TYR A . n 
A 1 128 TYR 128 128 128 TYR TYR A . n 
A 1 129 VAL 129 129 129 VAL VAL A . n 
A 1 130 ASN 130 130 ?   ?   ?   A . n 
A 1 131 ASP 131 131 ?   ?   ?   A . n 
A 1 132 ASN 132 132 ?   ?   ?   A . n 
A 1 133 LYS 133 133 ?   ?   ?   A . n 
A 1 134 GLN 134 134 ?   ?   ?   A . n 
A 1 135 GLY 135 135 ?   ?   ?   A . n 
A 1 136 ASN 136 136 136 ASN ASN A . n 
A 1 137 TRP 137 137 137 TRP TRP A . n 
A 1 138 GLN 138 138 138 GLN GLN A . n 
A 1 139 TYR 139 139 139 TYR TYR A . n 
A 1 140 LYS 140 140 140 LYS LYS A . n 
A 1 141 SER 141 141 141 SER SER A . n 
A 1 142 LEU 142 142 142 LEU LEU A . n 
A 1 143 ASP 143 143 143 ASP ASP A . n 
A 1 144 VAL 144 144 144 VAL VAL A . n 
A 1 145 ASN 145 145 145 ASN ASN A . n 
A 1 146 VAL 146 146 146 VAL VAL A . n 
A 1 147 ASN 147 147 147 ASN ASN A . n 
A 1 148 ILE 148 148 148 ILE ILE A . n 
A 1 149 GLU 149 149 149 GLU GLU A . n 
# 
loop_
_pdbx_nonpoly_scheme.asym_id 
_pdbx_nonpoly_scheme.entity_id 
_pdbx_nonpoly_scheme.mon_id 
_pdbx_nonpoly_scheme.ndb_seq_num 
_pdbx_nonpoly_scheme.pdb_seq_num 
_pdbx_nonpoly_scheme.auth_seq_num 
_pdbx_nonpoly_scheme.pdb_mon_id 
_pdbx_nonpoly_scheme.auth_mon_id 
_pdbx_nonpoly_scheme.pdb_strand_id 
_pdbx_nonpoly_scheme.pdb_ins_code 
B 2 HOH 1   2001 2001 HOH HOH A . 
B 2 HOH 2   2002 2002 HOH HOH A . 
B 2 HOH 3   2003 2003 HOH HOH A . 
B 2 HOH 4   2004 2004 HOH HOH A . 
B 2 HOH 5   2005 2005 HOH HOH A . 
B 2 HOH 6   2006 2006 HOH HOH A . 
B 2 HOH 7   2007 2007 HOH HOH A . 
B 2 HOH 8   2008 2008 HOH HOH A . 
B 2 HOH 9   2009 2009 HOH HOH A . 
B 2 HOH 10  2010 2010 HOH HOH A . 
B 2 HOH 11  2011 2011 HOH HOH A . 
B 2 HOH 12  2012 2012 HOH HOH A . 
B 2 HOH 13  2013 2013 HOH HOH A . 
B 2 HOH 14  2014 2014 HOH HOH A . 
B 2 HOH 15  2015 2015 HOH HOH A . 
B 2 HOH 16  2016 2016 HOH HOH A . 
B 2 HOH 17  2017 2017 HOH HOH A . 
B 2 HOH 18  2018 2018 HOH HOH A . 
B 2 HOH 19  2019 2019 HOH HOH A . 
B 2 HOH 20  2020 2020 HOH HOH A . 
B 2 HOH 21  2021 2021 HOH HOH A . 
B 2 HOH 22  2022 2022 HOH HOH A . 
B 2 HOH 23  2023 2023 HOH HOH A . 
B 2 HOH 24  2024 2024 HOH HOH A . 
B 2 HOH 25  2025 2025 HOH HOH A . 
B 2 HOH 26  2026 2026 HOH HOH A . 
B 2 HOH 27  2027 2027 HOH HOH A . 
B 2 HOH 28  2028 2028 HOH HOH A . 
B 2 HOH 29  2029 2029 HOH HOH A . 
B 2 HOH 30  2030 2030 HOH HOH A . 
B 2 HOH 31  2031 2031 HOH HOH A . 
B 2 HOH 32  2032 2032 HOH HOH A . 
B 2 HOH 33  2033 2033 HOH HOH A . 
B 2 HOH 34  2034 2034 HOH HOH A . 
B 2 HOH 35  2035 2035 HOH HOH A . 
B 2 HOH 36  2036 2036 HOH HOH A . 
B 2 HOH 37  2037 2037 HOH HOH A . 
B 2 HOH 38  2038 2038 HOH HOH A . 
B 2 HOH 39  2039 2039 HOH HOH A . 
B 2 HOH 40  2040 2040 HOH HOH A . 
B 2 HOH 41  2041 2041 HOH HOH A . 
B 2 HOH 42  2042 2042 HOH HOH A . 
B 2 HOH 43  2043 2043 HOH HOH A . 
B 2 HOH 44  2044 2044 HOH HOH A . 
B 2 HOH 45  2045 2045 HOH HOH A . 
B 2 HOH 46  2046 2046 HOH HOH A . 
B 2 HOH 47  2047 2047 HOH HOH A . 
B 2 HOH 48  2048 2048 HOH HOH A . 
B 2 HOH 49  2049 2049 HOH HOH A . 
B 2 HOH 50  2050 2050 HOH HOH A . 
B 2 HOH 51  2051 2051 HOH HOH A . 
B 2 HOH 52  2052 2052 HOH HOH A . 
B 2 HOH 53  2053 2053 HOH HOH A . 
B 2 HOH 54  2054 2054 HOH HOH A . 
B 2 HOH 55  2055 2055 HOH HOH A . 
B 2 HOH 56  2056 2056 HOH HOH A . 
B 2 HOH 57  2057 2057 HOH HOH A . 
B 2 HOH 58  2058 2058 HOH HOH A . 
B 2 HOH 59  2059 2059 HOH HOH A . 
B 2 HOH 60  2060 2060 HOH HOH A . 
B 2 HOH 61  2061 2061 HOH HOH A . 
B 2 HOH 62  2062 2062 HOH HOH A . 
B 2 HOH 63  2063 2063 HOH HOH A . 
B 2 HOH 64  2064 2064 HOH HOH A . 
B 2 HOH 65  2065 2065 HOH HOH A . 
B 2 HOH 66  2066 2066 HOH HOH A . 
B 2 HOH 67  2067 2067 HOH HOH A . 
B 2 HOH 68  2068 2068 HOH HOH A . 
B 2 HOH 69  2069 2069 HOH HOH A . 
B 2 HOH 70  2070 2070 HOH HOH A . 
B 2 HOH 71  2071 2071 HOH HOH A . 
B 2 HOH 72  2072 2072 HOH HOH A . 
B 2 HOH 73  2073 2073 HOH HOH A . 
B 2 HOH 74  2074 2074 HOH HOH A . 
B 2 HOH 75  2075 2075 HOH HOH A . 
B 2 HOH 76  2076 2076 HOH HOH A . 
B 2 HOH 77  2077 2077 HOH HOH A . 
B 2 HOH 78  2078 2078 HOH HOH A . 
B 2 HOH 79  2079 2079 HOH HOH A . 
B 2 HOH 80  2080 2080 HOH HOH A . 
B 2 HOH 81  2081 2081 HOH HOH A . 
B 2 HOH 82  2082 2082 HOH HOH A . 
B 2 HOH 83  2083 2083 HOH HOH A . 
B 2 HOH 84  2084 2084 HOH HOH A . 
B 2 HOH 85  2085 2085 HOH HOH A . 
B 2 HOH 86  2086 2086 HOH HOH A . 
B 2 HOH 87  2087 2087 HOH HOH A . 
B 2 HOH 88  2088 2088 HOH HOH A . 
B 2 HOH 89  2089 2089 HOH HOH A . 
B 2 HOH 90  2090 2090 HOH HOH A . 
B 2 HOH 91  2091 2091 HOH HOH A . 
B 2 HOH 92  2092 2092 HOH HOH A . 
B 2 HOH 93  2093 2093 HOH HOH A . 
B 2 HOH 94  2094 2094 HOH HOH A . 
B 2 HOH 95  2095 2095 HOH HOH A . 
B 2 HOH 96  2096 2096 HOH HOH A . 
B 2 HOH 97  2097 2097 HOH HOH A . 
B 2 HOH 98  2098 2098 HOH HOH A . 
B 2 HOH 99  2099 2099 HOH HOH A . 
B 2 HOH 100 2100 2100 HOH HOH A . 
B 2 HOH 101 2101 2101 HOH HOH A . 
B 2 HOH 102 2102 2102 HOH HOH A . 
B 2 HOH 103 2103 2103 HOH HOH A . 
B 2 HOH 104 2104 2104 HOH HOH A . 
B 2 HOH 105 2105 2105 HOH HOH A . 
B 2 HOH 106 2106 2106 HOH HOH A . 
B 2 HOH 107 2107 2107 HOH HOH A . 
B 2 HOH 108 2108 2108 HOH HOH A . 
B 2 HOH 109 2109 2109 HOH HOH A . 
B 2 HOH 110 2110 2110 HOH HOH A . 
B 2 HOH 111 2111 2111 HOH HOH A . 
B 2 HOH 112 2112 2112 HOH HOH A . 
B 2 HOH 113 2113 2113 HOH HOH A . 
B 2 HOH 114 2114 2114 HOH HOH A . 
B 2 HOH 115 2115 2115 HOH HOH A . 
B 2 HOH 116 2116 2116 HOH HOH A . 
B 2 HOH 117 2117 2117 HOH HOH A . 
B 2 HOH 118 2118 2118 HOH HOH A . 
B 2 HOH 119 2119 2119 HOH HOH A . 
B 2 HOH 120 2120 2120 HOH HOH A . 
B 2 HOH 121 2121 2121 HOH HOH A . 
B 2 HOH 122 2122 2122 HOH HOH A . 
B 2 HOH 123 2123 2123 HOH HOH A . 
B 2 HOH 124 2124 2124 HOH HOH A . 
B 2 HOH 125 2125 2125 HOH HOH A . 
B 2 HOH 126 2126 2126 HOH HOH A . 
B 2 HOH 127 2127 2127 HOH HOH A . 
B 2 HOH 128 2128 2128 HOH HOH A . 
B 2 HOH 129 2129 2129 HOH HOH A . 
B 2 HOH 130 2130 2130 HOH HOH A . 
B 2 HOH 131 2131 2131 HOH HOH A . 
B 2 HOH 132 2132 2132 HOH HOH A . 
B 2 HOH 133 2133 2133 HOH HOH A . 
B 2 HOH 134 2134 2134 HOH HOH A . 
B 2 HOH 135 2135 2135 HOH HOH A . 
B 2 HOH 136 2136 2136 HOH HOH A . 
B 2 HOH 137 2137 2137 HOH HOH A . 
B 2 HOH 138 2138 2138 HOH HOH A . 
B 2 HOH 139 2139 2139 HOH HOH A . 
# 
loop_
_pdbx_unobs_or_zero_occ_atoms.id 
_pdbx_unobs_or_zero_occ_atoms.PDB_model_num 
_pdbx_unobs_or_zero_occ_atoms.polymer_flag 
_pdbx_unobs_or_zero_occ_atoms.occupancy_flag 
_pdbx_unobs_or_zero_occ_atoms.auth_asym_id 
_pdbx_unobs_or_zero_occ_atoms.auth_comp_id 
_pdbx_unobs_or_zero_occ_atoms.auth_seq_id 
_pdbx_unobs_or_zero_occ_atoms.PDB_ins_code 
_pdbx_unobs_or_zero_occ_atoms.auth_atom_id 
_pdbx_unobs_or_zero_occ_atoms.label_alt_id 
_pdbx_unobs_or_zero_occ_atoms.label_asym_id 
_pdbx_unobs_or_zero_occ_atoms.label_comp_id 
_pdbx_unobs_or_zero_occ_atoms.label_seq_id 
_pdbx_unobs_or_zero_occ_atoms.label_atom_id 
1 1 Y 1 A ARG 84 ? CG  ? A ARG 84 CG  
2 1 Y 1 A ARG 84 ? CD  ? A ARG 84 CD  
3 1 Y 1 A ARG 84 ? NE  ? A ARG 84 NE  
4 1 Y 1 A ARG 84 ? CZ  ? A ARG 84 CZ  
5 1 Y 1 A ARG 84 ? NH1 ? A ARG 84 NH1 
6 1 Y 1 A ARG 84 ? NH2 ? A ARG 84 NH2 
# 
loop_
_software.name 
_software.classification 
_software.version 
_software.citation_id 
_software.pdbx_ordinal 
PHENIX refinement       '(PHENIX.REFINE)' ? 1 
MOSFLM 'data reduction' .                 ? 2 
SCALA  'data scaling'   .                 ? 3 
PHENIX phasing          .                 ? 4 
# 
_cell.entry_id           4B9I 
_cell.length_a           44.455 
_cell.length_b           49.150 
_cell.length_c           56.730 
_cell.angle_alpha        90.00 
_cell.angle_beta         90.00 
_cell.angle_gamma        90.00 
_cell.Z_PDB              4 
_cell.pdbx_unique_axis   ? 
# 
_symmetry.entry_id                         4B9I 
_symmetry.space_group_name_H-M             'P 21 21 2' 
_symmetry.pdbx_full_space_group_name_H-M   ? 
_symmetry.cell_setting                     ? 
_symmetry.Int_Tables_number                18 
# 
_exptl.entry_id          4B9I 
_exptl.method            'X-RAY DIFFRACTION' 
_exptl.crystals_number   1 
# 
_exptl_crystal.id                    1 
_exptl_crystal.density_meas          ? 
_exptl_crystal.density_Matthews      1.85 
_exptl_crystal.density_percent_sol   33.49 
_exptl_crystal.description           NONE 
# 
_exptl_crystal_grow.crystal_id      1 
_exptl_crystal_grow.method          ? 
_exptl_crystal_grow.temp            ? 
_exptl_crystal_grow.temp_details    ? 
_exptl_crystal_grow.pH              4.6 
_exptl_crystal_grow.pdbx_pH_range   ? 
_exptl_crystal_grow.pdbx_details    '24-30 % PEG4000 IN 0.2 M AMMONIUM ACETATE, 0.1 M NA ACETATE, PH 4.6' 
# 
_diffrn.id                     1 
_diffrn.ambient_temp           287 
_diffrn.ambient_temp_details   ? 
_diffrn.crystal_id             1 
# 
_diffrn_detector.diffrn_id              1 
_diffrn_detector.detector               CCD 
_diffrn_detector.type                   MARRESEARCH 
_diffrn_detector.pdbx_collection_date   2011-02-24 
_diffrn_detector.details                'BAND PASS 1.9X10-4 FOR A SI(111) MONOCHROMATOR' 
# 
_diffrn_radiation.diffrn_id                        1 
_diffrn_radiation.wavelength_id                    1 
_diffrn_radiation.pdbx_monochromatic_or_laue_m_l   M 
_diffrn_radiation.monochromator                    'SI(111) MONOCHROMATOR' 
_diffrn_radiation.pdbx_diffrn_protocol             'SINGLE WAVELENGTH' 
_diffrn_radiation.pdbx_scattering_type             x-ray 
# 
_diffrn_radiation_wavelength.id           1 
_diffrn_radiation_wavelength.wavelength   0.87260 
_diffrn_radiation_wavelength.wt           1.0 
# 
_diffrn_source.diffrn_id                   1 
_diffrn_source.source                      SYNCHROTRON 
_diffrn_source.type                        'ESRF BEAMLINE BM14' 
_diffrn_source.pdbx_synchrotron_site       ESRF 
_diffrn_source.pdbx_synchrotron_beamline   BM14 
_diffrn_source.pdbx_wavelength             0.87260 
_diffrn_source.pdbx_wavelength_list        ? 
# 
_reflns.pdbx_diffrn_id               1 
_reflns.pdbx_ordinal                 1 
_reflns.entry_id                     4B9I 
_reflns.observed_criterion_sigma_I   2.0 
_reflns.observed_criterion_sigma_F   ? 
_reflns.d_resolution_low             44.43 
_reflns.d_resolution_high            1.50 
_reflns.number_obs                   20523 
_reflns.number_all                   ? 
_reflns.percent_possible_obs         100.0 
_reflns.pdbx_Rmerge_I_obs            0.06 
_reflns.pdbx_Rsym_value              ? 
_reflns.pdbx_netI_over_sigmaI        13.50 
_reflns.B_iso_Wilson_estimate        16.163 
_reflns.pdbx_redundancy              4.5 
# 
_reflns_shell.pdbx_diffrn_id         1 
_reflns_shell.pdbx_ordinal           1 
_reflns_shell.d_res_high             1.50 
_reflns_shell.d_res_low              1.58 
_reflns_shell.percent_possible_all   100.0 
_reflns_shell.Rmerge_I_obs           0.43 
_reflns_shell.pdbx_Rsym_value        ? 
_reflns_shell.meanI_over_sigI_obs    3.20 
_reflns_shell.pdbx_redundancy        4 
# 
_refine.pdbx_refine_id                           'X-RAY DIFFRACTION' 
_refine.entry_id                                 4B9I 
_refine.pdbx_diffrn_id                           1 
_refine.pdbx_TLS_residual_ADP_flag               ? 
_refine.ls_number_reflns_obs                     19987 
_refine.ls_number_reflns_all                     ? 
_refine.pdbx_ls_sigma_I                          ? 
_refine.pdbx_ls_sigma_F                          0.00 
_refine.pdbx_data_cutoff_high_absF               ? 
_refine.pdbx_data_cutoff_low_absF                ? 
_refine.pdbx_data_cutoff_high_rms_absF           ? 
_refine.ls_d_res_low                             34.991 
_refine.ls_d_res_high                            1.500 
_refine.ls_percent_reflns_obs                    97.39 
_refine.ls_R_factor_obs                          0.2100 
_refine.ls_R_factor_all                          ? 
_refine.ls_R_factor_R_work                       0.2089 
_refine.ls_R_factor_R_free                       0.2291 
_refine.ls_R_factor_R_free_error                 ? 
_refine.ls_R_factor_R_free_error_details         ? 
_refine.ls_percent_reflns_R_free                 5.2 
_refine.ls_number_reflns_R_free                  1035 
_refine.ls_number_parameters                     ? 
_refine.ls_number_restraints                     ? 
_refine.occupancy_min                            ? 
_refine.occupancy_max                            ? 
_refine.correlation_coeff_Fo_to_Fc               ? 
_refine.correlation_coeff_Fo_to_Fc_free          ? 
_refine.B_iso_mean                               ? 
_refine.aniso_B[1][1]                            -1.1783 
_refine.aniso_B[2][2]                            0.1985 
_refine.aniso_B[3][3]                            0.9798 
_refine.aniso_B[1][2]                            0.0000 
_refine.aniso_B[1][3]                            0.0000 
_refine.aniso_B[2][3]                            0.0000 
_refine.solvent_model_details                    'FLAT BULK SOLVENT MODEL' 
_refine.solvent_model_param_ksol                 0.359 
_refine.solvent_model_param_bsol                 38.893 
_refine.pdbx_solvent_vdw_probe_radii             1.00 
_refine.pdbx_solvent_ion_probe_radii             ? 
_refine.pdbx_solvent_shrinkage_radii             0.72 
_refine.pdbx_ls_cross_valid_method               ? 
_refine.details                                  ? 
_refine.pdbx_starting_model                      NONE 
_refine.pdbx_method_to_determine_struct          SAD 
_refine.pdbx_isotropic_thermal_model             ? 
_refine.pdbx_stereochemistry_target_values       ML 
_refine.pdbx_stereochem_target_val_spec_case     ? 
_refine.pdbx_R_Free_selection_details            ? 
_refine.pdbx_overall_ESU_R                       ? 
_refine.pdbx_overall_ESU_R_Free                  ? 
_refine.overall_SU_ML                            0.18 
_refine.pdbx_overall_phase_error                 20.52 
_refine.overall_SU_B                             ? 
_refine.overall_SU_R_Cruickshank_DPI             ? 
_refine.pdbx_overall_SU_R_free_Cruickshank_DPI   ? 
_refine.pdbx_overall_SU_R_Blow_DPI               ? 
_refine.pdbx_overall_SU_R_free_Blow_DPI          ? 
# 
_refine_hist.pdbx_refine_id                   'X-RAY DIFFRACTION' 
_refine_hist.cycle_id                         LAST 
_refine_hist.pdbx_number_atoms_protein        986 
_refine_hist.pdbx_number_atoms_nucleic_acid   0 
_refine_hist.pdbx_number_atoms_ligand         0 
_refine_hist.number_atoms_solvent             139 
_refine_hist.number_atoms_total               1125 
_refine_hist.d_res_high                       1.500 
_refine_hist.d_res_low                        34.991 
# 
loop_
_refine_ls_restr.type 
_refine_ls_restr.dev_ideal 
_refine_ls_restr.dev_ideal_target 
_refine_ls_restr.weight 
_refine_ls_restr.number 
_refine_ls_restr.pdbx_refine_id 
_refine_ls_restr.pdbx_restraint_function 
f_bond_d           0.007  ? ? 1007 'X-RAY DIFFRACTION' ? 
f_angle_d          1.073  ? ? 1371 'X-RAY DIFFRACTION' ? 
f_dihedral_angle_d 13.857 ? ? 363  'X-RAY DIFFRACTION' ? 
f_chiral_restr     0.072  ? ? 152  'X-RAY DIFFRACTION' ? 
f_plane_restr      0.005  ? ? 180  'X-RAY DIFFRACTION' ? 
# 
loop_
_refine_ls_shell.pdbx_refine_id 
_refine_ls_shell.pdbx_total_number_of_bins_used 
_refine_ls_shell.d_res_high 
_refine_ls_shell.d_res_low 
_refine_ls_shell.number_reflns_R_work 
_refine_ls_shell.R_factor_R_work 
_refine_ls_shell.percent_reflns_obs 
_refine_ls_shell.R_factor_R_free 
_refine_ls_shell.R_factor_R_free_error 
_refine_ls_shell.percent_reflns_R_free 
_refine_ls_shell.number_reflns_R_free 
_refine_ls_shell.number_reflns_all 
_refine_ls_shell.R_factor_all 
'X-RAY DIFFRACTION' . 1.5002 1.5793  2497 0.2531 92.00  0.2828 . . 158 . . 
'X-RAY DIFFRACTION' . 1.5793 1.6783  2584 0.2367 95.00  0.3068 . . 143 . . 
'X-RAY DIFFRACTION' . 1.6783 1.8078  2646 0.2178 97.00  0.2551 . . 139 . . 
'X-RAY DIFFRACTION' . 1.8078 1.9898  2723 0.2044 99.00  0.2237 . . 144 . . 
'X-RAY DIFFRACTION' . 1.9898 2.2776  2760 0.1992 100.00 0.2187 . . 156 . . 
'X-RAY DIFFRACTION' . 2.2776 2.8694  2789 0.2111 100.00 0.2385 . . 158 . . 
'X-RAY DIFFRACTION' . 2.8694 35.0008 2953 0.2020 100.00 0.2056 . . 137 . . 
# 
_struct.entry_id                  4B9I 
_struct.title                     
;Structure of CssA subunit complemented with donor strand from CssB subunit of enterotoxigenic Escherichia coli colonization factor CS6
;
_struct.pdbx_model_details        ? 
_struct.pdbx_CASP_flag            ? 
_struct.pdbx_model_type_details   ? 
# 
_struct_keywords.entry_id        4B9I 
_struct_keywords.pdbx_keywords   'CELL ADHESION' 
_struct_keywords.text            'CELL ADHESION, DIARRHEAL DISEASE, FIMBRIAE, FUSION PROTEIN' 
# 
loop_
_struct_asym.id 
_struct_asym.pdbx_blank_PDB_chainid_flag 
_struct_asym.pdbx_modified 
_struct_asym.entity_id 
_struct_asym.details 
A N N 1 ? 
B N N 2 ? 
# 
loop_
_struct_ref.id 
_struct_ref.db_name 
_struct_ref.db_code 
_struct_ref.entity_id 
_struct_ref.pdbx_seq_one_letter_code 
_struct_ref.pdbx_align_begin 
_struct_ref.pdbx_db_accession 
_struct_ref.pdbx_db_isoform 
1 UNP CSSA1_ECOLX 1 ? ? P53508 ? 
2 UNP CSSB1_ECOLX 1 ? ? P53510 ? 
# 
loop_
_struct_ref_seq.align_id 
_struct_ref_seq.ref_id 
_struct_ref_seq.pdbx_PDB_id_code 
_struct_ref_seq.pdbx_strand_id 
_struct_ref_seq.seq_align_beg 
_struct_ref_seq.pdbx_seq_align_beg_ins_code 
_struct_ref_seq.seq_align_end 
_struct_ref_seq.pdbx_seq_align_end_ins_code 
_struct_ref_seq.pdbx_db_accession 
_struct_ref_seq.db_align_beg 
_struct_ref_seq.pdbx_db_align_beg_ins_code 
_struct_ref_seq.db_align_end 
_struct_ref_seq.pdbx_db_align_end_ins_code 
_struct_ref_seq.pdbx_auth_seq_align_beg 
_struct_ref_seq.pdbx_auth_seq_align_end 
1 1 4B9I A 4   ? 130 ? P53508 28 ? 154 ? 4   130 
2 2 4B9I A 135 ? 149 ? P53510 22 ? 36  ? 135 149 
# 
loop_
_struct_ref_seq_dif.align_id 
_struct_ref_seq_dif.pdbx_pdb_id_code 
_struct_ref_seq_dif.mon_id 
_struct_ref_seq_dif.pdbx_pdb_strand_id 
_struct_ref_seq_dif.seq_num 
_struct_ref_seq_dif.pdbx_pdb_ins_code 
_struct_ref_seq_dif.pdbx_seq_db_name 
_struct_ref_seq_dif.pdbx_seq_db_accession_code 
_struct_ref_seq_dif.db_mon_id 
_struct_ref_seq_dif.pdbx_seq_db_seq_num 
_struct_ref_seq_dif.details 
_struct_ref_seq_dif.pdbx_auth_seq_num 
_struct_ref_seq_dif.pdbx_ordinal 
1 4B9I ARG A 1   ? UNP P53508 ? ? 'expression tag' 1   1 
1 4B9I THR A 2   ? UNP P53508 ? ? 'expression tag' 2   2 
1 4B9I GLU A 3   ? UNP P53508 ? ? 'expression tag' 3   3 
1 4B9I ASP A 131 ? UNP P53508 ? ? linker           131 4 
1 4B9I ASN A 132 ? UNP P53508 ? ? linker           132 5 
1 4B9I LYS A 133 ? UNP P53508 ? ? linker           133 6 
1 4B9I GLN A 134 ? UNP P53508 ? ? linker           134 7 
# 
_pdbx_struct_assembly.id                   1 
_pdbx_struct_assembly.details              author_and_software_defined_assembly 
_pdbx_struct_assembly.method_details       PISA 
_pdbx_struct_assembly.oligomeric_details   monomeric 
_pdbx_struct_assembly.oligomeric_count     1 
# 
_pdbx_struct_assembly_gen.assembly_id       1 
_pdbx_struct_assembly_gen.oper_expression   1 
_pdbx_struct_assembly_gen.asym_id_list      A,B 
# 
_pdbx_struct_oper_list.id                   1 
_pdbx_struct_oper_list.type                 'identity operation' 
_pdbx_struct_oper_list.name                 1_555 
_pdbx_struct_oper_list.symmetry_operation   x,y,z 
_pdbx_struct_oper_list.matrix[1][1]         1.0000000000 
_pdbx_struct_oper_list.matrix[1][2]         0.0000000000 
_pdbx_struct_oper_list.matrix[1][3]         0.0000000000 
_pdbx_struct_oper_list.vector[1]            0.0000000000 
_pdbx_struct_oper_list.matrix[2][1]         0.0000000000 
_pdbx_struct_oper_list.matrix[2][2]         1.0000000000 
_pdbx_struct_oper_list.matrix[2][3]         0.0000000000 
_pdbx_struct_oper_list.vector[2]            0.0000000000 
_pdbx_struct_oper_list.matrix[3][1]         0.0000000000 
_pdbx_struct_oper_list.matrix[3][2]         0.0000000000 
_pdbx_struct_oper_list.matrix[3][3]         1.0000000000 
_pdbx_struct_oper_list.vector[3]            0.0000000000 
# 
_struct_biol.id   1 
# 
loop_
_struct_sheet.id 
_struct_sheet.type 
_struct_sheet.number_strands 
_struct_sheet.details 
AA ? 7 ? 
AB ? 8 ? 
AC ? 2 ? 
# 
loop_
_struct_sheet_order.sheet_id 
_struct_sheet_order.range_id_1 
_struct_sheet_order.range_id_2 
_struct_sheet_order.offset 
_struct_sheet_order.sense 
AA 1 2 ? anti-parallel 
AA 2 3 ? anti-parallel 
AA 3 4 ? anti-parallel 
AA 4 5 ? anti-parallel 
AA 5 6 ? anti-parallel 
AA 6 7 ? anti-parallel 
AB 1 2 ? anti-parallel 
AB 2 3 ? anti-parallel 
AB 3 4 ? anti-parallel 
AB 4 5 ? anti-parallel 
AB 5 6 ? anti-parallel 
AB 6 7 ? parallel      
AB 7 8 ? anti-parallel 
AC 1 2 ? anti-parallel 
# 
loop_
_struct_sheet_range.sheet_id 
_struct_sheet_range.id 
_struct_sheet_range.beg_label_comp_id 
_struct_sheet_range.beg_label_asym_id 
_struct_sheet_range.beg_label_seq_id 
_struct_sheet_range.pdbx_beg_PDB_ins_code 
_struct_sheet_range.end_label_comp_id 
_struct_sheet_range.end_label_asym_id 
_struct_sheet_range.end_label_seq_id 
_struct_sheet_range.pdbx_end_PDB_ins_code 
_struct_sheet_range.beg_auth_comp_id 
_struct_sheet_range.beg_auth_asym_id 
_struct_sheet_range.beg_auth_seq_id 
_struct_sheet_range.end_auth_comp_id 
_struct_sheet_range.end_auth_asym_id 
_struct_sheet_range.end_auth_seq_id 
AA 1 GLN A 19  ? PRO A 22  ? GLN A 19  PRO A 22  
AA 2 LEU A 34  ? THR A 41  ? LEU A 34  THR A 41  
AA 3 GLN A 99  ? ASN A 106 ? GLN A 99  ASN A 106 
AA 4 ASP A 69  ? VAL A 79  ? ASP A 69  VAL A 79  
AA 5 LEU A 61  ? ASN A 66  ? LEU A 61  ASN A 66  
AA 6 GLY A 117 ? TYR A 128 ? GLY A 117 TYR A 128 
AA 7 TRP A 137 ? ILE A 148 ? TRP A 137 ILE A 148 
AB 1 GLN A 19  ? PRO A 22  ? GLN A 19  PRO A 22  
AB 2 LEU A 34  ? THR A 41  ? LEU A 34  THR A 41  
AB 3 GLN A 99  ? ASN A 106 ? GLN A 99  ASN A 106 
AB 4 ASP A 69  ? VAL A 79  ? ASP A 69  VAL A 79  
AB 5 LEU A 61  ? ASN A 66  ? LEU A 61  ASN A 66  
AB 6 GLY A 117 ? TYR A 128 ? GLY A 117 TYR A 128 
AB 7 GLN A 48  ? PRO A 53  ? GLN A 48  PRO A 53  
AB 8 ALA A 92  ? GLU A 93  ? ALA A 92  GLU A 93  
AC 1 TRP A 137 ? ILE A 148 ? TRP A 137 ILE A 148 
AC 2 GLY A 117 ? TYR A 128 ? GLY A 117 TYR A 128 
# 
loop_
_pdbx_struct_sheet_hbond.sheet_id 
_pdbx_struct_sheet_hbond.range_id_1 
_pdbx_struct_sheet_hbond.range_id_2 
_pdbx_struct_sheet_hbond.range_1_label_atom_id 
_pdbx_struct_sheet_hbond.range_1_label_comp_id 
_pdbx_struct_sheet_hbond.range_1_label_asym_id 
_pdbx_struct_sheet_hbond.range_1_label_seq_id 
_pdbx_struct_sheet_hbond.range_1_PDB_ins_code 
_pdbx_struct_sheet_hbond.range_1_auth_atom_id 
_pdbx_struct_sheet_hbond.range_1_auth_comp_id 
_pdbx_struct_sheet_hbond.range_1_auth_asym_id 
_pdbx_struct_sheet_hbond.range_1_auth_seq_id 
_pdbx_struct_sheet_hbond.range_2_label_atom_id 
_pdbx_struct_sheet_hbond.range_2_label_comp_id 
_pdbx_struct_sheet_hbond.range_2_label_asym_id 
_pdbx_struct_sheet_hbond.range_2_label_seq_id 
_pdbx_struct_sheet_hbond.range_2_PDB_ins_code 
_pdbx_struct_sheet_hbond.range_2_auth_atom_id 
_pdbx_struct_sheet_hbond.range_2_auth_comp_id 
_pdbx_struct_sheet_hbond.range_2_auth_asym_id 
_pdbx_struct_sheet_hbond.range_2_auth_seq_id 
AA 1 2 N GLN A 21  ? N GLN A 21  O SER A 37  ? O SER A 37  
AA 2 3 N LEU A 40  ? N LEU A 40  O ILE A 100 ? O ILE A 100 
AA 3 4 N LEU A 105 ? N LEU A 105 O GLN A 77  ? O GLN A 77  
AA 4 5 N TYR A 76  ? N TYR A 76  O GLY A 62  ? O GLY A 62  
AA 5 6 N VAL A 65  ? N VAL A 65  O ASN A 120 ? O ASN A 120 
AA 6 7 N TYR A 127 ? N TYR A 127 O GLN A 138 ? O GLN A 138 
AB 1 2 N GLN A 21  ? N GLN A 21  O SER A 37  ? O SER A 37  
AB 2 3 N LEU A 40  ? N LEU A 40  O ILE A 100 ? O ILE A 100 
AB 3 4 N LEU A 105 ? N LEU A 105 O GLN A 77  ? O GLN A 77  
AB 4 5 N TYR A 76  ? N TYR A 76  O GLY A 62  ? O GLY A 62  
AB 5 6 N VAL A 65  ? N VAL A 65  O ASN A 120 ? O ASN A 120 
AB 6 7 N TYR A 128 ? N TYR A 128 O GLN A 48  ? O GLN A 48  
AB 7 8 N VAL A 49  ? N VAL A 49  O ALA A 92  ? O ALA A 92  
AC 1 2 N ILE A 148 ? N ILE A 148 O GLY A 117 ? O GLY A 117 
# 
loop_
_pdbx_validate_close_contact.id 
_pdbx_validate_close_contact.PDB_model_num 
_pdbx_validate_close_contact.auth_atom_id_1 
_pdbx_validate_close_contact.auth_asym_id_1 
_pdbx_validate_close_contact.auth_comp_id_1 
_pdbx_validate_close_contact.auth_seq_id_1 
_pdbx_validate_close_contact.PDB_ins_code_1 
_pdbx_validate_close_contact.label_alt_id_1 
_pdbx_validate_close_contact.auth_atom_id_2 
_pdbx_validate_close_contact.auth_asym_id_2 
_pdbx_validate_close_contact.auth_comp_id_2 
_pdbx_validate_close_contact.auth_seq_id_2 
_pdbx_validate_close_contact.PDB_ins_code_2 
_pdbx_validate_close_contact.label_alt_id_2 
_pdbx_validate_close_contact.dist 
1 1 O A HOH 2085 ? ? O A HOH 2086 ? ? 2.01 
2 1 O A HOH 2127 ? ? O A HOH 2128 ? ? 2.05 
3 1 O A HOH 2007 ? ? O A HOH 2009 ? ? 2.05 
4 1 O A HOH 2027 ? ? O A HOH 2109 ? ? 2.11 
5 1 O A HOH 2039 ? ? O A HOH 2075 ? ? 2.19 
# 
loop_
_pdbx_validate_symm_contact.id 
_pdbx_validate_symm_contact.PDB_model_num 
_pdbx_validate_symm_contact.auth_atom_id_1 
_pdbx_validate_symm_contact.auth_asym_id_1 
_pdbx_validate_symm_contact.auth_comp_id_1 
_pdbx_validate_symm_contact.auth_seq_id_1 
_pdbx_validate_symm_contact.PDB_ins_code_1 
_pdbx_validate_symm_contact.label_alt_id_1 
_pdbx_validate_symm_contact.site_symmetry_1 
_pdbx_validate_symm_contact.auth_atom_id_2 
_pdbx_validate_symm_contact.auth_asym_id_2 
_pdbx_validate_symm_contact.auth_comp_id_2 
_pdbx_validate_symm_contact.auth_seq_id_2 
_pdbx_validate_symm_contact.PDB_ins_code_2 
_pdbx_validate_symm_contact.label_alt_id_2 
_pdbx_validate_symm_contact.site_symmetry_2 
_pdbx_validate_symm_contact.dist 
1 1 O A HOH 2096 ? ? 1_555 O A HOH 2114 ? ? 4_556 1.82 
2 1 O A HOH 2001 ? ? 1_555 O A HOH 2060 ? ? 4_455 2.00 
3 1 O A HOH 2093 ? ? 1_555 O A HOH 2096 ? ? 2_555 2.19 
# 
loop_
_pdbx_validate_torsion.id 
_pdbx_validate_torsion.PDB_model_num 
_pdbx_validate_torsion.auth_comp_id 
_pdbx_validate_torsion.auth_asym_id 
_pdbx_validate_torsion.auth_seq_id 
_pdbx_validate_torsion.PDB_ins_code 
_pdbx_validate_torsion.label_alt_id 
_pdbx_validate_torsion.phi 
_pdbx_validate_torsion.psi 
1 1 ASP A 69 ? ? -161.30 98.67 
2 1 ASN A 97 ? ? 79.44   -5.26 
# 
loop_
_pdbx_struct_special_symmetry.id 
_pdbx_struct_special_symmetry.PDB_model_num 
_pdbx_struct_special_symmetry.auth_asym_id 
_pdbx_struct_special_symmetry.auth_comp_id 
_pdbx_struct_special_symmetry.auth_seq_id 
_pdbx_struct_special_symmetry.PDB_ins_code 
_pdbx_struct_special_symmetry.label_asym_id 
_pdbx_struct_special_symmetry.label_comp_id 
_pdbx_struct_special_symmetry.label_seq_id 
1 1 A HOH 2092 ? B HOH . 
2 1 A HOH 2104 ? B HOH . 
# 
loop_
_pdbx_unobs_or_zero_occ_residues.id 
_pdbx_unobs_or_zero_occ_residues.PDB_model_num 
_pdbx_unobs_or_zero_occ_residues.polymer_flag 
_pdbx_unobs_or_zero_occ_residues.occupancy_flag 
_pdbx_unobs_or_zero_occ_residues.auth_asym_id 
_pdbx_unobs_or_zero_occ_residues.auth_comp_id 
_pdbx_unobs_or_zero_occ_residues.auth_seq_id 
_pdbx_unobs_or_zero_occ_residues.PDB_ins_code 
_pdbx_unobs_or_zero_occ_residues.label_asym_id 
_pdbx_unobs_or_zero_occ_residues.label_comp_id 
_pdbx_unobs_or_zero_occ_residues.label_seq_id 
1  1 Y 1 A ARG 1   ? A ARG 1   
2  1 Y 1 A THR 2   ? A THR 2   
3  1 Y 1 A GLU 3   ? A GLU 3   
4  1 Y 1 A PRO 4   ? A PRO 4   
5  1 Y 1 A VAL 5   ? A VAL 5   
6  1 Y 1 A SER 6   ? A SER 6   
7  1 Y 1 A THR 7   ? A THR 7   
8  1 Y 1 A THR 8   ? A THR 8   
9  1 Y 1 A ILE 9   ? A ILE 9   
10 1 Y 1 A SER 10  ? A SER 10  
11 1 Y 1 A LYS 11  ? A LYS 11  
12 1 Y 1 A SER 12  ? A SER 12  
13 1 Y 1 A GLY 25  ? A GLY 25  
14 1 Y 1 A LYS 26  ? A LYS 26  
15 1 Y 1 A ASN 27  ? A ASN 27  
16 1 Y 1 A ASP 111 ? A ASP 111 
17 1 Y 1 A LYS 112 ? A LYS 112 
18 1 Y 1 A GLU 113 ? A GLU 113 
19 1 Y 1 A ASN 130 ? A ASN 130 
20 1 Y 1 A ASP 131 ? A ASP 131 
21 1 Y 1 A ASN 132 ? A ASN 132 
22 1 Y 1 A LYS 133 ? A LYS 133 
23 1 Y 1 A GLN 134 ? A GLN 134 
24 1 Y 1 A GLY 135 ? A GLY 135 
# 
loop_
_chem_comp_atom.comp_id 
_chem_comp_atom.atom_id 
_chem_comp_atom.type_symbol 
_chem_comp_atom.pdbx_aromatic_flag 
_chem_comp_atom.pdbx_stereo_config 
_chem_comp_atom.pdbx_ordinal 
ALA N    N N N 1   
ALA CA   C N S 2   
ALA C    C N N 3   
ALA O    O N N 4   
ALA CB   C N N 5   
ALA OXT  O N N 6   
ALA H    H N N 7   
ALA H2   H N N 8   
ALA HA   H N N 9   
ALA HB1  H N N 10  
ALA HB2  H N N 11  
ALA HB3  H N N 12  
ALA HXT  H N N 13  
ARG N    N N N 14  
ARG CA   C N S 15  
ARG C    C N N 16  
ARG O    O N N 17  
ARG CB   C N N 18  
ARG CG   C N N 19  
ARG CD   C N N 20  
ARG NE   N N N 21  
ARG CZ   C N N 22  
ARG NH1  N N N 23  
ARG NH2  N N N 24  
ARG OXT  O N N 25  
ARG H    H N N 26  
ARG H2   H N N 27  
ARG HA   H N N 28  
ARG HB2  H N N 29  
ARG HB3  H N N 30  
ARG HG2  H N N 31  
ARG HG3  H N N 32  
ARG HD2  H N N 33  
ARG HD3  H N N 34  
ARG HE   H N N 35  
ARG HH11 H N N 36  
ARG HH12 H N N 37  
ARG HH21 H N N 38  
ARG HH22 H N N 39  
ARG HXT  H N N 40  
ASN N    N N N 41  
ASN CA   C N S 42  
ASN C    C N N 43  
ASN O    O N N 44  
ASN CB   C N N 45  
ASN CG   C N N 46  
ASN OD1  O N N 47  
ASN ND2  N N N 48  
ASN OXT  O N N 49  
ASN H    H N N 50  
ASN H2   H N N 51  
ASN HA   H N N 52  
ASN HB2  H N N 53  
ASN HB3  H N N 54  
ASN HD21 H N N 55  
ASN HD22 H N N 56  
ASN HXT  H N N 57  
ASP N    N N N 58  
ASP CA   C N S 59  
ASP C    C N N 60  
ASP O    O N N 61  
ASP CB   C N N 62  
ASP CG   C N N 63  
ASP OD1  O N N 64  
ASP OD2  O N N 65  
ASP OXT  O N N 66  
ASP H    H N N 67  
ASP H2   H N N 68  
ASP HA   H N N 69  
ASP HB2  H N N 70  
ASP HB3  H N N 71  
ASP HD2  H N N 72  
ASP HXT  H N N 73  
GLN N    N N N 74  
GLN CA   C N S 75  
GLN C    C N N 76  
GLN O    O N N 77  
GLN CB   C N N 78  
GLN CG   C N N 79  
GLN CD   C N N 80  
GLN OE1  O N N 81  
GLN NE2  N N N 82  
GLN OXT  O N N 83  
GLN H    H N N 84  
GLN H2   H N N 85  
GLN HA   H N N 86  
GLN HB2  H N N 87  
GLN HB3  H N N 88  
GLN HG2  H N N 89  
GLN HG3  H N N 90  
GLN HE21 H N N 91  
GLN HE22 H N N 92  
GLN HXT  H N N 93  
GLU N    N N N 94  
GLU CA   C N S 95  
GLU C    C N N 96  
GLU O    O N N 97  
GLU CB   C N N 98  
GLU CG   C N N 99  
GLU CD   C N N 100 
GLU OE1  O N N 101 
GLU OE2  O N N 102 
GLU OXT  O N N 103 
GLU H    H N N 104 
GLU H2   H N N 105 
GLU HA   H N N 106 
GLU HB2  H N N 107 
GLU HB3  H N N 108 
GLU HG2  H N N 109 
GLU HG3  H N N 110 
GLU HE2  H N N 111 
GLU HXT  H N N 112 
GLY N    N N N 113 
GLY CA   C N N 114 
GLY C    C N N 115 
GLY O    O N N 116 
GLY OXT  O N N 117 
GLY H    H N N 118 
GLY H2   H N N 119 
GLY HA2  H N N 120 
GLY HA3  H N N 121 
GLY HXT  H N N 122 
HIS N    N N N 123 
HIS CA   C N S 124 
HIS C    C N N 125 
HIS O    O N N 126 
HIS CB   C N N 127 
HIS CG   C Y N 128 
HIS ND1  N Y N 129 
HIS CD2  C Y N 130 
HIS CE1  C Y N 131 
HIS NE2  N Y N 132 
HIS OXT  O N N 133 
HIS H    H N N 134 
HIS H2   H N N 135 
HIS HA   H N N 136 
HIS HB2  H N N 137 
HIS HB3  H N N 138 
HIS HD1  H N N 139 
HIS HD2  H N N 140 
HIS HE1  H N N 141 
HIS HE2  H N N 142 
HIS HXT  H N N 143 
HOH O    O N N 144 
HOH H1   H N N 145 
HOH H2   H N N 146 
ILE N    N N N 147 
ILE CA   C N S 148 
ILE C    C N N 149 
ILE O    O N N 150 
ILE CB   C N S 151 
ILE CG1  C N N 152 
ILE CG2  C N N 153 
ILE CD1  C N N 154 
ILE OXT  O N N 155 
ILE H    H N N 156 
ILE H2   H N N 157 
ILE HA   H N N 158 
ILE HB   H N N 159 
ILE HG12 H N N 160 
ILE HG13 H N N 161 
ILE HG21 H N N 162 
ILE HG22 H N N 163 
ILE HG23 H N N 164 
ILE HD11 H N N 165 
ILE HD12 H N N 166 
ILE HD13 H N N 167 
ILE HXT  H N N 168 
LEU N    N N N 169 
LEU CA   C N S 170 
LEU C    C N N 171 
LEU O    O N N 172 
LEU CB   C N N 173 
LEU CG   C N N 174 
LEU CD1  C N N 175 
LEU CD2  C N N 176 
LEU OXT  O N N 177 
LEU H    H N N 178 
LEU H2   H N N 179 
LEU HA   H N N 180 
LEU HB2  H N N 181 
LEU HB3  H N N 182 
LEU HG   H N N 183 
LEU HD11 H N N 184 
LEU HD12 H N N 185 
LEU HD13 H N N 186 
LEU HD21 H N N 187 
LEU HD22 H N N 188 
LEU HD23 H N N 189 
LEU HXT  H N N 190 
LYS N    N N N 191 
LYS CA   C N S 192 
LYS C    C N N 193 
LYS O    O N N 194 
LYS CB   C N N 195 
LYS CG   C N N 196 
LYS CD   C N N 197 
LYS CE   C N N 198 
LYS NZ   N N N 199 
LYS OXT  O N N 200 
LYS H    H N N 201 
LYS H2   H N N 202 
LYS HA   H N N 203 
LYS HB2  H N N 204 
LYS HB3  H N N 205 
LYS HG2  H N N 206 
LYS HG3  H N N 207 
LYS HD2  H N N 208 
LYS HD3  H N N 209 
LYS HE2  H N N 210 
LYS HE3  H N N 211 
LYS HZ1  H N N 212 
LYS HZ2  H N N 213 
LYS HZ3  H N N 214 
LYS HXT  H N N 215 
MET N    N N N 216 
MET CA   C N S 217 
MET C    C N N 218 
MET O    O N N 219 
MET CB   C N N 220 
MET CG   C N N 221 
MET SD   S N N 222 
MET CE   C N N 223 
MET OXT  O N N 224 
MET H    H N N 225 
MET H2   H N N 226 
MET HA   H N N 227 
MET HB2  H N N 228 
MET HB3  H N N 229 
MET HG2  H N N 230 
MET HG3  H N N 231 
MET HE1  H N N 232 
MET HE2  H N N 233 
MET HE3  H N N 234 
MET HXT  H N N 235 
PHE N    N N N 236 
PHE CA   C N S 237 
PHE C    C N N 238 
PHE O    O N N 239 
PHE CB   C N N 240 
PHE CG   C Y N 241 
PHE CD1  C Y N 242 
PHE CD2  C Y N 243 
PHE CE1  C Y N 244 
PHE CE2  C Y N 245 
PHE CZ   C Y N 246 
PHE OXT  O N N 247 
PHE H    H N N 248 
PHE H2   H N N 249 
PHE HA   H N N 250 
PHE HB2  H N N 251 
PHE HB3  H N N 252 
PHE HD1  H N N 253 
PHE HD2  H N N 254 
PHE HE1  H N N 255 
PHE HE2  H N N 256 
PHE HZ   H N N 257 
PHE HXT  H N N 258 
PRO N    N N N 259 
PRO CA   C N S 260 
PRO C    C N N 261 
PRO O    O N N 262 
PRO CB   C N N 263 
PRO CG   C N N 264 
PRO CD   C N N 265 
PRO OXT  O N N 266 
PRO H    H N N 267 
PRO HA   H N N 268 
PRO HB2  H N N 269 
PRO HB3  H N N 270 
PRO HG2  H N N 271 
PRO HG3  H N N 272 
PRO HD2  H N N 273 
PRO HD3  H N N 274 
PRO HXT  H N N 275 
SER N    N N N 276 
SER CA   C N S 277 
SER C    C N N 278 
SER O    O N N 279 
SER CB   C N N 280 
SER OG   O N N 281 
SER OXT  O N N 282 
SER H    H N N 283 
SER H2   H N N 284 
SER HA   H N N 285 
SER HB2  H N N 286 
SER HB3  H N N 287 
SER HG   H N N 288 
SER HXT  H N N 289 
THR N    N N N 290 
THR CA   C N S 291 
THR C    C N N 292 
THR O    O N N 293 
THR CB   C N R 294 
THR OG1  O N N 295 
THR CG2  C N N 296 
THR OXT  O N N 297 
THR H    H N N 298 
THR H2   H N N 299 
THR HA   H N N 300 
THR HB   H N N 301 
THR HG1  H N N 302 
THR HG21 H N N 303 
THR HG22 H N N 304 
THR HG23 H N N 305 
THR HXT  H N N 306 
TRP N    N N N 307 
TRP CA   C N S 308 
TRP C    C N N 309 
TRP O    O N N 310 
TRP CB   C N N 311 
TRP CG   C Y N 312 
TRP CD1  C Y N 313 
TRP CD2  C Y N 314 
TRP NE1  N Y N 315 
TRP CE2  C Y N 316 
TRP CE3  C Y N 317 
TRP CZ2  C Y N 318 
TRP CZ3  C Y N 319 
TRP CH2  C Y N 320 
TRP OXT  O N N 321 
TRP H    H N N 322 
TRP H2   H N N 323 
TRP HA   H N N 324 
TRP HB2  H N N 325 
TRP HB3  H N N 326 
TRP HD1  H N N 327 
TRP HE1  H N N 328 
TRP HE3  H N N 329 
TRP HZ2  H N N 330 
TRP HZ3  H N N 331 
TRP HH2  H N N 332 
TRP HXT  H N N 333 
TYR N    N N N 334 
TYR CA   C N S 335 
TYR C    C N N 336 
TYR O    O N N 337 
TYR CB   C N N 338 
TYR CG   C Y N 339 
TYR CD1  C Y N 340 
TYR CD2  C Y N 341 
TYR CE1  C Y N 342 
TYR CE2  C Y N 343 
TYR CZ   C Y N 344 
TYR OH   O N N 345 
TYR OXT  O N N 346 
TYR H    H N N 347 
TYR H2   H N N 348 
TYR HA   H N N 349 
TYR HB2  H N N 350 
TYR HB3  H N N 351 
TYR HD1  H N N 352 
TYR HD2  H N N 353 
TYR HE1  H N N 354 
TYR HE2  H N N 355 
TYR HH   H N N 356 
TYR HXT  H N N 357 
VAL N    N N N 358 
VAL CA   C N S 359 
VAL C    C N N 360 
VAL O    O N N 361 
VAL CB   C N N 362 
VAL CG1  C N N 363 
VAL CG2  C N N 364 
VAL OXT  O N N 365 
VAL H    H N N 366 
VAL H2   H N N 367 
VAL HA   H N N 368 
VAL HB   H N N 369 
VAL HG11 H N N 370 
VAL HG12 H N N 371 
VAL HG13 H N N 372 
VAL HG21 H N N 373 
VAL HG22 H N N 374 
VAL HG23 H N N 375 
VAL HXT  H N N 376 
# 
loop_
_chem_comp_bond.comp_id 
_chem_comp_bond.atom_id_1 
_chem_comp_bond.atom_id_2 
_chem_comp_bond.value_order 
_chem_comp_bond.pdbx_aromatic_flag 
_chem_comp_bond.pdbx_stereo_config 
_chem_comp_bond.pdbx_ordinal 
ALA N   CA   sing N N 1   
ALA N   H    sing N N 2   
ALA N   H2   sing N N 3   
ALA CA  C    sing N N 4   
ALA CA  CB   sing N N 5   
ALA CA  HA   sing N N 6   
ALA C   O    doub N N 7   
ALA C   OXT  sing N N 8   
ALA CB  HB1  sing N N 9   
ALA CB  HB2  sing N N 10  
ALA CB  HB3  sing N N 11  
ALA OXT HXT  sing N N 12  
ARG N   CA   sing N N 13  
ARG N   H    sing N N 14  
ARG N   H2   sing N N 15  
ARG CA  C    sing N N 16  
ARG CA  CB   sing N N 17  
ARG CA  HA   sing N N 18  
ARG C   O    doub N N 19  
ARG C   OXT  sing N N 20  
ARG CB  CG   sing N N 21  
ARG CB  HB2  sing N N 22  
ARG CB  HB3  sing N N 23  
ARG CG  CD   sing N N 24  
ARG CG  HG2  sing N N 25  
ARG CG  HG3  sing N N 26  
ARG CD  NE   sing N N 27  
ARG CD  HD2  sing N N 28  
ARG CD  HD3  sing N N 29  
ARG NE  CZ   sing N N 30  
ARG NE  HE   sing N N 31  
ARG CZ  NH1  sing N N 32  
ARG CZ  NH2  doub N N 33  
ARG NH1 HH11 sing N N 34  
ARG NH1 HH12 sing N N 35  
ARG NH2 HH21 sing N N 36  
ARG NH2 HH22 sing N N 37  
ARG OXT HXT  sing N N 38  
ASN N   CA   sing N N 39  
ASN N   H    sing N N 40  
ASN N   H2   sing N N 41  
ASN CA  C    sing N N 42  
ASN CA  CB   sing N N 43  
ASN CA  HA   sing N N 44  
ASN C   O    doub N N 45  
ASN C   OXT  sing N N 46  
ASN CB  CG   sing N N 47  
ASN CB  HB2  sing N N 48  
ASN CB  HB3  sing N N 49  
ASN CG  OD1  doub N N 50  
ASN CG  ND2  sing N N 51  
ASN ND2 HD21 sing N N 52  
ASN ND2 HD22 sing N N 53  
ASN OXT HXT  sing N N 54  
ASP N   CA   sing N N 55  
ASP N   H    sing N N 56  
ASP N   H2   sing N N 57  
ASP CA  C    sing N N 58  
ASP CA  CB   sing N N 59  
ASP CA  HA   sing N N 60  
ASP C   O    doub N N 61  
ASP C   OXT  sing N N 62  
ASP CB  CG   sing N N 63  
ASP CB  HB2  sing N N 64  
ASP CB  HB3  sing N N 65  
ASP CG  OD1  doub N N 66  
ASP CG  OD2  sing N N 67  
ASP OD2 HD2  sing N N 68  
ASP OXT HXT  sing N N 69  
GLN N   CA   sing N N 70  
GLN N   H    sing N N 71  
GLN N   H2   sing N N 72  
GLN CA  C    sing N N 73  
GLN CA  CB   sing N N 74  
GLN CA  HA   sing N N 75  
GLN C   O    doub N N 76  
GLN C   OXT  sing N N 77  
GLN CB  CG   sing N N 78  
GLN CB  HB2  sing N N 79  
GLN CB  HB3  sing N N 80  
GLN CG  CD   sing N N 81  
GLN CG  HG2  sing N N 82  
GLN CG  HG3  sing N N 83  
GLN CD  OE1  doub N N 84  
GLN CD  NE2  sing N N 85  
GLN NE2 HE21 sing N N 86  
GLN NE2 HE22 sing N N 87  
GLN OXT HXT  sing N N 88  
GLU N   CA   sing N N 89  
GLU N   H    sing N N 90  
GLU N   H2   sing N N 91  
GLU CA  C    sing N N 92  
GLU CA  CB   sing N N 93  
GLU CA  HA   sing N N 94  
GLU C   O    doub N N 95  
GLU C   OXT  sing N N 96  
GLU CB  CG   sing N N 97  
GLU CB  HB2  sing N N 98  
GLU CB  HB3  sing N N 99  
GLU CG  CD   sing N N 100 
GLU CG  HG2  sing N N 101 
GLU CG  HG3  sing N N 102 
GLU CD  OE1  doub N N 103 
GLU CD  OE2  sing N N 104 
GLU OE2 HE2  sing N N 105 
GLU OXT HXT  sing N N 106 
GLY N   CA   sing N N 107 
GLY N   H    sing N N 108 
GLY N   H2   sing N N 109 
GLY CA  C    sing N N 110 
GLY CA  HA2  sing N N 111 
GLY CA  HA3  sing N N 112 
GLY C   O    doub N N 113 
GLY C   OXT  sing N N 114 
GLY OXT HXT  sing N N 115 
HIS N   CA   sing N N 116 
HIS N   H    sing N N 117 
HIS N   H2   sing N N 118 
HIS CA  C    sing N N 119 
HIS CA  CB   sing N N 120 
HIS CA  HA   sing N N 121 
HIS C   O    doub N N 122 
HIS C   OXT  sing N N 123 
HIS CB  CG   sing N N 124 
HIS CB  HB2  sing N N 125 
HIS CB  HB3  sing N N 126 
HIS CG  ND1  sing Y N 127 
HIS CG  CD2  doub Y N 128 
HIS ND1 CE1  doub Y N 129 
HIS ND1 HD1  sing N N 130 
HIS CD2 NE2  sing Y N 131 
HIS CD2 HD2  sing N N 132 
HIS CE1 NE2  sing Y N 133 
HIS CE1 HE1  sing N N 134 
HIS NE2 HE2  sing N N 135 
HIS OXT HXT  sing N N 136 
HOH O   H1   sing N N 137 
HOH O   H2   sing N N 138 
ILE N   CA   sing N N 139 
ILE N   H    sing N N 140 
ILE N   H2   sing N N 141 
ILE CA  C    sing N N 142 
ILE CA  CB   sing N N 143 
ILE CA  HA   sing N N 144 
ILE C   O    doub N N 145 
ILE C   OXT  sing N N 146 
ILE CB  CG1  sing N N 147 
ILE CB  CG2  sing N N 148 
ILE CB  HB   sing N N 149 
ILE CG1 CD1  sing N N 150 
ILE CG1 HG12 sing N N 151 
ILE CG1 HG13 sing N N 152 
ILE CG2 HG21 sing N N 153 
ILE CG2 HG22 sing N N 154 
ILE CG2 HG23 sing N N 155 
ILE CD1 HD11 sing N N 156 
ILE CD1 HD12 sing N N 157 
ILE CD1 HD13 sing N N 158 
ILE OXT HXT  sing N N 159 
LEU N   CA   sing N N 160 
LEU N   H    sing N N 161 
LEU N   H2   sing N N 162 
LEU CA  C    sing N N 163 
LEU CA  CB   sing N N 164 
LEU CA  HA   sing N N 165 
LEU C   O    doub N N 166 
LEU C   OXT  sing N N 167 
LEU CB  CG   sing N N 168 
LEU CB  HB2  sing N N 169 
LEU CB  HB3  sing N N 170 
LEU CG  CD1  sing N N 171 
LEU CG  CD2  sing N N 172 
LEU CG  HG   sing N N 173 
LEU CD1 HD11 sing N N 174 
LEU CD1 HD12 sing N N 175 
LEU CD1 HD13 sing N N 176 
LEU CD2 HD21 sing N N 177 
LEU CD2 HD22 sing N N 178 
LEU CD2 HD23 sing N N 179 
LEU OXT HXT  sing N N 180 
LYS N   CA   sing N N 181 
LYS N   H    sing N N 182 
LYS N   H2   sing N N 183 
LYS CA  C    sing N N 184 
LYS CA  CB   sing N N 185 
LYS CA  HA   sing N N 186 
LYS C   O    doub N N 187 
LYS C   OXT  sing N N 188 
LYS CB  CG   sing N N 189 
LYS CB  HB2  sing N N 190 
LYS CB  HB3  sing N N 191 
LYS CG  CD   sing N N 192 
LYS CG  HG2  sing N N 193 
LYS CG  HG3  sing N N 194 
LYS CD  CE   sing N N 195 
LYS CD  HD2  sing N N 196 
LYS CD  HD3  sing N N 197 
LYS CE  NZ   sing N N 198 
LYS CE  HE2  sing N N 199 
LYS CE  HE3  sing N N 200 
LYS NZ  HZ1  sing N N 201 
LYS NZ  HZ2  sing N N 202 
LYS NZ  HZ3  sing N N 203 
LYS OXT HXT  sing N N 204 
MET N   CA   sing N N 205 
MET N   H    sing N N 206 
MET N   H2   sing N N 207 
MET CA  C    sing N N 208 
MET CA  CB   sing N N 209 
MET CA  HA   sing N N 210 
MET C   O    doub N N 211 
MET C   OXT  sing N N 212 
MET CB  CG   sing N N 213 
MET CB  HB2  sing N N 214 
MET CB  HB3  sing N N 215 
MET CG  SD   sing N N 216 
MET CG  HG2  sing N N 217 
MET CG  HG3  sing N N 218 
MET SD  CE   sing N N 219 
MET CE  HE1  sing N N 220 
MET CE  HE2  sing N N 221 
MET CE  HE3  sing N N 222 
MET OXT HXT  sing N N 223 
PHE N   CA   sing N N 224 
PHE N   H    sing N N 225 
PHE N   H2   sing N N 226 
PHE CA  C    sing N N 227 
PHE CA  CB   sing N N 228 
PHE CA  HA   sing N N 229 
PHE C   O    doub N N 230 
PHE C   OXT  sing N N 231 
PHE CB  CG   sing N N 232 
PHE CB  HB2  sing N N 233 
PHE CB  HB3  sing N N 234 
PHE CG  CD1  doub Y N 235 
PHE CG  CD2  sing Y N 236 
PHE CD1 CE1  sing Y N 237 
PHE CD1 HD1  sing N N 238 
PHE CD2 CE2  doub Y N 239 
PHE CD2 HD2  sing N N 240 
PHE CE1 CZ   doub Y N 241 
PHE CE1 HE1  sing N N 242 
PHE CE2 CZ   sing Y N 243 
PHE CE2 HE2  sing N N 244 
PHE CZ  HZ   sing N N 245 
PHE OXT HXT  sing N N 246 
PRO N   CA   sing N N 247 
PRO N   CD   sing N N 248 
PRO N   H    sing N N 249 
PRO CA  C    sing N N 250 
PRO CA  CB   sing N N 251 
PRO CA  HA   sing N N 252 
PRO C   O    doub N N 253 
PRO C   OXT  sing N N 254 
PRO CB  CG   sing N N 255 
PRO CB  HB2  sing N N 256 
PRO CB  HB3  sing N N 257 
PRO CG  CD   sing N N 258 
PRO CG  HG2  sing N N 259 
PRO CG  HG3  sing N N 260 
PRO CD  HD2  sing N N 261 
PRO CD  HD3  sing N N 262 
PRO OXT HXT  sing N N 263 
SER N   CA   sing N N 264 
SER N   H    sing N N 265 
SER N   H2   sing N N 266 
SER CA  C    sing N N 267 
SER CA  CB   sing N N 268 
SER CA  HA   sing N N 269 
SER C   O    doub N N 270 
SER C   OXT  sing N N 271 
SER CB  OG   sing N N 272 
SER CB  HB2  sing N N 273 
SER CB  HB3  sing N N 274 
SER OG  HG   sing N N 275 
SER OXT HXT  sing N N 276 
THR N   CA   sing N N 277 
THR N   H    sing N N 278 
THR N   H2   sing N N 279 
THR CA  C    sing N N 280 
THR CA  CB   sing N N 281 
THR CA  HA   sing N N 282 
THR C   O    doub N N 283 
THR C   OXT  sing N N 284 
THR CB  OG1  sing N N 285 
THR CB  CG2  sing N N 286 
THR CB  HB   sing N N 287 
THR OG1 HG1  sing N N 288 
THR CG2 HG21 sing N N 289 
THR CG2 HG22 sing N N 290 
THR CG2 HG23 sing N N 291 
THR OXT HXT  sing N N 292 
TRP N   CA   sing N N 293 
TRP N   H    sing N N 294 
TRP N   H2   sing N N 295 
TRP CA  C    sing N N 296 
TRP CA  CB   sing N N 297 
TRP CA  HA   sing N N 298 
TRP C   O    doub N N 299 
TRP C   OXT  sing N N 300 
TRP CB  CG   sing N N 301 
TRP CB  HB2  sing N N 302 
TRP CB  HB3  sing N N 303 
TRP CG  CD1  doub Y N 304 
TRP CG  CD2  sing Y N 305 
TRP CD1 NE1  sing Y N 306 
TRP CD1 HD1  sing N N 307 
TRP CD2 CE2  doub Y N 308 
TRP CD2 CE3  sing Y N 309 
TRP NE1 CE2  sing Y N 310 
TRP NE1 HE1  sing N N 311 
TRP CE2 CZ2  sing Y N 312 
TRP CE3 CZ3  doub Y N 313 
TRP CE3 HE3  sing N N 314 
TRP CZ2 CH2  doub Y N 315 
TRP CZ2 HZ2  sing N N 316 
TRP CZ3 CH2  sing Y N 317 
TRP CZ3 HZ3  sing N N 318 
TRP CH2 HH2  sing N N 319 
TRP OXT HXT  sing N N 320 
TYR N   CA   sing N N 321 
TYR N   H    sing N N 322 
TYR N   H2   sing N N 323 
TYR CA  C    sing N N 324 
TYR CA  CB   sing N N 325 
TYR CA  HA   sing N N 326 
TYR C   O    doub N N 327 
TYR C   OXT  sing N N 328 
TYR CB  CG   sing N N 329 
TYR CB  HB2  sing N N 330 
TYR CB  HB3  sing N N 331 
TYR CG  CD1  doub Y N 332 
TYR CG  CD2  sing Y N 333 
TYR CD1 CE1  sing Y N 334 
TYR CD1 HD1  sing N N 335 
TYR CD2 CE2  doub Y N 336 
TYR CD2 HD2  sing N N 337 
TYR CE1 CZ   doub Y N 338 
TYR CE1 HE1  sing N N 339 
TYR CE2 CZ   sing Y N 340 
TYR CE2 HE2  sing N N 341 
TYR CZ  OH   sing N N 342 
TYR OH  HH   sing N N 343 
TYR OXT HXT  sing N N 344 
VAL N   CA   sing N N 345 
VAL N   H    sing N N 346 
VAL N   H2   sing N N 347 
VAL CA  C    sing N N 348 
VAL CA  CB   sing N N 349 
VAL CA  HA   sing N N 350 
VAL C   O    doub N N 351 
VAL C   OXT  sing N N 352 
VAL CB  CG1  sing N N 353 
VAL CB  CG2  sing N N 354 
VAL CB  HB   sing N N 355 
VAL CG1 HG11 sing N N 356 
VAL CG1 HG12 sing N N 357 
VAL CG1 HG13 sing N N 358 
VAL CG2 HG21 sing N N 359 
VAL CG2 HG22 sing N N 360 
VAL CG2 HG23 sing N N 361 
VAL OXT HXT  sing N N 362 
# 
_atom_sites.entry_id                    4B9I 
_atom_sites.fract_transf_matrix[1][1]   -0.00786545 
_atom_sites.fract_transf_matrix[1][2]   0.01320624 
_atom_sites.fract_transf_matrix[1][3]   0.01642422 
_atom_sites.fract_transf_matrix[2][1]   -0.01632037 
_atom_sites.fract_transf_matrix[2][2]   0.00437558 
_atom_sites.fract_transf_matrix[2][3]   -0.01133399 
_atom_sites.fract_transf_matrix[3][1]   -0.00853248 
_atom_sites.fract_transf_matrix[3][2]   -0.01375689 
_atom_sites.fract_transf_matrix[3][3]   0.00697537 
_atom_sites.fract_transf_vector[1]      -0.204681 
_atom_sites.fract_transf_vector[2]      0.195352 
_atom_sites.fract_transf_vector[3]      0.287154 
# 
loop_
_atom_type.symbol 
C 
N 
O 
S 
# 
loop_
_atom_site.group_PDB 
_atom_site.id 
_atom_site.type_symbol 
_atom_site.label_atom_id 
_atom_site.label_alt_id 
_atom_site.label_comp_id 
_atom_site.label_asym_id 
_atom_site.label_entity_id 
_atom_site.label_seq_id 
_atom_site.pdbx_PDB_ins_code 
_atom_site.Cartn_x 
_atom_site.Cartn_y 
_atom_site.Cartn_z 
_atom_site.occupancy 
_atom_site.B_iso_or_equiv 
_atom_site.pdbx_formal_charge 
_atom_site.auth_seq_id 
_atom_site.auth_comp_id 
_atom_site.auth_asym_id 
_atom_site.auth_atom_id 
_atom_site.pdbx_PDB_model_num 
ATOM   1    N N   . PHE A 1 13  ? 10.149  13.519  -15.392 1.00 40.54 ? 13   PHE A N   1 
ATOM   2    C CA  . PHE A 1 13  ? 9.509   12.547  -14.510 1.00 37.01 ? 13   PHE A CA  1 
ATOM   3    C C   . PHE A 1 13  ? 8.702   11.504  -15.276 1.00 36.57 ? 13   PHE A C   1 
ATOM   4    O O   . PHE A 1 13  ? 7.776   11.837  -16.018 1.00 35.49 ? 13   PHE A O   1 
ATOM   5    C CB  . PHE A 1 13  ? 8.601   13.248  -13.492 1.00 37.32 ? 13   PHE A CB  1 
ATOM   6    C CG  . PHE A 1 13  ? 7.919   12.300  -12.540 1.00 29.98 ? 13   PHE A CG  1 
ATOM   7    C CD1 . PHE A 1 13  ? 8.663   11.568  -11.632 1.00 29.30 ? 13   PHE A CD1 1 
ATOM   8    C CD2 . PHE A 1 13  ? 6.540   12.143  -12.556 1.00 33.58 ? 13   PHE A CD2 1 
ATOM   9    C CE1 . PHE A 1 13  ? 8.052   10.693  -10.756 1.00 27.24 ? 13   PHE A CE1 1 
ATOM   10   C CE2 . PHE A 1 13  ? 5.920   11.270  -11.679 1.00 30.68 ? 13   PHE A CE2 1 
ATOM   11   C CZ  . PHE A 1 13  ? 6.678   10.545  -10.777 1.00 25.96 ? 13   PHE A CZ  1 
ATOM   12   N N   . PHE A 1 14  ? 9.070   10.241  -15.094 1.00 34.14 ? 14   PHE A N   1 
ATOM   13   C CA  . PHE A 1 14  ? 8.257   9.124   -15.556 1.00 35.00 ? 14   PHE A CA  1 
ATOM   14   C C   . PHE A 1 14  ? 8.296   8.024   -14.506 1.00 29.99 ? 14   PHE A C   1 
ATOM   15   O O   . PHE A 1 14  ? 9.364   7.682   -13.991 1.00 27.92 ? 14   PHE A O   1 
ATOM   16   C CB  . PHE A 1 14  ? 8.749   8.584   -16.902 1.00 31.35 ? 14   PHE A CB  1 
ATOM   17   C CG  . PHE A 1 14  ? 8.069   7.312   -17.322 1.00 31.58 ? 14   PHE A CG  1 
ATOM   18   C CD1 . PHE A 1 14  ? 6.824   7.343   -17.928 1.00 34.13 ? 14   PHE A CD1 1 
ATOM   19   C CD2 . PHE A 1 14  ? 8.670   6.082   -17.097 1.00 30.47 ? 14   PHE A CD2 1 
ATOM   20   C CE1 . PHE A 1 14  ? 6.192   6.170   -18.308 1.00 36.92 ? 14   PHE A CE1 1 
ATOM   21   C CE2 . PHE A 1 14  ? 8.044   4.907   -17.473 1.00 33.06 ? 14   PHE A CE2 1 
ATOM   22   C CZ  . PHE A 1 14  ? 6.803   4.951   -18.076 1.00 31.89 ? 14   PHE A CZ  1 
ATOM   23   N N   . ALA A 1 15  ? 7.134   7.464   -14.194 1.00 27.73 ? 15   ALA A N   1 
ATOM   24   C CA  . ALA A 1 15  ? 7.046   6.451   -13.151 1.00 30.22 ? 15   ALA A CA  1 
ATOM   25   C C   . ALA A 1 15  ? 6.458   5.153   -13.684 1.00 29.43 ? 15   ALA A C   1 
ATOM   26   O O   . ALA A 1 15  ? 5.280   5.100   -14.046 1.00 29.87 ? 15   ALA A O   1 
ATOM   27   C CB  . ALA A 1 15  ? 6.223   6.968   -11.971 1.00 26.76 ? 15   ALA A CB  1 
ATOM   28   N N   . PRO A 1 16  ? 7.283   4.098   -13.739 1.00 31.34 ? 16   PRO A N   1 
ATOM   29   C CA  . PRO A 1 16  ? 6.786   2.782   -14.147 1.00 33.38 ? 16   PRO A CA  1 
ATOM   30   C C   . PRO A 1 16  ? 5.732   2.297   -13.162 1.00 32.69 ? 16   PRO A C   1 
ATOM   31   O O   . PRO A 1 16  ? 5.779   2.666   -11.990 1.00 29.93 ? 16   PRO A O   1 
ATOM   32   C CB  . PRO A 1 16  ? 8.036   1.895   -14.075 1.00 29.52 ? 16   PRO A CB  1 
ATOM   33   C CG  . PRO A 1 16  ? 8.972   2.608   -13.177 1.00 33.88 ? 16   PRO A CG  1 
ATOM   34   C CD  . PRO A 1 16  ? 8.715   4.067   -13.398 1.00 31.03 ? 16   PRO A CD  1 
ATOM   35   N N   . GLU A 1 17  ? 4.787   1.492   -13.633 1.00 33.30 ? 17   GLU A N   1 
ATOM   36   C CA  . GLU A 1 17  ? 3.728   1.004   -12.761 1.00 29.70 ? 17   GLU A CA  1 
ATOM   37   C C   . GLU A 1 17  ? 4.298   0.174   -11.626 1.00 26.10 ? 17   GLU A C   1 
ATOM   38   O O   . GLU A 1 17  ? 5.062   -0.761  -11.849 1.00 22.49 ? 17   GLU A O   1 
ATOM   39   C CB  . GLU A 1 17  ? 2.701   0.193   -13.552 1.00 33.46 ? 17   GLU A CB  1 
ATOM   40   C CG  . GLU A 1 17  ? 1.569   1.038   -14.102 1.00 44.87 ? 17   GLU A CG  1 
ATOM   41   C CD  . GLU A 1 17  ? 0.830   0.359   -15.235 1.00 55.32 ? 17   GLU A CD  1 
ATOM   42   O OE1 . GLU A 1 17  ? 1.393   -0.578  -15.841 1.00 58.42 ? 17   GLU A OE1 1 
ATOM   43   O OE2 . GLU A 1 17  ? -0.315  0.767   -15.522 1.00 61.13 ? 17   GLU A OE2 1 
ATOM   44   N N   . PRO A 1 18  ? 3.939   0.529   -10.388 1.00 21.21 ? 18   PRO A N   1 
ATOM   45   C CA  . PRO A 1 18  ? 4.362   -0.296  -9.256  1.00 16.36 ? 18   PRO A CA  1 
ATOM   46   C C   . PRO A 1 18  ? 3.743   -1.680  -9.348  1.00 18.70 ? 18   PRO A C   1 
ATOM   47   O O   . PRO A 1 18  ? 2.650   -1.819  -9.906  1.00 23.76 ? 18   PRO A O   1 
ATOM   48   C CB  . PRO A 1 18  ? 3.780   0.452   -8.049  1.00 17.34 ? 18   PRO A CB  1 
ATOM   49   C CG  . PRO A 1 18  ? 3.596   1.855   -8.523  1.00 19.39 ? 18   PRO A CG  1 
ATOM   50   C CD  . PRO A 1 18  ? 3.186   1.718   -9.959  1.00 23.81 ? 18   PRO A CD  1 
ATOM   51   N N   . GLN A 1 19  ? 4.427   -2.677  -8.801  1.00 16.12 ? 19   GLN A N   1 
ATOM   52   C CA  . GLN A 1 19  ? 3.967   -4.058  -8.856  1.00 18.96 ? 19   GLN A CA  1 
ATOM   53   C C   . GLN A 1 19  ? 3.394   -4.546  -7.524  1.00 20.48 ? 19   GLN A C   1 
ATOM   54   O O   . GLN A 1 19  ? 4.003   -4.366  -6.466  1.00 19.58 ? 19   GLN A O   1 
ATOM   55   C CB  . GLN A 1 19  ? 5.103   -4.969  -9.313  1.00 22.67 ? 19   GLN A CB  1 
ATOM   56   C CG  . GLN A 1 19  ? 5.585   -4.664  -10.732 1.00 25.82 ? 19   GLN A CG  1 
ATOM   57   C CD  . GLN A 1 19  ? 4.466   -4.779  -11.761 1.00 33.13 ? 19   GLN A CD  1 
ATOM   58   O OE1 . GLN A 1 19  ? 4.132   -3.807  -12.447 1.00 34.60 ? 19   GLN A OE1 1 
ATOM   59   N NE2 . GLN A 1 19  ? 3.879   -5.968  -11.869 1.00 39.18 ? 19   GLN A NE2 1 
ATOM   60   N N   . ILE A 1 20  ? 2.220   -5.163  -7.589  1.00 18.43 ? 20   ILE A N   1 
ATOM   61   C CA  . ILE A 1 20  ? 1.576   -5.726  -6.400  1.00 16.45 ? 20   ILE A CA  1 
ATOM   62   C C   . ILE A 1 20  ? 1.905   -7.212  -6.241  1.00 15.59 ? 20   ILE A C   1 
ATOM   63   O O   . ILE A 1 20  ? 1.765   -8.002  -7.180  1.00 16.96 ? 20   ILE A O   1 
ATOM   64   C CB  . ILE A 1 20  ? 0.066   -5.509  -6.438  1.00 16.05 ? 20   ILE A CB  1 
ATOM   65   C CG1 . ILE A 1 20  ? -0.236  -4.006  -6.430  1.00 21.07 ? 20   ILE A CG1 1 
ATOM   66   C CG2 . ILE A 1 20  ? -0.606  -6.206  -5.256  1.00 15.95 ? 20   ILE A CG2 1 
ATOM   67   C CD1 . ILE A 1 20  ? -1.635  -3.677  -6.824  1.00 23.96 ? 20   ILE A CD1 1 
ATOM   68   N N   . GLN A 1 21  ? 2.384   -7.586  -5.057  1.00 12.26 ? 21   GLN A N   1 
ATOM   69   C CA  . GLN A 1 21  ? 2.715   -8.971  -4.769  1.00 13.48 ? 21   GLN A CA  1 
ATOM   70   C C   . GLN A 1 21  ? 1.788   -9.506  -3.693  1.00 14.27 ? 21   GLN A C   1 
ATOM   71   O O   . GLN A 1 21  ? 1.735   -8.961  -2.601  1.00 13.84 ? 21   GLN A O   1 
ATOM   72   C CB  . GLN A 1 21  ? 4.160   -9.098  -4.261  1.00 18.82 ? 21   GLN A CB  1 
ATOM   73   C CG  . GLN A 1 21  ? 5.241   -8.701  -5.263  1.00 26.78 ? 21   GLN A CG  1 
ATOM   74   C CD  . GLN A 1 21  ? 5.540   -7.215  -5.254  1.00 26.40 ? 21   GLN A CD  1 
ATOM   75   O OE1 . GLN A 1 21  ? 5.522   -6.567  -4.202  1.00 30.25 ? 21   GLN A OE1 1 
ATOM   76   N NE2 . GLN A 1 21  ? 5.823   -6.662  -6.431  1.00 29.60 ? 21   GLN A NE2 1 
ATOM   77   N N   . PRO A 1 22  ? 1.028   -10.564 -3.991  1.00 11.59 ? 22   PRO A N   1 
ATOM   78   C CA  . PRO A 1 22  ? 0.166   -11.161 -2.971  1.00 11.67 ? 22   PRO A CA  1 
ATOM   79   C C   . PRO A 1 22  ? 0.969   -11.873 -1.882  1.00 12.47 ? 22   PRO A C   1 
ATOM   80   O O   . PRO A 1 22  ? 2.153   -12.184 -2.070  1.00 15.44 ? 22   PRO A O   1 
ATOM   81   C CB  . PRO A 1 22  ? -0.673  -12.164 -3.771  1.00 15.95 ? 22   PRO A CB  1 
ATOM   82   C CG  . PRO A 1 22  ? 0.191   -12.527 -4.918  1.00 20.39 ? 22   PRO A CG  1 
ATOM   83   C CD  . PRO A 1 22  ? 0.986   -11.303 -5.267  1.00 14.97 ? 22   PRO A CD  1 
ATOM   84   N N   . SER A 1 23  ? 0.327   -12.136 -0.752  1.00 14.01 ? 23   SER A N   1 
ATOM   85   C CA  . SER A 1 23  ? 0.964   -12.855 0.337   1.00 16.48 ? 23   SER A CA  1 
ATOM   86   C C   . SER A 1 23  ? 0.353   -14.236 0.457   1.00 20.21 ? 23   SER A C   1 
ATOM   87   O O   . SER A 1 23  ? -0.766  -14.464 0.002   1.00 20.19 ? 23   SER A O   1 
ATOM   88   C CB  . SER A 1 23  ? 0.784   -12.111 1.656   1.00 18.80 ? 23   SER A CB  1 
ATOM   89   O OG  . SER A 1 23  ? 1.411   -12.829 2.703   1.00 25.40 ? 23   SER A OG  1 
ATOM   90   N N   . PHE A 1 24  ? 1.099   -15.151 1.068   1.00 23.08 ? 24   PHE A N   1 
ATOM   91   C CA  . PHE A 1 24  ? 0.619   -16.511 1.300   1.00 29.96 ? 24   PHE A CA  1 
ATOM   92   C C   . PHE A 1 24  ? 0.896   -16.933 2.738   1.00 28.76 ? 24   PHE A C   1 
ATOM   93   O O   . PHE A 1 24  ? 1.720   -17.814 2.985   1.00 34.21 ? 24   PHE A O   1 
ATOM   94   C CB  . PHE A 1 24  ? 1.291   -17.485 0.326   1.00 25.55 ? 24   PHE A CB  1 
ATOM   95   C CG  . PHE A 1 24  ? 1.168   -17.074 -1.113  1.00 24.31 ? 24   PHE A CG  1 
ATOM   96   C CD1 . PHE A 1 24  ? 2.119   -16.249 -1.696  1.00 24.06 ? 24   PHE A CD1 1 
ATOM   97   C CD2 . PHE A 1 24  ? 0.096   -17.495 -1.878  1.00 24.38 ? 24   PHE A CD2 1 
ATOM   98   C CE1 . PHE A 1 24  ? 2.009   -15.857 -3.014  1.00 22.58 ? 24   PHE A CE1 1 
ATOM   99   C CE2 . PHE A 1 24  ? -0.020  -17.101 -3.193  1.00 21.03 ? 24   PHE A CE2 1 
ATOM   100  C CZ  . PHE A 1 24  ? 0.938   -16.288 -3.764  1.00 19.78 ? 24   PHE A CZ  1 
ATOM   101  N N   . VAL A 1 28  ? -2.254  -14.148 7.582   1.00 26.26 ? 28   VAL A N   1 
ATOM   102  C CA  . VAL A 1 28  ? -2.827  -12.890 7.115   1.00 25.12 ? 28   VAL A CA  1 
ATOM   103  C C   . VAL A 1 28  ? -3.891  -12.361 8.066   1.00 26.26 ? 28   VAL A C   1 
ATOM   104  O O   . VAL A 1 28  ? -4.074  -11.147 8.176   1.00 21.12 ? 28   VAL A O   1 
ATOM   105  C CB  . VAL A 1 28  ? -3.450  -13.021 5.710   1.00 29.47 ? 28   VAL A CB  1 
ATOM   106  C CG1 . VAL A 1 28  ? -2.362  -13.143 4.651   1.00 26.54 ? 28   VAL A CG1 1 
ATOM   107  C CG2 . VAL A 1 28  ? -4.408  -14.211 5.655   1.00 28.80 ? 28   VAL A CG2 1 
ATOM   108  N N   . GLY A 1 29  ? -4.578  -13.269 8.759   1.00 26.22 ? 29   GLY A N   1 
ATOM   109  C CA  . GLY A 1 29  ? -5.665  -12.900 9.653   1.00 24.35 ? 29   GLY A CA  1 
ATOM   110  C C   . GLY A 1 29  ? -5.233  -12.415 11.022  1.00 27.45 ? 29   GLY A C   1 
ATOM   111  O O   . GLY A 1 29  ? -6.059  -11.958 11.821  1.00 30.53 ? 29   GLY A O   1 
ATOM   112  N N   . LYS A 1 30  ? -3.939  -12.516 11.305  1.00 24.44 ? 30   LYS A N   1 
ATOM   113  C CA  . LYS A 1 30  ? -3.396  -11.999 12.552  1.00 25.15 ? 30   LYS A CA  1 
ATOM   114  C C   . LYS A 1 30  ? -3.291  -10.480 12.474  1.00 24.98 ? 30   LYS A C   1 
ATOM   115  O O   . LYS A 1 30  ? -3.009  -9.920  11.409  1.00 18.05 ? 30   LYS A O   1 
ATOM   116  C CB  . LYS A 1 30  ? -1.997  -12.579 12.811  1.00 28.61 ? 30   LYS A CB  1 
ATOM   117  C CG  . LYS A 1 30  ? -1.900  -14.103 12.920  1.00 32.52 ? 30   LYS A CG  1 
ATOM   118  C CD  . LYS A 1 30  ? -0.426  -14.532 12.975  1.00 32.51 ? 30   LYS A CD  1 
ATOM   119  C CE  . LYS A 1 30  ? -0.240  -16.045 13.126  1.00 28.99 ? 30   LYS A CE  1 
ATOM   120  N NZ  . LYS A 1 30  ? -0.755  -16.815 11.957  1.00 30.63 ? 30   LYS A NZ  1 
ATOM   121  N N   . GLU A 1 31  ? -3.508  -9.800  13.593  1.00 25.54 ? 31   GLU A N   1 
ATOM   122  C CA  . GLU A 1 31  ? -3.203  -8.387  13.626  1.00 21.37 ? 31   GLU A CA  1 
ATOM   123  C C   . GLU A 1 31  ? -1.724  -8.301  13.283  1.00 20.92 ? 31   GLU A C   1 
ATOM   124  O O   . GLU A 1 31  ? -0.916  -9.089  13.790  1.00 21.37 ? 31   GLU A O   1 
ATOM   125  C CB  . GLU A 1 31  ? -3.499  -7.776  15.008  1.00 28.54 ? 31   GLU A CB  1 
ATOM   126  C CG  . GLU A 1 31  ? -4.989  -7.709  15.379  1.00 34.80 ? 31   GLU A CG  1 
ATOM   127  C CD  . GLU A 1 31  ? -5.479  -8.933  16.148  1.00 40.39 ? 31   GLU A CD  1 
ATOM   128  O OE1 . GLU A 1 31  ? -5.010  -10.057 15.851  1.00 42.21 ? 31   GLU A OE1 1 
ATOM   129  O OE2 . GLU A 1 31  ? -6.340  -8.771  17.050  1.00 32.09 ? 31   GLU A OE2 1 
ATOM   130  N N   . GLY A 1 32  ? -1.372  -7.387  12.384  1.00 15.95 ? 32   GLY A N   1 
ATOM   131  C CA  . GLY A 1 32  ? 0.009   -7.190  11.994  1.00 15.13 ? 32   GLY A CA  1 
ATOM   132  C C   . GLY A 1 32  ? 0.463   -8.087  10.854  1.00 12.10 ? 32   GLY A C   1 
ATOM   133  O O   . GLY A 1 32  ? 1.601   -7.995  10.410  1.00 16.44 ? 32   GLY A O   1 
ATOM   134  N N   . GLY A 1 33  ? -0.422  -8.957  10.379  1.00 9.59  ? 33   GLY A N   1 
ATOM   135  C CA  . GLY A 1 33  ? -0.093  -9.878  9.296   1.00 10.12 ? 33   GLY A CA  1 
ATOM   136  C C   . GLY A 1 33  ? -0.016  -9.253  7.906   1.00 10.65 ? 33   GLY A C   1 
ATOM   137  O O   . GLY A 1 33  ? -0.792  -8.362  7.570   1.00 8.80  ? 33   GLY A O   1 
ATOM   138  N N   . LEU A 1 34  ? 0.933   -9.715  7.093   1.00 9.09  ? 34   LEU A N   1 
ATOM   139  C CA  . LEU A 1 34  ? 1.090   -9.217  5.723   1.00 7.44  ? 34   LEU A CA  1 
ATOM   140  C C   . LEU A 1 34  ? -0.084  -9.618  4.823   1.00 8.51  ? 34   LEU A C   1 
ATOM   141  O O   . LEU A 1 34  ? -0.408  -10.811 4.687   1.00 11.76 ? 34   LEU A O   1 
ATOM   142  C CB  . LEU A 1 34  ? 2.392   -9.763  5.139   1.00 8.86  ? 34   LEU A CB  1 
ATOM   143  C CG  . LEU A 1 34  ? 2.720   -9.345  3.707   1.00 6.40  ? 34   LEU A CG  1 
ATOM   144  C CD1 . LEU A 1 34  ? 2.932   -7.849  3.686   1.00 7.81  ? 34   LEU A CD1 1 
ATOM   145  C CD2 . LEU A 1 34  ? 3.977   -10.084 3.216   1.00 11.62 ? 34   LEU A CD2 1 
ATOM   146  N N   . LEU A 1 35  ? -0.702  -8.616  4.199   1.00 7.59  ? 35   LEU A N   1 
ATOM   147  C CA  . LEU A 1 35  ? -1.819  -8.805  3.269   1.00 8.10  ? 35   LEU A CA  1 
ATOM   148  C C   . LEU A 1 35  ? -1.394  -8.739  1.803   1.00 8.40  ? 35   LEU A C   1 
ATOM   149  O O   . LEU A 1 35  ? -1.861  -9.539  0.981   1.00 11.25 ? 35   LEU A O   1 
ATOM   150  C CB  . LEU A 1 35  ? -2.896  -7.743  3.547   1.00 7.09  ? 35   LEU A CB  1 
ATOM   151  C CG  . LEU A 1 35  ? -3.504  -7.830  4.949   1.00 8.50  ? 35   LEU A CG  1 
ATOM   152  C CD1 . LEU A 1 35  ? -4.300  -6.571  5.244   1.00 10.39 ? 35   LEU A CD1 1 
ATOM   153  C CD2 . LEU A 1 35  ? -4.347  -9.074  5.129   1.00 14.29 ? 35   LEU A CD2 1 
ATOM   154  N N   . PHE A 1 36  ? -0.527  -7.790  1.467   1.00 6.79  ? 36   PHE A N   1 
ATOM   155  C CA  . PHE A 1 36  ? 0.048   -7.666  0.129   1.00 7.95  ? 36   PHE A CA  1 
ATOM   156  C C   . PHE A 1 36  ? 1.221   -6.703  0.218   1.00 9.17  ? 36   PHE A C   1 
ATOM   157  O O   . PHE A 1 36  ? 1.385   -6.028  1.242   1.00 6.91  ? 36   PHE A O   1 
ATOM   158  C CB  . PHE A 1 36  ? -0.998  -7.206  -0.916  1.00 8.83  ? 36   PHE A CB  1 
ATOM   159  C CG  . PHE A 1 36  ? -1.548  -5.807  -0.697  1.00 8.23  ? 36   PHE A CG  1 
ATOM   160  C CD1 . PHE A 1 36  ? -0.933  -4.713  -1.293  1.00 9.40  ? 36   PHE A CD1 1 
ATOM   161  C CD2 . PHE A 1 36  ? -2.704  -5.597  0.054   1.00 6.71  ? 36   PHE A CD2 1 
ATOM   162  C CE1 . PHE A 1 36  ? -1.438  -3.423  -1.133  1.00 9.48  ? 36   PHE A CE1 1 
ATOM   163  C CE2 . PHE A 1 36  ? -3.214  -4.291  0.233   1.00 8.35  ? 36   PHE A CE2 1 
ATOM   164  C CZ  . PHE A 1 36  ? -2.582  -3.218  -0.371  1.00 7.23  ? 36   PHE A CZ  1 
ATOM   165  N N   . SER A 1 37  ? 2.042   -6.650  -0.831  1.00 9.11  ? 37   SER A N   1 
ATOM   166  C CA  . SER A 1 37  ? 3.160   -5.728  -0.895  1.00 9.74  ? 37   SER A CA  1 
ATOM   167  C C   . SER A 1 37  ? 3.126   -4.942  -2.191  1.00 12.01 ? 37   SER A C   1 
ATOM   168  O O   . SER A 1 37  ? 2.541   -5.377  -3.187  1.00 12.49 ? 37   SER A O   1 
ATOM   169  C CB  . SER A 1 37  ? 4.501   -6.456  -0.792  1.00 9.88  ? 37   SER A CB  1 
ATOM   170  O OG  . SER A 1 37  ? 4.604   -7.210  0.410   1.00 13.99 ? 37   SER A OG  1 
ATOM   171  N N   . VAL A 1 38  ? 3.764   -3.783  -2.176  1.00 9.58  ? 38   VAL A N   1 
ATOM   172  C CA  . VAL A 1 38  ? 3.893   -2.957  -3.370  1.00 11.15 ? 38   VAL A CA  1 
ATOM   173  C C   . VAL A 1 38  ? 5.369   -2.660  -3.583  1.00 11.56 ? 38   VAL A C   1 
ATOM   174  O O   . VAL A 1 38  ? 6.032   -2.116  -2.687  1.00 10.89 ? 38   VAL A O   1 
ATOM   175  C CB  . VAL A 1 38  ? 3.157   -1.618  -3.204  1.00 10.32 ? 38   VAL A CB  1 
ATOM   176  C CG1 . VAL A 1 38  ? 3.360   -0.720  -4.435  1.00 10.90 ? 38   VAL A CG1 1 
ATOM   177  C CG2 . VAL A 1 38  ? 1.670   -1.840  -2.936  1.00 11.15 ? 38   VAL A CG2 1 
ATOM   178  N N   . SER A 1 39  ? 5.906   -3.038  -4.742  1.00 11.67 ? 39   SER A N   1 
ATOM   179  C CA  . SER A 1 39  ? 7.319   -2.796  -5.022  1.00 14.67 ? 39   SER A CA  1 
ATOM   180  C C   . SER A 1 39  ? 7.467   -1.893  -6.230  1.00 15.78 ? 39   SER A C   1 
ATOM   181  O O   . SER A 1 39  ? 6.696   -1.987  -7.185  1.00 15.90 ? 39   SER A O   1 
ATOM   182  C CB  . SER A 1 39  ? 8.067   -4.112  -5.262  1.00 20.59 ? 39   SER A CB  1 
ATOM   183  O OG  . SER A 1 39  ? 8.193   -4.857  -4.061  1.00 24.58 ? 39   SER A OG  1 
ATOM   184  N N   . LEU A 1 40  ? 8.448   -1.004  -6.181  1.00 15.46 ? 40   LEU A N   1 
ATOM   185  C CA  . LEU A 1 40  ? 8.663   -0.083  -7.291  1.00 15.19 ? 40   LEU A CA  1 
ATOM   186  C C   . LEU A 1 40  ? 10.108  0.397   -7.381  1.00 15.53 ? 40   LEU A C   1 
ATOM   187  O O   . LEU A 1 40  ? 10.867  0.304   -6.414  1.00 16.78 ? 40   LEU A O   1 
ATOM   188  C CB  . LEU A 1 40  ? 7.689   1.100   -7.194  1.00 15.42 ? 40   LEU A CB  1 
ATOM   189  C CG  . LEU A 1 40  ? 7.773   2.037   -5.984  1.00 15.27 ? 40   LEU A CG  1 
ATOM   190  C CD1 . LEU A 1 40  ? 8.869   3.074   -6.205  1.00 19.98 ? 40   LEU A CD1 1 
ATOM   191  C CD2 . LEU A 1 40  ? 6.436   2.732   -5.747  1.00 17.02 ? 40   LEU A CD2 1 
ATOM   192  N N   . THR A 1 41  ? 10.476  0.909   -8.556  1.00 17.80 ? 41   THR A N   1 
ATOM   193  C CA  . THR A 1 41  ? 11.792  1.484   -8.769  1.00 21.97 ? 41   THR A CA  1 
ATOM   194  C C   . THR A 1 41  ? 11.685  2.999   -8.674  1.00 19.61 ? 41   THR A C   1 
ATOM   195  O O   . THR A 1 41  ? 10.849  3.606   -9.336  1.00 21.18 ? 41   THR A O   1 
ATOM   196  C CB  . THR A 1 41  ? 12.349  1.103   -10.148 1.00 23.59 ? 41   THR A CB  1 
ATOM   197  O OG1 . THR A 1 41  ? 12.592  -0.308  -10.181 1.00 27.01 ? 41   THR A OG1 1 
ATOM   198  C CG2 . THR A 1 41  ? 13.651  1.839   -10.409 1.00 27.10 ? 41   THR A CG2 1 
ATOM   199  N N   . VAL A 1 42  ? 12.521  3.603   -7.840  1.00 18.92 ? 42   VAL A N   1 
ATOM   200  C CA  . VAL A 1 42  ? 12.458  5.041   -7.613  1.00 19.14 ? 42   VAL A CA  1 
ATOM   201  C C   . VAL A 1 42  ? 12.918  5.809   -8.855  1.00 19.78 ? 42   VAL A C   1 
ATOM   202  O O   . VAL A 1 42  ? 14.033  5.611   -9.328  1.00 21.56 ? 42   VAL A O   1 
ATOM   203  C CB  . VAL A 1 42  ? 13.309  5.440   -6.400  1.00 17.90 ? 42   VAL A CB  1 
ATOM   204  C CG1 . VAL A 1 42  ? 13.259  6.947   -6.190  1.00 16.98 ? 42   VAL A CG1 1 
ATOM   205  C CG2 . VAL A 1 42  ? 12.815  4.706   -5.147  1.00 17.26 ? 42   VAL A CG2 1 
ATOM   206  N N   . PRO A 1 43  ? 12.048  6.682   -9.396  1.00 20.79 ? 43   PRO A N   1 
ATOM   207  C CA  . PRO A 1 43  ? 12.411  7.470   -10.586 1.00 21.85 ? 43   PRO A CA  1 
ATOM   208  C C   . PRO A 1 43  ? 13.549  8.460   -10.349 1.00 22.29 ? 43   PRO A C   1 
ATOM   209  O O   . PRO A 1 43  ? 13.873  8.800   -9.213  1.00 18.16 ? 43   PRO A O   1 
ATOM   210  C CB  . PRO A 1 43  ? 11.131  8.258   -10.883 1.00 20.84 ? 43   PRO A CB  1 
ATOM   211  C CG  . PRO A 1 43  ? 10.025  7.445   -10.254 1.00 25.34 ? 43   PRO A CG  1 
ATOM   212  C CD  . PRO A 1 43  ? 10.639  6.881   -9.007  1.00 18.36 ? 43   PRO A CD  1 
ATOM   213  N N   . GLU A 1 44  ? 14.147  8.921   -11.444 1.00 23.16 ? 44   GLU A N   1 
ATOM   214  C CA  . GLU A 1 44  ? 15.104  10.013  -11.398 1.00 24.16 ? 44   GLU A CA  1 
ATOM   215  C C   . GLU A 1 44  ? 14.473  11.225  -10.728 1.00 22.96 ? 44   GLU A C   1 
ATOM   216  O O   . GLU A 1 44  ? 13.271  11.466  -10.865 1.00 25.22 ? 44   GLU A O   1 
ATOM   217  C CB  . GLU A 1 44  ? 15.510  10.410  -12.821 1.00 27.03 ? 44   GLU A CB  1 
ATOM   218  C CG  . GLU A 1 44  ? 15.985  9.268   -13.679 1.00 33.79 ? 44   GLU A CG  1 
ATOM   219  C CD  . GLU A 1 44  ? 17.491  9.225   -13.810 1.00 43.63 ? 44   GLU A CD  1 
ATOM   220  O OE1 . GLU A 1 44  ? 18.185  9.486   -12.801 1.00 44.96 ? 44   GLU A OE1 1 
ATOM   221  O OE2 . GLU A 1 44  ? 17.980  8.941   -14.926 1.00 41.51 ? 44   GLU A OE2 1 
ATOM   222  N N   . ASN A 1 45  ? 15.294  11.991  -10.016 1.00 25.24 ? 45   ASN A N   1 
ATOM   223  C CA  . ASN A 1 45  ? 14.857  13.261  -9.441  1.00 27.93 ? 45   ASN A CA  1 
ATOM   224  C C   . ASN A 1 45  ? 13.870  13.102  -8.282  1.00 23.74 ? 45   ASN A C   1 
ATOM   225  O O   . ASN A 1 45  ? 13.263  14.076  -7.851  1.00 27.28 ? 45   ASN A O   1 
ATOM   226  C CB  . ASN A 1 45  ? 14.238  14.161  -10.523 1.00 28.59 ? 45   ASN A CB  1 
ATOM   227  C CG  . ASN A 1 45  ? 15.194  14.445  -11.671 1.00 33.09 ? 45   ASN A CG  1 
ATOM   228  O OD1 . ASN A 1 45  ? 16.387  14.662  -11.462 1.00 33.01 ? 45   ASN A OD1 1 
ATOM   229  N ND2 . ASN A 1 45  ? 14.669  14.438  -12.894 1.00 32.13 ? 45   ASN A ND2 1 
ATOM   230  N N   . VAL A 1 46  ? 13.697  11.875  -7.793  1.00 21.22 ? 46   VAL A N   1 
ATOM   231  C CA  . VAL A 1 46  ? 12.774  11.630  -6.678  1.00 19.80 ? 46   VAL A CA  1 
ATOM   232  C C   . VAL A 1 46  ? 13.549  11.292  -5.414  1.00 20.15 ? 46   VAL A C   1 
ATOM   233  O O   . VAL A 1 46  ? 14.416  10.418  -5.435  1.00 20.70 ? 46   VAL A O   1 
ATOM   234  C CB  . VAL A 1 46  ? 11.780  10.488  -7.001  1.00 19.21 ? 46   VAL A CB  1 
ATOM   235  C CG1 . VAL A 1 46  ? 10.901  10.180  -5.789  1.00 15.72 ? 46   VAL A CG1 1 
ATOM   236  C CG2 . VAL A 1 46  ? 10.901  10.865  -8.184  1.00 21.21 ? 46   VAL A CG2 1 
ATOM   237  N N   . SER A 1 47  ? 13.233  11.976  -4.314  1.00 19.69 ? 47   SER A N   1 
ATOM   238  C CA  . SER A 1 47  ? 13.938  11.762  -3.050  1.00 21.39 ? 47   SER A CA  1 
ATOM   239  C C   . SER A 1 47  ? 13.066  11.160  -1.942  1.00 21.45 ? 47   SER A C   1 
ATOM   240  O O   . SER A 1 47  ? 13.579  10.782  -0.889  1.00 21.67 ? 47   SER A O   1 
ATOM   241  C CB  . SER A 1 47  ? 14.567  13.075  -2.558  1.00 20.38 ? 47   SER A CB  1 
ATOM   242  O OG  . SER A 1 47  ? 13.583  14.080  -2.390  1.00 25.01 ? 47   SER A OG  1 
ATOM   243  N N   . GLN A 1 48  ? 11.759  11.060  -2.181  1.00 15.73 ? 48   GLN A N   1 
ATOM   244  C CA  . GLN A 1 48  ? 10.840  10.509  -1.185  1.00 16.72 ? 48   GLN A CA  1 
ATOM   245  C C   . GLN A 1 48  ? 9.661   9.854   -1.893  1.00 16.79 ? 48   GLN A C   1 
ATOM   246  O O   . GLN A 1 48  ? 9.167   10.371  -2.894  1.00 16.44 ? 48   GLN A O   1 
ATOM   247  C CB  . GLN A 1 48  ? 10.338  11.609  -0.248  1.00 20.26 ? 48   GLN A CB  1 
ATOM   248  C CG  . GLN A 1 48  ? 9.700   11.112  1.047   1.00 22.28 ? 48   GLN A CG  1 
ATOM   249  C CD  . GLN A 1 48  ? 9.156   12.247  1.907   1.00 27.79 ? 48   GLN A CD  1 
ATOM   250  O OE1 . GLN A 1 48  ? 8.234   12.053  2.712   1.00 20.27 ? 48   GLN A OE1 1 
ATOM   251  N NE2 . GLN A 1 48  ? 9.732   13.438  1.750   1.00 27.15 ? 48   GLN A NE2 1 
ATOM   252  N N   . VAL A 1 49  ? 9.227   8.703   -1.386  1.00 13.65 ? 49   VAL A N   1 
ATOM   253  C CA  . VAL A 1 49  ? 8.076   8.008   -1.954  1.00 11.52 ? 49   VAL A CA  1 
ATOM   254  C C   . VAL A 1 49  ? 7.169   7.562   -0.826  1.00 12.43 ? 49   VAL A C   1 
ATOM   255  O O   . VAL A 1 49  ? 7.643   7.044   0.200   1.00 13.01 ? 49   VAL A O   1 
ATOM   256  C CB  . VAL A 1 49  ? 8.485   6.750   -2.770  1.00 12.41 ? 49   VAL A CB  1 
ATOM   257  C CG1 . VAL A 1 49  ? 7.240   5.979   -3.199  1.00 12.10 ? 49   VAL A CG1 1 
ATOM   258  C CG2 . VAL A 1 49  ? 9.310   7.143   -3.988  1.00 14.33 ? 49   VAL A CG2 1 
ATOM   259  N N   . THR A 1 50  ? 5.870   7.774   -1.000  1.00 10.44 ? 50   THR A N   1 
ATOM   260  C CA  . THR A 1 50  ? 4.887   7.220   -0.078  1.00 10.22 ? 50   THR A CA  1 
ATOM   261  C C   . THR A 1 50  ? 3.890   6.363   -0.843  1.00 10.80 ? 50   THR A C   1 
ATOM   262  O O   . THR A 1 50  ? 3.601   6.636   -2.002  1.00 10.73 ? 50   THR A O   1 
ATOM   263  C CB  . THR A 1 50  ? 4.153   8.331   0.709   1.00 11.45 ? 50   THR A CB  1 
ATOM   264  O OG1 . THR A 1 50  ? 3.183   7.722   1.567   1.00 12.21 ? 50   THR A OG1 1 
ATOM   265  C CG2 . THR A 1 50  ? 3.452   9.313   -0.243  1.00 12.83 ? 50   THR A CG2 1 
ATOM   266  N N   . VAL A 1 51  ? 3.407   5.298   -0.211  1.00 10.36 ? 51   VAL A N   1 
ATOM   267  C CA  . VAL A 1 51  ? 2.264   4.546   -0.718  1.00 8.77  ? 51   VAL A CA  1 
ATOM   268  C C   . VAL A 1 51  ? 1.264   4.538   0.416   1.00 10.10 ? 51   VAL A C   1 
ATOM   269  O O   . VAL A 1 51  ? 1.544   4.009   1.490   1.00 9.90  ? 51   VAL A O   1 
ATOM   270  C CB  . VAL A 1 51  ? 2.647   3.115   -1.129  1.00 10.21 ? 51   VAL A CB  1 
ATOM   271  C CG1 . VAL A 1 51  ? 1.408   2.351   -1.620  1.00 10.09 ? 51   VAL A CG1 1 
ATOM   272  C CG2 . VAL A 1 51  ? 3.719   3.136   -2.228  1.00 14.44 ? 51   VAL A CG2 1 
ATOM   273  N N   . TYR A 1 52  ? 0.110   5.151   0.197   1.00 11.53 ? 52   TYR A N   1 
ATOM   274  C CA  . TYR A 1 52  ? -0.830  5.329   1.285   1.00 13.55 ? 52   TYR A CA  1 
ATOM   275  C C   . TYR A 1 52  ? -2.255  5.024   0.867   1.00 13.71 ? 52   TYR A C   1 
ATOM   276  O O   . TYR A 1 52  ? -2.642  5.217   -0.291  1.00 11.59 ? 52   TYR A O   1 
ATOM   277  C CB  . TYR A 1 52  ? -0.727  6.748   1.862   1.00 15.45 ? 52   TYR A CB  1 
ATOM   278  C CG  . TYR A 1 52  ? -1.123  7.835   0.893   1.00 15.63 ? 52   TYR A CG  1 
ATOM   279  C CD1 . TYR A 1 52  ? -0.193  8.403   0.036   1.00 14.09 ? 52   TYR A CD1 1 
ATOM   280  C CD2 . TYR A 1 52  ? -2.434  8.293   0.833   1.00 17.35 ? 52   TYR A CD2 1 
ATOM   281  C CE1 . TYR A 1 52  ? -0.557  9.395   -0.858  1.00 17.29 ? 52   TYR A CE1 1 
ATOM   282  C CE2 . TYR A 1 52  ? -2.806  9.284   -0.056  1.00 20.67 ? 52   TYR A CE2 1 
ATOM   283  C CZ  . TYR A 1 52  ? -1.860  9.835   -0.896  1.00 16.29 ? 52   TYR A CZ  1 
ATOM   284  O OH  . TYR A 1 52  ? -2.220  10.823  -1.788  1.00 23.02 ? 52   TYR A OH  1 
ATOM   285  N N   . PRO A 1 53  ? -3.049  4.522   1.809   1.00 11.69 ? 53   PRO A N   1 
ATOM   286  C CA  . PRO A 1 53  ? -4.458  4.228   1.581   1.00 14.14 ? 53   PRO A CA  1 
ATOM   287  C C   . PRO A 1 53  ? -5.292  5.490   1.787   1.00 14.53 ? 53   PRO A C   1 
ATOM   288  O O   . PRO A 1 53  ? -4.832  6.470   2.379   1.00 18.21 ? 53   PRO A O   1 
ATOM   289  C CB  . PRO A 1 53  ? -4.763  3.193   2.660   1.00 14.40 ? 53   PRO A CB  1 
ATOM   290  C CG  . PRO A 1 53  ? -3.857  3.592   3.784   1.00 13.24 ? 53   PRO A CG  1 
ATOM   291  C CD  . PRO A 1 53  ? -2.600  4.106   3.152   1.00 13.99 ? 53   PRO A CD  1 
ATOM   292  N N   . VAL A 1 54  ? -6.517  5.462   1.305   1.00 18.78 ? 54   VAL A N   1 
ATOM   293  C CA  . VAL A 1 54  ? -7.325  6.673   1.336   1.00 19.79 ? 54   VAL A CA  1 
ATOM   294  C C   . VAL A 1 54  ? -8.697  6.434   1.924   1.00 22.21 ? 54   VAL A C   1 
ATOM   295  O O   . VAL A 1 54  ? -9.575  7.282   1.817   1.00 19.19 ? 54   VAL A O   1 
ATOM   296  C CB  . VAL A 1 54  ? -7.465  7.275   -0.062  1.00 18.63 ? 54   VAL A CB  1 
ATOM   297  C CG1 . VAL A 1 54  ? -6.112  7.751   -0.571  1.00 24.71 ? 54   VAL A CG1 1 
ATOM   298  C CG2 . VAL A 1 54  ? -8.095  6.263   -1.025  1.00 19.16 ? 54   VAL A CG2 1 
ATOM   299  N N   . TYR A 1 55  ? -8.887  5.284   2.554   1.00 18.42 ? 55   TYR A N   1 
ATOM   300  C CA  . TYR A 1 55  ? -10.105 5.061   3.317   1.00 16.68 ? 55   TYR A CA  1 
ATOM   301  C C   . TYR A 1 55  ? -10.143 6.090   4.440   1.00 21.93 ? 55   TYR A C   1 
ATOM   302  O O   . TYR A 1 55  ? -11.107 6.847   4.577   1.00 18.76 ? 55   TYR A O   1 
ATOM   303  C CB  . TYR A 1 55  ? -10.130 3.640   3.859   1.00 16.19 ? 55   TYR A CB  1 
ATOM   304  C CG  . TYR A 1 55  ? -11.213 3.375   4.864   1.00 20.15 ? 55   TYR A CG  1 
ATOM   305  C CD1 . TYR A 1 55  ? -12.551 3.403   4.500   1.00 22.94 ? 55   TYR A CD1 1 
ATOM   306  C CD2 . TYR A 1 55  ? -10.894 3.070   6.179   1.00 20.38 ? 55   TYR A CD2 1 
ATOM   307  C CE1 . TYR A 1 55  ? -13.546 3.141   5.428   1.00 24.37 ? 55   TYR A CE1 1 
ATOM   308  C CE2 . TYR A 1 55  ? -11.879 2.806   7.112   1.00 26.13 ? 55   TYR A CE2 1 
ATOM   309  C CZ  . TYR A 1 55  ? -13.203 2.846   6.733   1.00 25.77 ? 55   TYR A CZ  1 
ATOM   310  O OH  . TYR A 1 55  ? -14.182 2.582   7.672   1.00 30.79 ? 55   TYR A OH  1 
ATOM   311  N N   . ASP A 1 56  ? -9.084  6.117   5.244   1.00 19.85 ? 56   ASP A N   1 
ATOM   312  C CA  . ASP A 1 56  ? -8.850  7.234   6.157   1.00 18.68 ? 56   ASP A CA  1 
ATOM   313  C C   . ASP A 1 56  ? -7.479  7.807   5.863   1.00 19.08 ? 56   ASP A C   1 
ATOM   314  O O   . ASP A 1 56  ? -6.464  7.349   6.396   1.00 17.55 ? 56   ASP A O   1 
ATOM   315  C CB  . ASP A 1 56  ? -8.962  6.829   7.625   1.00 20.60 ? 56   ASP A CB  1 
ATOM   316  C CG  . ASP A 1 56  ? -8.894  8.028   8.558   1.00 22.83 ? 56   ASP A CG  1 
ATOM   317  O OD1 . ASP A 1 56  ? -8.015  8.897   8.356   1.00 23.99 ? 56   ASP A OD1 1 
ATOM   318  O OD2 . ASP A 1 56  ? -9.738  8.119   9.473   1.00 30.26 ? 56   ASP A OD2 1 
ATOM   319  N N   . GLU A 1 57  ? -7.460  8.814   5.003   1.00 19.69 ? 57   GLU A N   1 
ATOM   320  C CA  . GLU A 1 57  ? -6.219  9.396   4.533   1.00 16.42 ? 57   GLU A CA  1 
ATOM   321  C C   . GLU A 1 57  ? -5.393  10.023  5.662   1.00 20.97 ? 57   GLU A C   1 
ATOM   322  O O   . GLU A 1 57  ? -4.176  9.846   5.696   1.00 22.98 ? 57   GLU A O   1 
ATOM   323  C CB  . GLU A 1 57  ? -6.519  10.409  3.429   1.00 21.61 ? 57   GLU A CB  1 
ATOM   324  C CG  . GLU A 1 57  ? -5.310  10.979  2.738   1.00 24.83 ? 57   GLU A CG  1 
ATOM   325  C CD  . GLU A 1 57  ? -5.700  12.059  1.750   1.00 31.10 ? 57   GLU A CD  1 
ATOM   326  O OE1 . GLU A 1 57  ? -6.085  11.710  0.613   1.00 30.75 ? 57   GLU A OE1 1 
ATOM   327  O OE2 . GLU A 1 57  ? -5.644  13.253  2.122   1.00 33.66 ? 57   GLU A OE2 1 
ATOM   328  N N   . ASP A 1 58  ? -6.039  10.715  6.603   1.00 17.43 ? 58   ASP A N   1 
ATOM   329  C CA  . ASP A 1 58  ? -5.295  11.413  7.654   1.00 20.06 ? 58   ASP A CA  1 
ATOM   330  C C   . ASP A 1 58  ? -4.547  10.464  8.584   1.00 19.41 ? 58   ASP A C   1 
ATOM   331  O O   . ASP A 1 58  ? -3.476  10.803  9.105   1.00 20.06 ? 58   ASP A O   1 
ATOM   332  C CB  . ASP A 1 58  ? -6.216  12.324  8.463   1.00 23.28 ? 58   ASP A CB  1 
ATOM   333  C CG  . ASP A 1 58  ? -6.848  13.415  7.617   1.00 30.48 ? 58   ASP A CG  1 
ATOM   334  O OD1 . ASP A 1 58  ? -6.203  13.867  6.646   1.00 29.44 ? 58   ASP A OD1 1 
ATOM   335  O OD2 . ASP A 1 58  ? -7.993  13.814  7.927   1.00 34.13 ? 58   ASP A OD2 1 
ATOM   336  N N   . TYR A 1 59  ? -5.087  9.263   8.778   1.00 14.95 ? 59   TYR A N   1 
ATOM   337  C CA  . TYR A 1 59  ? -4.457  8.300   9.684   1.00 14.25 ? 59   TYR A CA  1 
ATOM   338  C C   . TYR A 1 59  ? -3.826  7.097   8.986   1.00 12.32 ? 59   TYR A C   1 
ATOM   339  O O   . TYR A 1 59  ? -3.369  6.164   9.637   1.00 12.28 ? 59   TYR A O   1 
ATOM   340  C CB  . TYR A 1 59  ? -5.439  7.855   10.772  1.00 13.27 ? 59   TYR A CB  1 
ATOM   341  C CG  . TYR A 1 59  ? -5.680  8.948   11.780  1.00 22.22 ? 59   TYR A CG  1 
ATOM   342  C CD1 . TYR A 1 59  ? -6.608  9.951   11.534  1.00 22.45 ? 59   TYR A CD1 1 
ATOM   343  C CD2 . TYR A 1 59  ? -4.954  8.995   12.964  1.00 24.31 ? 59   TYR A CD2 1 
ATOM   344  C CE1 . TYR A 1 59  ? -6.827  10.969  12.457  1.00 23.41 ? 59   TYR A CE1 1 
ATOM   345  C CE2 . TYR A 1 59  ? -5.164  10.007  13.894  1.00 27.73 ? 59   TYR A CE2 1 
ATOM   346  C CZ  . TYR A 1 59  ? -6.103  10.986  13.634  1.00 25.80 ? 59   TYR A CZ  1 
ATOM   347  O OH  . TYR A 1 59  ? -6.318  11.992  14.554  1.00 36.49 ? 59   TYR A OH  1 
ATOM   348  N N   . GLY A 1 60  ? -3.801  7.123   7.662   1.00 12.20 ? 60   GLY A N   1 
ATOM   349  C CA  . GLY A 1 60  ? -3.137  6.086   6.884   1.00 9.95  ? 60   GLY A CA  1 
ATOM   350  C C   . GLY A 1 60  ? -3.794  4.715   6.958   1.00 8.30  ? 60   GLY A C   1 
ATOM   351  O O   . GLY A 1 60  ? -3.096  3.699   7.051   1.00 11.13 ? 60   GLY A O   1 
ATOM   352  N N   . LEU A 1 61  ? -5.129  4.680   6.951   1.00 8.55  ? 61   LEU A N   1 
ATOM   353  C CA  . LEU A 1 61  ? -5.860  3.418   7.025   1.00 8.89  ? 61   LEU A CA  1 
ATOM   354  C C   . LEU A 1 61  ? -6.559  3.135   5.705   1.00 9.81  ? 61   LEU A C   1 
ATOM   355  O O   . LEU A 1 61  ? -7.106  4.039   5.061   1.00 10.31 ? 61   LEU A O   1 
ATOM   356  C CB  . LEU A 1 61  ? -6.889  3.422   8.166   1.00 11.12 ? 61   LEU A CB  1 
ATOM   357  C CG  . LEU A 1 61  ? -6.315  3.655   9.565   1.00 13.39 ? 61   LEU A CG  1 
ATOM   358  C CD1 . LEU A 1 61  ? -7.427  3.544   10.614  1.00 15.44 ? 61   LEU A CD1 1 
ATOM   359  C CD2 . LEU A 1 61  ? -5.182  2.689   9.887   1.00 13.15 ? 61   LEU A CD2 1 
ATOM   360  N N   . GLY A 1 62  ? -6.517  1.870   5.308   1.00 6.99  ? 62   GLY A N   1 
ATOM   361  C CA  . GLY A 1 62  ? -7.184  1.388   4.109   1.00 9.05  ? 62   GLY A CA  1 
ATOM   362  C C   . GLY A 1 62  ? -8.258  0.373   4.464   1.00 9.27  ? 62   GLY A C   1 
ATOM   363  O O   . GLY A 1 62  ? -8.343  -0.124  5.592   1.00 7.90  ? 62   GLY A O   1 
ATOM   364  N N   . ARG A 1 63  ? -9.100  0.047   3.488   1.00 8.89  ? 63   ARG A N   1 
ATOM   365  C CA  . ARG A 1 63  ? -10.154 -0.933  3.700   1.00 9.71  ? 63   ARG A CA  1 
ATOM   366  C C   . ARG A 1 63  ? -10.246 -1.844  2.479   1.00 9.29  ? 63   ARG A C   1 
ATOM   367  O O   . ARG A 1 63  ? -10.756 -1.446  1.421   1.00 10.52 ? 63   ARG A O   1 
ATOM   368  C CB  . ARG A 1 63  ? -11.494 -0.230  3.971   1.00 10.70 ? 63   ARG A CB  1 
ATOM   369  C CG  . ARG A 1 63  ? -12.696 -1.172  4.028   1.00 12.63 ? 63   ARG A CG  1 
ATOM   370  C CD  . ARG A 1 63  ? -14.000 -0.370  3.979   1.00 22.15 ? 63   ARG A CD  1 
ATOM   371  N NE  . ARG A 1 63  ? -15.179 -1.227  4.066   1.00 18.22 ? 63   ARG A NE  1 
ATOM   372  C CZ  . ARG A 1 63  ? -16.421 -0.818  3.822   1.00 24.06 ? 63   ARG A CZ  1 
ATOM   373  N NH1 . ARG A 1 63  ? -16.648 0.441   3.469   1.00 28.15 ? 63   ARG A NH1 1 
ATOM   374  N NH2 . ARG A 1 63  ? -17.431 -1.668  3.926   1.00 25.97 ? 63   ARG A NH2 1 
ATOM   375  N N   . LEU A 1 64  ? -9.706  -3.052  2.596   1.00 6.85  ? 64   LEU A N   1 
ATOM   376  C CA  . LEU A 1 64  ? -9.892  -4.044  1.531   1.00 7.83  ? 64   LEU A CA  1 
ATOM   377  C C   . LEU A 1 64  ? -11.299 -4.606  1.640   1.00 8.47  ? 64   LEU A C   1 
ATOM   378  O O   . LEU A 1 64  ? -11.747 -4.953  2.729   1.00 9.76  ? 64   LEU A O   1 
ATOM   379  C CB  . LEU A 1 64  ? -8.877  -5.180  1.665   1.00 8.13  ? 64   LEU A CB  1 
ATOM   380  C CG  . LEU A 1 64  ? -7.436  -4.901  1.249   1.00 8.02  ? 64   LEU A CG  1 
ATOM   381  C CD1 . LEU A 1 64  ? -6.508  -5.914  1.904   1.00 12.70 ? 64   LEU A CD1 1 
ATOM   382  C CD2 . LEU A 1 64  ? -7.304  -4.988  -0.284  1.00 7.60  ? 64   LEU A CD2 1 
ATOM   383  N N   . VAL A 1 65  ? -12.013 -4.680  0.516   1.00 9.12  ? 65   VAL A N   1 
ATOM   384  C CA  . VAL A 1 65  ? -13.346 -5.289  0.517   1.00 8.34  ? 65   VAL A CA  1 
ATOM   385  C C   . VAL A 1 65  ? -13.389 -6.521  -0.392  1.00 7.79  ? 65   VAL A C   1 
ATOM   386  O O   . VAL A 1 65  ? -12.858 -6.503  -1.506  1.00 8.27  ? 65   VAL A O   1 
ATOM   387  C CB  . VAL A 1 65  ? -14.428 -4.254  0.122   1.00 10.07 ? 65   VAL A CB  1 
ATOM   388  C CG1 . VAL A 1 65  ? -15.829 -4.872  0.177   1.00 12.34 ? 65   VAL A CG1 1 
ATOM   389  C CG2 . VAL A 1 65  ? -14.356 -3.043  1.043   1.00 11.85 ? 65   VAL A CG2 1 
ATOM   390  N N   . ASN A 1 66  ? -14.020 -7.587  0.083   1.00 9.04  ? 66   ASN A N   1 
ATOM   391  C CA  . ASN A 1 66  ? -14.184 -8.798  -0.714  1.00 8.91  ? 66   ASN A CA  1 
ATOM   392  C C   . ASN A 1 66  ? -15.075 -8.484  -1.925  1.00 9.61  ? 66   ASN A C   1 
ATOM   393  O O   . ASN A 1 66  ? -16.226 -8.035  -1.773  1.00 11.76 ? 66   ASN A O   1 
ATOM   394  C CB  . ASN A 1 66  ? -14.814 -9.877  0.169   1.00 9.61  ? 66   ASN A CB  1 
ATOM   395  C CG  . ASN A 1 66  ? -14.847 -11.234 -0.486  1.00 11.29 ? 66   ASN A CG  1 
ATOM   396  O OD1 . ASN A 1 66  ? -15.115 -11.355 -1.683  1.00 11.57 ? 66   ASN A OD1 1 
ATOM   397  N ND2 . ASN A 1 66  ? -14.536 -12.273 0.288   1.00 13.10 ? 66   ASN A ND2 1 
ATOM   398  N N   . THR A 1 67  ? -14.546 -8.712  -3.123  1.00 8.28  ? 67   THR A N   1 
ATOM   399  C CA  . THR A 1 67  ? -15.282 -8.369  -4.339  1.00 8.40  ? 67   THR A CA  1 
ATOM   400  C C   . THR A 1 67  ? -16.594 -9.142  -4.453  1.00 10.35 ? 67   THR A C   1 
ATOM   401  O O   . THR A 1 67  ? -17.544 -8.652  -5.073  1.00 9.85  ? 67   THR A O   1 
ATOM   402  C CB  . THR A 1 67  ? -14.440 -8.622  -5.590  1.00 13.53 ? 67   THR A CB  1 
ATOM   403  O OG1 . THR A 1 67  ? -14.082 -10.004 -5.644  1.00 18.70 ? 67   THR A OG1 1 
ATOM   404  C CG2 . THR A 1 67  ? -13.191 -7.768  -5.554  1.00 9.95  ? 67   THR A CG2 1 
ATOM   405  N N   . ALA A 1 68  ? -16.644 -10.329 -3.851  1.00 9.20  ? 68   ALA A N   1 
ATOM   406  C CA  . ALA A 1 68  ? -17.802 -11.223 -3.947  1.00 9.10  ? 68   ALA A CA  1 
ATOM   407  C C   . ALA A 1 68  ? -18.652 -11.179 -2.694  1.00 10.15 ? 68   ALA A C   1 
ATOM   408  O O   . ALA A 1 68  ? -19.604 -11.947 -2.548  1.00 12.32 ? 68   ALA A O   1 
ATOM   409  C CB  . ALA A 1 68  ? -17.345 -12.652 -4.205  1.00 9.03  ? 68   ALA A CB  1 
ATOM   410  N N   . ASP A 1 69  ? -18.315 -10.297 -1.759  1.00 10.06 ? 69   ASP A N   1 
ATOM   411  C CA  . ASP A 1 69  ? -19.112 -10.176 -0.542  1.00 12.59 ? 69   ASP A CA  1 
ATOM   412  C C   . ASP A 1 69  ? -18.854 -8.850  0.160   1.00 14.98 ? 69   ASP A C   1 
ATOM   413  O O   . ASP A 1 69  ? -17.863 -8.692  0.885   1.00 12.61 ? 69   ASP A O   1 
ATOM   414  C CB  . ASP A 1 69  ? -18.848 -11.348 0.406   1.00 14.22 ? 69   ASP A CB  1 
ATOM   415  C CG  . ASP A 1 69  ? -19.764 -11.332 1.621   1.00 19.77 ? 69   ASP A CG  1 
ATOM   416  O OD1 . ASP A 1 69  ? -20.432 -10.300 1.855   1.00 22.58 ? 69   ASP A OD1 1 
ATOM   417  O OD2 . ASP A 1 69  ? -19.811 -12.349 2.339   1.00 25.86 ? 69   ASP A OD2 1 
ATOM   418  N N   . ASP A 1 70  ? -19.765 -7.913  -0.087  1.00 17.38 ? 70   ASP A N   1 
ATOM   419  C CA  . ASP A 1 70  ? -19.816 -6.578  0.507   1.00 23.82 ? 70   ASP A CA  1 
ATOM   420  C C   . ASP A 1 70  ? -19.530 -6.497  1.991   1.00 13.67 ? 70   ASP A C   1 
ATOM   421  O O   . ASP A 1 70  ? -19.030 -5.472  2.477   1.00 17.85 ? 70   ASP A O   1 
ATOM   422  C CB  . ASP A 1 70  ? -21.238 -6.043  0.329   1.00 26.61 ? 70   ASP A CB  1 
ATOM   423  C CG  . ASP A 1 70  ? -21.382 -5.178  -0.877  1.00 31.51 ? 70   ASP A CG  1 
ATOM   424  O OD1 . ASP A 1 70  ? -20.449 -5.148  -1.708  1.00 36.70 ? 70   ASP A OD1 1 
ATOM   425  O OD2 . ASP A 1 70  ? -22.437 -4.525  -0.984  1.00 31.93 ? 70   ASP A OD2 1 
ATOM   426  N N   . SER A 1 71  ? -19.904 -7.545  2.715   1.00 17.38 ? 71   SER A N   1 
ATOM   427  C CA  . SER A 1 71  ? -19.939 -7.510  4.178   1.00 21.98 ? 71   SER A CA  1 
ATOM   428  C C   . SER A 1 71  ? -18.609 -7.902  4.809   1.00 19.88 ? 71   SER A C   1 
ATOM   429  O O   . SER A 1 71  ? -18.462 -7.892  6.035   1.00 20.37 ? 71   SER A O   1 
ATOM   430  C CB  . SER A 1 71  ? -21.050 -8.435  4.700   1.00 19.35 ? 71   SER A CB  1 
ATOM   431  O OG  . SER A 1 71  ? -20.672 -9.798  4.614   1.00 25.06 ? 71   SER A OG  1 
ATOM   432  N N   . GLN A 1 72  ? -17.635 -8.233  3.970   1.00 14.74 ? 72   GLN A N   1 
ATOM   433  C CA  . GLN A 1 72  ? -16.335 -8.706  4.447   1.00 13.68 ? 72   GLN A CA  1 
ATOM   434  C C   . GLN A 1 72  ? -15.237 -7.713  4.063   1.00 11.61 ? 72   GLN A C   1 
ATOM   435  O O   . GLN A 1 72  ? -14.939 -7.537  2.878   1.00 12.07 ? 72   GLN A O   1 
ATOM   436  C CB  . GLN A 1 72  ? -16.015 -10.083 3.855   1.00 14.95 ? 72   GLN A CB  1 
ATOM   437  C CG  . GLN A 1 72  ? -16.970 -11.201 4.274   1.00 19.25 ? 72   GLN A CG  1 
ATOM   438  C CD  . GLN A 1 72  ? -16.812 -11.593 5.739   1.00 24.60 ? 72   GLN A CD  1 
ATOM   439  O OE1 . GLN A 1 72  ? -15.838 -11.212 6.400   1.00 28.84 ? 72   GLN A OE1 1 
ATOM   440  N NE2 . GLN A 1 72  ? -17.768 -12.363 6.251   1.00 32.18 ? 72   GLN A NE2 1 
ATOM   441  N N   . SER A 1 73  ? -14.668 -7.048  5.071   1.00 11.31 ? 73   SER A N   1 
ATOM   442  C CA  . SER A 1 73  ? -13.633 -6.032  4.890   1.00 10.61 ? 73   SER A CA  1 
ATOM   443  C C   . SER A 1 73  ? -12.453 -6.317  5.808   1.00 12.04 ? 73   SER A C   1 
ATOM   444  O O   . SER A 1 73  ? -12.586 -6.983  6.827   1.00 12.26 ? 73   SER A O   1 
ATOM   445  C CB  . SER A 1 73  ? -14.148 -4.638  5.270   1.00 12.06 ? 73   SER A CB  1 
ATOM   446  O OG  . SER A 1 73  ? -15.144 -4.160  4.369   1.00 19.75 ? 73   SER A OG  1 
ATOM   447  N N   . ILE A 1 74  ? -11.304 -5.767  5.437   1.00 7.88  ? 74   ILE A N   1 
ATOM   448  C CA  . ILE A 1 74  ? -10.091 -5.871  6.240   1.00 7.75  ? 74   ILE A CA  1 
ATOM   449  C C   . ILE A 1 74  ? -9.492  -4.468  6.314   1.00 7.91  ? 74   ILE A C   1 
ATOM   450  O O   . ILE A 1 74  ? -9.160  -3.866  5.286   1.00 7.23  ? 74   ILE A O   1 
ATOM   451  C CB  . ILE A 1 74  ? -9.041  -6.795  5.587   1.00 6.99  ? 74   ILE A CB  1 
ATOM   452  C CG1 . ILE A 1 74  ? -9.652  -8.111  5.094   1.00 10.24 ? 74   ILE A CG1 1 
ATOM   453  C CG2 . ILE A 1 74  ? -7.909  -7.075  6.580   1.00 9.97  ? 74   ILE A CG2 1 
ATOM   454  C CD1 . ILE A 1 74  ? -8.724  -8.885  4.112   1.00 9.42  ? 74   ILE A CD1 1 
ATOM   455  N N   . ILE A 1 75  ? -9.394  -3.922  7.530   1.00 8.84  ? 75   ILE A N   1 
ATOM   456  C CA  . ILE A 1 75  ? -8.729  -2.639  7.737   1.00 7.47  ? 75   ILE A CA  1 
ATOM   457  C C   . ILE A 1 75  ? -7.222  -2.883  7.794   1.00 6.56  ? 75   ILE A C   1 
ATOM   458  O O   . ILE A 1 75  ? -6.793  -3.898  8.341   1.00 7.99  ? 75   ILE A O   1 
ATOM   459  C CB  . ILE A 1 75  ? -9.218  -1.945  9.039   1.00 8.42  ? 75   ILE A CB  1 
ATOM   460  C CG1 . ILE A 1 75  ? -10.740 -1.772  9.012   1.00 12.97 ? 75   ILE A CG1 1 
ATOM   461  C CG2 . ILE A 1 75  ? -8.510  -0.606  9.236   1.00 9.36  ? 75   ILE A CG2 1 
ATOM   462  C CD1 . ILE A 1 75  ? -11.238 -0.942  7.867   1.00 16.28 ? 75   ILE A CD1 1 
ATOM   463  N N   . TYR A 1 76  ? -6.430  -2.003  7.178   1.00 6.02  ? 76   TYR A N   1 
ATOM   464  C CA  . TYR A 1 76  ? -4.973  -2.189  7.130   1.00 6.86  ? 76   TYR A CA  1 
ATOM   465  C C   . TYR A 1 76  ? -4.227  -0.852  7.127   1.00 7.21  ? 76   TYR A C   1 
ATOM   466  O O   . TYR A 1 76  ? -4.823  0.220   6.913   1.00 6.35  ? 76   TYR A O   1 
ATOM   467  C CB  . TYR A 1 76  ? -4.578  -3.038  5.894   1.00 6.27  ? 76   TYR A CB  1 
ATOM   468  C CG  . TYR A 1 76  ? -4.781  -2.353  4.552   1.00 5.89  ? 76   TYR A CG  1 
ATOM   469  C CD1 . TYR A 1 76  ? -6.020  -2.371  3.922   1.00 6.39  ? 76   TYR A CD1 1 
ATOM   470  C CD2 . TYR A 1 76  ? -3.731  -1.710  3.919   1.00 7.59  ? 76   TYR A CD2 1 
ATOM   471  C CE1 . TYR A 1 76  ? -6.204  -1.741  2.708   1.00 7.69  ? 76   TYR A CE1 1 
ATOM   472  C CE2 . TYR A 1 76  ? -3.906  -1.087  2.687   1.00 8.20  ? 76   TYR A CE2 1 
ATOM   473  C CZ  . TYR A 1 76  ? -5.150  -1.100  2.104   1.00 8.08  ? 76   TYR A CZ  1 
ATOM   474  O OH  . TYR A 1 76  ? -5.334  -0.479  0.886   1.00 9.25  ? 76   TYR A OH  1 
ATOM   475  N N   . GLN A 1 77  ? -2.921  -0.918  7.373   1.00 5.72  ? 77   GLN A N   1 
ATOM   476  C CA  . GLN A 1 77  ? -2.012  0.211   7.197   1.00 6.37  ? 77   GLN A CA  1 
ATOM   477  C C   . GLN A 1 77  ? -0.894  -0.209  6.256   1.00 6.59  ? 77   GLN A C   1 
ATOM   478  O O   . GLN A 1 77  ? -0.686  -1.405  6.046   1.00 7.10  ? 77   GLN A O   1 
ATOM   479  C CB  . GLN A 1 77  ? -1.385  0.646   8.535   1.00 7.63  ? 77   GLN A CB  1 
ATOM   480  C CG  . GLN A 1 77  ? -0.595  -0.433  9.251   1.00 9.38  ? 77   GLN A CG  1 
ATOM   481  C CD  . GLN A 1 77  ? 0.035   0.061   10.537  1.00 18.16 ? 77   GLN A CD  1 
ATOM   482  O OE1 . GLN A 1 77  ? 0.534   1.191   10.611  1.00 18.59 ? 77   GLN A OE1 1 
ATOM   483  N NE2 . GLN A 1 77  ? -0.009  -0.774  11.569  1.00 19.14 ? 77   GLN A NE2 1 
ATOM   484  N N   . ILE A 1 78  ? -0.225  0.762   5.656   1.00 6.15  ? 78   ILE A N   1 
ATOM   485  C CA  . ILE A 1 78  ? 0.903   0.475   4.767   1.00 6.33  ? 78   ILE A CA  1 
ATOM   486  C C   . ILE A 1 78  ? 2.169   0.978   5.410   1.00 6.33  ? 78   ILE A C   1 
ATOM   487  O O   . ILE A 1 78  ? 2.256   2.146   5.810   1.00 7.68  ? 78   ILE A O   1 
ATOM   488  C CB  . ILE A 1 78  ? 0.719   1.092   3.368   1.00 6.22  ? 78   ILE A CB  1 
ATOM   489  C CG1 . ILE A 1 78  ? -0.566  0.541   2.739   1.00 8.12  ? 78   ILE A CG1 1 
ATOM   490  C CG2 . ILE A 1 78  ? 1.948   0.806   2.478   1.00 9.89  ? 78   ILE A CG2 1 
ATOM   491  C CD1 . ILE A 1 78  ? -0.886  1.146   1.367   1.00 9.31  ? 78   ILE A CD1 1 
ATOM   492  N N   . VAL A 1 79  ? 3.156   0.092   5.511   1.00 7.33  ? 79   VAL A N   1 
ATOM   493  C CA  . VAL A 1 79  ? 4.443   0.434   6.121   1.00 7.16  ? 79   VAL A CA  1 
ATOM   494  C C   . VAL A 1 79  ? 5.618   0.341   5.163   1.00 9.06  ? 79   VAL A C   1 
ATOM   495  O O   . VAL A 1 79  ? 5.571   -0.382  4.152   1.00 8.68  ? 79   VAL A O   1 
ATOM   496  C CB  . VAL A 1 79  ? 4.748   -0.428  7.384   1.00 7.04  ? 79   VAL A CB  1 
ATOM   497  C CG1 . VAL A 1 79  ? 3.650   -0.256  8.437   1.00 8.20  ? 79   VAL A CG1 1 
ATOM   498  C CG2 . VAL A 1 79  ? 4.913   -1.911  7.024   1.00 8.07  ? 79   VAL A CG2 1 
ATOM   499  N N   . ASP A 1 80  ? 6.685   1.067   5.484   1.00 8.23  ? 80   ASP A N   1 
ATOM   500  C CA  . ASP A 1 80  ? 7.930   0.954   4.720   1.00 10.68 ? 80   ASP A CA  1 
ATOM   501  C C   . ASP A 1 80  ? 8.787   -0.193  5.271   1.00 11.21 ? 80   ASP A C   1 
ATOM   502  O O   . ASP A 1 80  ? 8.336   -0.968  6.122   1.00 10.18 ? 80   ASP A O   1 
ATOM   503  C CB  . ASP A 1 80  ? 8.702   2.279   4.671   1.00 11.52 ? 80   ASP A CB  1 
ATOM   504  C CG  . ASP A 1 80  ? 9.261   2.712   6.021   1.00 14.63 ? 80   ASP A CG  1 
ATOM   505  O OD1 . ASP A 1 80  ? 9.204   1.947   6.990   1.00 10.93 ? 80   ASP A OD1 1 
ATOM   506  O OD2 . ASP A 1 80  ? 9.790   3.840   6.081   1.00 18.13 ? 80   ASP A OD2 1 
ATOM   507  N N   . ASP A 1 81  ? 10.024  -0.318  4.795   1.00 12.02 ? 81   ASP A N   1 
ATOM   508  C CA  . ASP A 1 81  ? 10.833  -1.467  5.195   1.00 12.76 ? 81   ASP A CA  1 
ATOM   509  C C   . ASP A 1 81  ? 11.349  -1.415  6.634   1.00 14.52 ? 81   ASP A C   1 
ATOM   510  O O   . ASP A 1 81  ? 11.880  -2.405  7.139   1.00 14.92 ? 81   ASP A O   1 
ATOM   511  C CB  . ASP A 1 81  ? 11.984  -1.727  4.208   1.00 15.51 ? 81   ASP A CB  1 
ATOM   512  C CG  . ASP A 1 81  ? 12.833  -0.497  3.952   1.00 22.43 ? 81   ASP A CG  1 
ATOM   513  O OD1 . ASP A 1 81  ? 13.065  0.287   4.894   1.00 25.24 ? 81   ASP A OD1 1 
ATOM   514  O OD2 . ASP A 1 81  ? 13.272  -0.310  2.793   1.00 29.21 ? 81   ASP A OD2 1 
ATOM   515  N N   . LYS A 1 82  ? 11.160  -0.276  7.303   1.00 15.19 ? 82   LYS A N   1 
ATOM   516  C CA  . LYS A 1 82  ? 11.491  -0.168  8.718   1.00 18.24 ? 82   LYS A CA  1 
ATOM   517  C C   . LYS A 1 82  ? 10.239  -0.266  9.587   1.00 15.71 ? 82   LYS A C   1 
ATOM   518  O O   . LYS A 1 82  ? 10.303  -0.096  10.805  1.00 16.58 ? 82   LYS A O   1 
ATOM   519  C CB  . LYS A 1 82  ? 12.241  1.138   9.011   1.00 18.52 ? 82   LYS A CB  1 
ATOM   520  C CG  . LYS A 1 82  ? 13.680  1.145   8.506   1.00 25.23 ? 82   LYS A CG  1 
ATOM   521  C CD  . LYS A 1 82  ? 14.376  -0.169  8.861   1.00 28.10 ? 82   LYS A CD  1 
ATOM   522  C CE  . LYS A 1 82  ? 15.883  -0.118  8.597   1.00 32.46 ? 82   LYS A CE  1 
ATOM   523  N NZ  . LYS A 1 82  ? 16.617  0.599   9.681   1.00 35.72 ? 82   LYS A NZ  1 
ATOM   524  N N   . GLY A 1 83  ? 9.099   -0.544  8.956   1.00 13.32 ? 83   GLY A N   1 
ATOM   525  C CA  . GLY A 1 83  ? 7.858   -0.752  9.684   1.00 12.41 ? 83   GLY A CA  1 
ATOM   526  C C   . GLY A 1 83  ? 7.137   0.526   10.074  1.00 11.59 ? 83   GLY A C   1 
ATOM   527  O O   . GLY A 1 83  ? 6.271   0.501   10.951  1.00 15.13 ? 83   GLY A O   1 
ATOM   528  N N   . ARG A 1 84  ? 7.497   1.628   9.429   1.00 9.86  ? 84   ARG A N   1 
ATOM   529  C CA  . ARG A 1 84  ? 6.877   2.933   9.656   1.00 10.92 ? 84   ARG A CA  1 
ATOM   530  C C   . ARG A 1 84  ? 5.651   3.115   8.771   1.00 12.21 ? 84   ARG A C   1 
ATOM   531  O O   . ARG A 1 84  ? 5.739   2.963   7.552   1.00 10.72 ? 84   ARG A O   1 
ATOM   532  C CB  . ARG A 1 84  ? 7.870   4.041   9.341   1.00 13.58 ? 84   ARG A CB  1 
ATOM   533  N N   . LYS A 1 85  ? 4.523   3.469   9.382   1.00 9.01  ? 85   LYS A N   1 
ATOM   534  C CA  . LYS A 1 85  ? 3.298   3.748   8.624   1.00 8.82  ? 85   LYS A CA  1 
ATOM   535  C C   . LYS A 1 85  ? 3.441   4.911   7.649   1.00 9.74  ? 85   LYS A C   1 
ATOM   536  O O   . LYS A 1 85  ? 3.916   5.994   8.011   1.00 11.29 ? 85   LYS A O   1 
ATOM   537  C CB  . LYS A 1 85  ? 2.128   4.005   9.565   1.00 7.64  ? 85   LYS A CB  1 
ATOM   538  C CG  . LYS A 1 85  ? 0.796   4.257   8.817   1.00 8.36  ? 85   LYS A CG  1 
ATOM   539  C CD  . LYS A 1 85  ? -0.409  4.173   9.749   1.00 13.21 ? 85   LYS A CD  1 
ATOM   540  C CE  . LYS A 1 85  ? -0.384  5.276   10.779  1.00 14.53 ? 85   LYS A CE  1 
ATOM   541  N NZ  . LYS A 1 85  ? -1.604  5.163   11.638  1.00 14.06 ? 85   LYS A NZ  1 
ATOM   542  N N   . MET A 1 86  ? 2.999   4.691   6.409   1.00 7.91  ? 86   MET A N   1 
ATOM   543  C CA  . MET A 1 86  ? 3.049   5.730   5.381   1.00 8.40  ? 86   MET A CA  1 
ATOM   544  C C   . MET A 1 86  ? 1.776   6.571   5.363   1.00 9.62  ? 86   MET A C   1 
ATOM   545  O O   . MET A 1 86  ? 0.681   6.049   5.590   1.00 10.42 ? 86   MET A O   1 
ATOM   546  C CB  . MET A 1 86  ? 3.214   5.082   4.005   1.00 10.28 ? 86   MET A CB  1 
ATOM   547  C CG  . MET A 1 86  ? 4.460   4.209   3.857   1.00 11.37 ? 86   MET A CG  1 
ATOM   548  S SD  . MET A 1 86  ? 6.012   5.127   3.669   1.00 15.38 ? 86   MET A SD  1 
ATOM   549  C CE  . MET A 1 86  ? 6.467   5.431   5.368   1.00 13.48 ? 86   MET A CE  1 
ATOM   550  N N   . LEU A 1 87  ? 1.931   7.866   5.082   1.00 11.48 ? 87   LEU A N   1 
ATOM   551  C CA  . LEU A 1 87  ? 0.810   8.799   5.022   1.00 13.49 ? 87   LEU A CA  1 
ATOM   552  C C   . LEU A 1 87  ? 0.951   9.664   3.779   1.00 11.75 ? 87   LEU A C   1 
ATOM   553  O O   . LEU A 1 87  ? 2.012   9.709   3.168   1.00 12.92 ? 87   LEU A O   1 
ATOM   554  C CB  . LEU A 1 87  ? 0.819   9.720   6.246   1.00 15.80 ? 87   LEU A CB  1 
ATOM   555  C CG  . LEU A 1 87  ? 0.689   9.129   7.642   1.00 17.56 ? 87   LEU A CG  1 
ATOM   556  C CD1 . LEU A 1 87  ? 0.981   10.237  8.670   1.00 20.98 ? 87   LEU A CD1 1 
ATOM   557  C CD2 . LEU A 1 87  ? -0.695  8.573   7.855   1.00 15.39 ? 87   LEU A CD2 1 
ATOM   558  N N   . LYS A 1 88  ? -0.112  10.370  3.415   1.00 13.31 ? 88   LYS A N   1 
ATOM   559  C CA  . LYS A 1 88  ? -0.018  11.319  2.321   1.00 15.94 ? 88   LYS A CA  1 
ATOM   560  C C   . LYS A 1 88  ? 1.026   12.378  2.668   1.00 18.67 ? 88   LYS A C   1 
ATOM   561  O O   . LYS A 1 88  ? 1.037   12.909  3.777   1.00 21.42 ? 88   LYS A O   1 
ATOM   562  C CB  . LYS A 1 88  ? -1.367  11.970  2.047   1.00 16.15 ? 88   LYS A CB  1 
ATOM   563  C CG  . LYS A 1 88  ? -1.361  12.882  0.818   1.00 20.69 ? 88   LYS A CG  1 
ATOM   564  C CD  . LYS A 1 88  ? -2.712  13.543  0.606   1.00 25.28 ? 88   LYS A CD  1 
ATOM   565  C CE  . LYS A 1 88  ? -2.700  14.441  -0.622  1.00 29.78 ? 88   LYS A CE  1 
ATOM   566  N NZ  . LYS A 1 88  ? -2.578  13.648  -1.877  1.00 37.55 ? 88   LYS A NZ  1 
ATOM   567  N N   . ASP A 1 89  ? 1.902   12.659  1.710   1.00 19.42 ? 89   ASP A N   1 
ATOM   568  C CA  . ASP A 1 89  ? 2.964   13.666  1.849   1.00 21.12 ? 89   ASP A CA  1 
ATOM   569  C C   . ASP A 1 89  ? 4.022   13.344  2.926   1.00 24.00 ? 89   ASP A C   1 
ATOM   570  O O   . ASP A 1 89  ? 4.887   14.171  3.233   1.00 23.91 ? 89   ASP A O   1 
ATOM   571  C CB  . ASP A 1 89  ? 2.361   15.070  2.028   1.00 28.05 ? 89   ASP A CB  1 
ATOM   572  C CG  . ASP A 1 89  ? 1.527   15.510  0.822   1.00 25.06 ? 89   ASP A CG  1 
ATOM   573  O OD1 . ASP A 1 89  ? 1.808   15.049  -0.306  1.00 27.65 ? 89   ASP A OD1 1 
ATOM   574  O OD2 . ASP A 1 89  ? 0.579   16.301  0.998   1.00 28.80 ? 89   ASP A OD2 1 
ATOM   575  N N   . HIS A 1 90  ? 3.974   12.127  3.468   1.00 22.19 ? 90   HIS A N   1 
ATOM   576  C CA  . HIS A 1 90  ? 4.957   11.682  4.458   1.00 20.61 ? 90   HIS A CA  1 
ATOM   577  C C   . HIS A 1 90  ? 5.326   10.211  4.252   1.00 17.59 ? 90   HIS A C   1 
ATOM   578  O O   . HIS A 1 90  ? 4.682   9.297   4.780   1.00 17.16 ? 90   HIS A O   1 
ATOM   579  C CB  . HIS A 1 90  ? 4.442   11.926  5.875   1.00 24.69 ? 90   HIS A CB  1 
ATOM   580  C CG  . HIS A 1 90  ? 4.050   13.349  6.132   1.00 30.41 ? 90   HIS A CG  1 
ATOM   581  N ND1 . HIS A 1 90  ? 4.926   14.283  6.640   1.00 35.43 ? 90   HIS A ND1 1 
ATOM   582  C CD2 . HIS A 1 90  ? 2.879   14.001  5.933   1.00 32.66 ? 90   HIS A CD2 1 
ATOM   583  C CE1 . HIS A 1 90  ? 4.311   15.449  6.751   1.00 32.95 ? 90   HIS A CE1 1 
ATOM   584  N NE2 . HIS A 1 90  ? 3.064   15.302  6.330   1.00 34.80 ? 90   HIS A NE2 1 
ATOM   585  N N   . GLY A 1 91  ? 6.371   9.985   3.470   1.00 13.74 ? 91   GLY A N   1 
ATOM   586  C CA  . GLY A 1 91  ? 6.762   8.630   3.123   1.00 15.58 ? 91   GLY A CA  1 
ATOM   587  C C   . GLY A 1 91  ? 8.166   8.250   3.548   1.00 17.32 ? 91   GLY A C   1 
ATOM   588  O O   . GLY A 1 91  ? 8.629   8.652   4.618   1.00 21.57 ? 91   GLY A O   1 
ATOM   589  N N   . ALA A 1 92  ? 8.833   7.461   2.710   1.00 15.78 ? 92   ALA A N   1 
ATOM   590  C CA  . ALA A 1 92  ? 10.196  7.007   2.976   1.00 18.23 ? 92   ALA A CA  1 
ATOM   591  C C   . ALA A 1 92  ? 11.208  7.798   2.147   1.00 21.52 ? 92   ALA A C   1 
ATOM   592  O O   . ALA A 1 92  ? 10.975  8.067   0.967   1.00 19.63 ? 92   ALA A O   1 
ATOM   593  C CB  . ALA A 1 92  ? 10.319  5.526   2.670   1.00 21.67 ? 92   ALA A CB  1 
ATOM   594  N N   . GLU A 1 93  ? 12.336  8.162   2.756   1.00 21.91 ? 93   GLU A N   1 
ATOM   595  C CA  . GLU A 1 93  ? 13.402  8.840   2.019   1.00 23.78 ? 93   GLU A CA  1 
ATOM   596  C C   . GLU A 1 93  ? 14.113  7.812   1.150   1.00 24.79 ? 93   GLU A C   1 
ATOM   597  O O   . GLU A 1 93  ? 14.442  6.720   1.616   1.00 25.06 ? 93   GLU A O   1 
ATOM   598  C CB  . GLU A 1 93  ? 14.389  9.514   2.977   1.00 28.79 ? 93   GLU A CB  1 
ATOM   599  C CG  . GLU A 1 93  ? 15.281  10.571  2.327   1.00 33.31 ? 93   GLU A CG  1 
ATOM   600  C CD  . GLU A 1 93  ? 14.565  11.898  2.096   1.00 33.88 ? 93   GLU A CD  1 
ATOM   601  O OE1 . GLU A 1 93  ? 13.390  12.032  2.508   1.00 33.83 ? 93   GLU A OE1 1 
ATOM   602  O OE2 . GLU A 1 93  ? 15.181  12.811  1.503   1.00 42.08 ? 93   GLU A OE2 1 
ATOM   603  N N   . VAL A 1 94  ? 14.340  8.146   -0.117  1.00 21.13 ? 94   VAL A N   1 
ATOM   604  C CA  . VAL A 1 94  ? 14.870  7.174   -1.063  1.00 24.28 ? 94   VAL A CA  1 
ATOM   605  C C   . VAL A 1 94  ? 15.879  7.798   -2.019  1.00 24.33 ? 94   VAL A C   1 
ATOM   606  O O   . VAL A 1 94  ? 16.002  9.019   -2.103  1.00 25.15 ? 94   VAL A O   1 
ATOM   607  C CB  . VAL A 1 94  ? 13.746  6.540   -1.909  1.00 24.72 ? 94   VAL A CB  1 
ATOM   608  C CG1 . VAL A 1 94  ? 12.839  5.673   -1.043  1.00 22.68 ? 94   VAL A CG1 1 
ATOM   609  C CG2 . VAL A 1 94  ? 12.950  7.625   -2.613  1.00 21.81 ? 94   VAL A CG2 1 
ATOM   610  N N   . THR A 1 95  ? 16.585  6.937   -2.740  1.00 26.69 ? 95   THR A N   1 
ATOM   611  C CA  . THR A 1 95  ? 17.547  7.363   -3.745  1.00 28.46 ? 95   THR A CA  1 
ATOM   612  C C   . THR A 1 95  ? 17.050  6.923   -5.118  1.00 25.69 ? 95   THR A C   1 
ATOM   613  O O   . THR A 1 95  ? 16.527  5.818   -5.259  1.00 24.68 ? 95   THR A O   1 
ATOM   614  C CB  . THR A 1 95  ? 18.931  6.746   -3.465  1.00 30.22 ? 95   THR A CB  1 
ATOM   615  O OG1 . THR A 1 95  ? 19.444  7.271   -2.236  1.00 38.26 ? 95   THR A OG1 1 
ATOM   616  C CG2 . THR A 1 95  ? 19.904  7.064   -4.586  1.00 36.21 ? 95   THR A CG2 1 
ATOM   617  N N   . PRO A 1 96  ? 17.188  7.795   -6.135  1.00 24.47 ? 96   PRO A N   1 
ATOM   618  C CA  . PRO A 1 96  ? 16.775  7.398   -7.485  1.00 25.99 ? 96   PRO A CA  1 
ATOM   619  C C   . PRO A 1 96  ? 17.385  6.049   -7.869  1.00 28.24 ? 96   PRO A C   1 
ATOM   620  O O   . PRO A 1 96  ? 18.522  5.762   -7.487  1.00 29.38 ? 96   PRO A O   1 
ATOM   621  C CB  . PRO A 1 96  ? 17.341  8.517   -8.363  1.00 27.02 ? 96   PRO A CB  1 
ATOM   622  C CG  . PRO A 1 96  ? 17.338  9.720   -7.463  1.00 25.87 ? 96   PRO A CG  1 
ATOM   623  C CD  . PRO A 1 96  ? 17.684  9.183   -6.091  1.00 28.98 ? 96   PRO A CD  1 
ATOM   624  N N   . ASN A 1 97  ? 16.616  5.229   -8.585  1.00 26.32 ? 97   ASN A N   1 
ATOM   625  C CA  . ASN A 1 97  ? 17.087  3.940   -9.101  1.00 26.28 ? 97   ASN A CA  1 
ATOM   626  C C   . ASN A 1 97  ? 17.121  2.780   -8.110  1.00 27.54 ? 97   ASN A C   1 
ATOM   627  O O   . ASN A 1 97  ? 17.406  1.649   -8.494  1.00 34.00 ? 97   ASN A O   1 
ATOM   628  C CB  . ASN A 1 97  ? 18.451  4.092   -9.790  1.00 31.99 ? 97   ASN A CB  1 
ATOM   629  C CG  . ASN A 1 97  ? 18.380  4.970   -11.019 1.00 35.77 ? 97   ASN A CG  1 
ATOM   630  O OD1 . ASN A 1 97  ? 17.466  4.840   -11.837 1.00 39.03 ? 97   ASN A OD1 1 
ATOM   631  N ND2 . ASN A 1 97  ? 19.331  5.887   -11.146 1.00 39.00 ? 97   ASN A ND2 1 
ATOM   632  N N   . GLN A 1 98  ? 16.830  3.035   -6.841  1.00 27.78 ? 98   GLN A N   1 
ATOM   633  C CA  . GLN A 1 98  ? 16.757  1.917   -5.909  1.00 29.31 ? 98   GLN A CA  1 
ATOM   634  C C   . GLN A 1 98  ? 15.390  1.243   -6.000  1.00 22.14 ? 98   GLN A C   1 
ATOM   635  O O   . GLN A 1 98  ? 14.418  1.845   -6.448  1.00 23.64 ? 98   GLN A O   1 
ATOM   636  C CB  . GLN A 1 98  ? 17.063  2.350   -4.478  1.00 30.83 ? 98   GLN A CB  1 
ATOM   637  C CG  . GLN A 1 98  ? 16.007  3.215   -3.840  1.00 27.47 ? 98   GLN A CG  1 
ATOM   638  C CD  . GLN A 1 98  ? 16.177  3.283   -2.338  1.00 32.98 ? 98   GLN A CD  1 
ATOM   639  O OE1 . GLN A 1 98  ? 16.463  4.344   -1.774  1.00 29.11 ? 98   GLN A OE1 1 
ATOM   640  N NE2 . GLN A 1 98  ? 16.006  2.143   -1.678  1.00 33.24 ? 98   GLN A NE2 1 
ATOM   641  N N   . GLN A 1 99  ? 15.333  -0.022  -5.616  1.00 25.88 ? 99   GLN A N   1 
ATOM   642  C CA  . GLN A 1 99  ? 14.058  -0.715  -5.531  1.00 24.34 ? 99   GLN A CA  1 
ATOM   643  C C   . GLN A 1 99  ? 13.595  -0.631  -4.086  1.00 21.83 ? 99   GLN A C   1 
ATOM   644  O O   . GLN A 1 99  ? 14.385  -0.823  -3.164  1.00 26.87 ? 99   GLN A O   1 
ATOM   645  C CB  . GLN A 1 99  ? 14.201  -2.174  -5.975  1.00 27.23 ? 99   GLN A CB  1 
ATOM   646  C CG  . GLN A 1 99  ? 13.770  -2.417  -7.418  1.00 33.17 ? 99   GLN A CG  1 
ATOM   647  C CD  . GLN A 1 99  ? 12.299  -2.773  -7.533  1.00 29.30 ? 99   GLN A CD  1 
ATOM   648  O OE1 . GLN A 1 99  ? 11.727  -3.387  -6.629  1.00 36.33 ? 99   GLN A OE1 1 
ATOM   649  N NE2 . GLN A 1 99  ? 11.674  -2.392  -8.646  1.00 37.12 ? 99   GLN A NE2 1 
ATOM   650  N N   . ILE A 1 100 ? 12.320  -0.320  -3.886  1.00 15.98 ? 100  ILE A N   1 
ATOM   651  C CA  . ILE A 1 100 ? 11.783  -0.214  -2.539  1.00 17.14 ? 100  ILE A CA  1 
ATOM   652  C C   . ILE A 1 100 ? 10.483  -0.979  -2.454  1.00 14.62 ? 100  ILE A C   1 
ATOM   653  O O   . ILE A 1 100 ? 9.769   -1.108  -3.452  1.00 13.34 ? 100  ILE A O   1 
ATOM   654  C CB  . ILE A 1 100 ? 11.548  1.246   -2.131  1.00 16.44 ? 100  ILE A CB  1 
ATOM   655  C CG1 . ILE A 1 100 ? 10.619  1.931   -3.127  1.00 14.73 ? 100  ILE A CG1 1 
ATOM   656  C CG2 . ILE A 1 100 ? 12.873  1.992   -2.070  1.00 27.44 ? 100  ILE A CG2 1 
ATOM   657  C CD1 . ILE A 1 100 ? 10.380  3.398   -2.820  1.00 22.04 ? 100  ILE A CD1 1 
ATOM   658  N N   . THR A 1 101 ? 10.177  -1.480  -1.262  1.00 13.91 ? 101  THR A N   1 
ATOM   659  C CA  . THR A 1 101 ? 8.975   -2.276  -1.060  1.00 12.52 ? 101  THR A CA  1 
ATOM   660  C C   . THR A 1 101 ? 8.189   -1.747  0.130   1.00 9.22  ? 101  THR A C   1 
ATOM   661  O O   . THR A 1 101 ? 8.770   -1.384  1.160   1.00 12.00 ? 101  THR A O   1 
ATOM   662  C CB  . THR A 1 101 ? 9.322   -3.747  -0.824  1.00 14.80 ? 101  THR A CB  1 
ATOM   663  O OG1 . THR A 1 101 ? 9.935   -4.267  -2.011  1.00 16.21 ? 101  THR A OG1 1 
ATOM   664  C CG2 . THR A 1 101 ? 8.071   -4.564  -0.512  1.00 14.37 ? 101  THR A CG2 1 
ATOM   665  N N   . PHE A 1 102 ? 6.875   -1.671  -0.048  1.00 7.65  ? 102  PHE A N   1 
ATOM   666  C CA  . PHE A 1 102 ? 5.957   -1.276  1.004   1.00 8.15  ? 102  PHE A CA  1 
ATOM   667  C C   . PHE A 1 102 ? 5.033   -2.452  1.297   1.00 9.76  ? 102  PHE A C   1 
ATOM   668  O O   . PHE A 1 102 ? 4.753   -3.262  0.406   1.00 9.81  ? 102  PHE A O   1 
ATOM   669  C CB  . PHE A 1 102 ? 5.151   -0.047  0.552   1.00 8.66  ? 102  PHE A CB  1 
ATOM   670  C CG  . PHE A 1 102 ? 5.997   1.151   0.219   1.00 11.24 ? 102  PHE A CG  1 
ATOM   671  C CD1 . PHE A 1 102 ? 6.321   2.085   1.196   1.00 11.05 ? 102  PHE A CD1 1 
ATOM   672  C CD2 . PHE A 1 102 ? 6.446   1.364   -1.071  1.00 11.29 ? 102  PHE A CD2 1 
ATOM   673  C CE1 . PHE A 1 102 ? 7.098   3.204   0.889   1.00 11.29 ? 102  PHE A CE1 1 
ATOM   674  C CE2 . PHE A 1 102 ? 7.224   2.472   -1.385  1.00 11.62 ? 102  PHE A CE2 1 
ATOM   675  C CZ  . PHE A 1 102 ? 7.556   3.391   -0.404  1.00 12.96 ? 102  PHE A CZ  1 
ATOM   676  N N   . ARG A 1 103 ? 4.578   -2.563  2.545   1.00 5.91  ? 103  ARG A N   1 
ATOM   677  C CA  . ARG A 1 103 ? 3.819   -3.729  2.978   1.00 5.89  ? 103  ARG A CA  1 
ATOM   678  C C   . ARG A 1 103 ? 2.493   -3.313  3.595   1.00 6.23  ? 103  ARG A C   1 
ATOM   679  O O   . ARG A 1 103 ? 2.450   -2.417  4.449   1.00 7.01  ? 103  ARG A O   1 
ATOM   680  C CB  . ARG A 1 103 ? 4.634   -4.505  4.015   1.00 7.63  ? 103  ARG A CB  1 
ATOM   681  C CG  . ARG A 1 103 ? 5.836   -5.271  3.435   1.00 8.32  ? 103  ARG A CG  1 
ATOM   682  C CD  . ARG A 1 103 ? 6.706   -5.837  4.566   1.00 9.29  ? 103  ARG A CD  1 
ATOM   683  N NE  . ARG A 1 103 ? 7.351   -4.767  5.320   1.00 10.43 ? 103  ARG A NE  1 
ATOM   684  C CZ  . ARG A 1 103 ? 7.535   -4.778  6.634   1.00 10.81 ? 103  ARG A CZ  1 
ATOM   685  N NH1 . ARG A 1 103 ? 7.106   -5.802  7.361   1.00 13.14 ? 103  ARG A NH1 1 
ATOM   686  N NH2 . ARG A 1 103 ? 8.154   -3.766  7.218   1.00 10.81 ? 103  ARG A NH2 1 
ATOM   687  N N   . ALA A 1 104 ? 1.414   -3.932  3.134   1.00 5.25  ? 104  ALA A N   1 
ATOM   688  C CA  . ALA A 1 104 ? 0.108   -3.735  3.736   1.00 5.15  ? 104  ALA A CA  1 
ATOM   689  C C   . ALA A 1 104 ? -0.046  -4.730  4.877   1.00 5.62  ? 104  ALA A C   1 
ATOM   690  O O   . ALA A 1 104 ? -0.028  -5.951  4.651   1.00 7.55  ? 104  ALA A O   1 
ATOM   691  C CB  . ALA A 1 104 ? -1.000  -3.934  2.698   1.00 7.29  ? 104  ALA A CB  1 
ATOM   692  N N   . LEU A 1 105 ? -0.197  -4.212  6.092   1.00 6.00  ? 105  LEU A N   1 
ATOM   693  C CA  . LEU A 1 105 ? -0.313  -5.028  7.307   1.00 6.65  ? 105  LEU A CA  1 
ATOM   694  C C   . LEU A 1 105 ? -1.713  -4.906  7.933   1.00 6.52  ? 105  LEU A C   1 
ATOM   695  O O   . LEU A 1 105 ? -2.232  -3.797  8.115   1.00 7.97  ? 105  LEU A O   1 
ATOM   696  C CB  . LEU A 1 105 ? 0.757   -4.654  8.344   1.00 7.60  ? 105  LEU A CB  1 
ATOM   697  C CG  . LEU A 1 105 ? 2.220   -4.703  7.908   1.00 5.96  ? 105  LEU A CG  1 
ATOM   698  C CD1 . LEU A 1 105 ? 3.094   -4.349  9.134   1.00 9.12  ? 105  LEU A CD1 1 
ATOM   699  C CD2 . LEU A 1 105 ? 2.582   -6.073  7.339   1.00 9.23  ? 105  LEU A CD2 1 
ATOM   700  N N   . ASN A 1 106 ? -2.305  -6.053  8.264   1.00 8.07  ? 106  ASN A N   1 
ATOM   701  C CA  . ASN A 1 106 ? -3.632  -6.127  8.875   1.00 7.86  ? 106  ASN A CA  1 
ATOM   702  C C   . ASN A 1 106 ? -3.692  -5.325  10.156  1.00 9.13  ? 106  ASN A C   1 
ATOM   703  O O   . ASN A 1 106 ? -2.831  -5.465  11.031  1.00 8.94  ? 106  ASN A O   1 
ATOM   704  C CB  . ASN A 1 106 ? -3.962  -7.597  9.191   1.00 9.37  ? 106  ASN A CB  1 
ATOM   705  C CG  . ASN A 1 106 ? -5.457  -7.846  9.319   1.00 13.26 ? 106  ASN A CG  1 
ATOM   706  O OD1 . ASN A 1 106 ? -6.238  -6.916  9.525   1.00 13.02 ? 106  ASN A OD1 1 
ATOM   707  N ND2 . ASN A 1 106 ? -5.857  -9.108  9.216   1.00 14.16 ? 106  ASN A ND2 1 
ATOM   708  N N   . TYR A 1 107 ? -4.708  -4.478  10.252  1.00 8.04  ? 107  TYR A N   1 
ATOM   709  C CA  . TYR A 1 107 ? -4.931  -3.644  11.424  1.00 9.61  ? 107  TYR A CA  1 
ATOM   710  C C   . TYR A 1 107 ? -6.288  -3.992  12.038  1.00 11.19 ? 107  TYR A C   1 
ATOM   711  O O   . TYR A 1 107 ? -6.761  -3.275  12.923  1.00 15.12 ? 107  TYR A O   1 
ATOM   712  C CB  . TYR A 1 107 ? -4.871  -2.162  11.026  1.00 11.62 ? 107  TYR A CB  1 
ATOM   713  C CG  . TYR A 1 107 ? -4.913  -1.145  12.168  1.00 10.82 ? 107  TYR A CG  1 
ATOM   714  C CD1 . TYR A 1 107 ? -3.917  -1.103  13.145  1.00 15.76 ? 107  TYR A CD1 1 
ATOM   715  C CD2 . TYR A 1 107 ? -5.934  -0.200  12.236  1.00 10.99 ? 107  TYR A CD2 1 
ATOM   716  C CE1 . TYR A 1 107 ? -3.966  -0.150  14.179  1.00 16.28 ? 107  TYR A CE1 1 
ATOM   717  C CE2 . TYR A 1 107 ? -5.980  0.743   13.243  1.00 12.16 ? 107  TYR A CE2 1 
ATOM   718  C CZ  . TYR A 1 107 ? -4.998  0.765   14.205  1.00 16.86 ? 107  TYR A CZ  1 
ATOM   719  O OH  . TYR A 1 107 ? -5.085  1.719   15.204  1.00 20.06 ? 107  TYR A OH  1 
ATOM   720  N N   . THR A 1 108 ? -6.901  -5.085  11.563  1.00 14.34 ? 108  THR A N   1 
ATOM   721  C CA  . THR A 1 108 ? -8.257  -5.487  11.959  1.00 13.82 ? 108  THR A CA  1 
ATOM   722  C C   . THR A 1 108 ? -8.202  -6.274  13.253  1.00 19.72 ? 108  THR A C   1 
ATOM   723  O O   . THR A 1 108 ? -7.579  -7.334  13.327  1.00 19.53 ? 108  THR A O   1 
ATOM   724  C CB  . THR A 1 108 ? -8.964  -6.349  10.877  1.00 14.29 ? 108  THR A CB  1 
ATOM   725  O OG1 . THR A 1 108 ? -8.862  -5.710  9.604   1.00 17.04 ? 108  THR A OG1 1 
ATOM   726  C CG2 . THR A 1 108 ? -10.450 -6.544  11.228  1.00 14.24 ? 108  THR A CG2 1 
ATOM   727  N N   . SER A 1 109 ? -8.870  -5.754  14.276  1.00 20.45 ? 109  SER A N   1 
ATOM   728  C CA  . SER A 1 109 ? -8.897  -6.392  15.582  1.00 21.99 ? 109  SER A CA  1 
ATOM   729  C C   . SER A 1 109 ? -10.028 -7.418  15.648  1.00 23.79 ? 109  SER A C   1 
ATOM   730  O O   . SER A 1 109 ? -10.803 -7.566  14.698  1.00 24.54 ? 109  SER A O   1 
ATOM   731  C CB  . SER A 1 109 ? -9.138  -5.333  16.654  1.00 20.44 ? 109  SER A CB  1 
ATOM   732  O OG  . SER A 1 109 ? -10.349 -4.652  16.371  1.00 26.29 ? 109  SER A OG  1 
ATOM   733  N N   . GLY A 1 110 ? -10.117 -8.130  16.769  1.00 26.06 ? 110  GLY A N   1 
ATOM   734  C CA  . GLY A 1 110 ? -11.259 -8.989  17.035  1.00 26.85 ? 110  GLY A CA  1 
ATOM   735  C C   . GLY A 1 110 ? -11.155 -10.406 16.500  1.00 30.37 ? 110  GLY A C   1 
ATOM   736  O O   . GLY A 1 110 ? -12.092 -11.199 16.664  1.00 28.30 ? 110  GLY A O   1 
ATOM   737  N N   . ILE A 1 114 ? -10.876 -14.169 8.299   1.00 31.56 ? 114  ILE A N   1 
ATOM   738  C CA  . ILE A 1 114 ? -10.968 -13.644 6.933   1.00 23.81 ? 114  ILE A CA  1 
ATOM   739  C C   . ILE A 1 114 ? -11.386 -14.737 5.953   1.00 18.76 ? 114  ILE A C   1 
ATOM   740  O O   . ILE A 1 114 ? -10.628 -15.677 5.708   1.00 20.78 ? 114  ILE A O   1 
ATOM   741  C CB  . ILE A 1 114 ? -9.616  -13.065 6.440   1.00 22.77 ? 114  ILE A CB  1 
ATOM   742  C CG1 . ILE A 1 114 ? -9.074  -12.013 7.413   1.00 25.12 ? 114  ILE A CG1 1 
ATOM   743  C CG2 . ILE A 1 114 ? -9.771  -12.469 5.037   1.00 20.46 ? 114  ILE A CG2 1 
ATOM   744  C CD1 . ILE A 1 114 ? -7.730  -11.449 7.006   1.00 26.63 ? 114  ILE A CD1 1 
ATOM   745  N N   . PRO A 1 115 ? -12.597 -14.626 5.393   1.00 18.69 ? 115  PRO A N   1 
ATOM   746  C CA  . PRO A 1 115 ? -12.960 -15.606 4.367   1.00 18.05 ? 115  PRO A CA  1 
ATOM   747  C C   . PRO A 1 115 ? -12.071 -15.470 3.137   1.00 14.79 ? 115  PRO A C   1 
ATOM   748  O O   . PRO A 1 115 ? -11.807 -14.351 2.689   1.00 15.40 ? 115  PRO A O   1 
ATOM   749  C CB  . PRO A 1 115 ? -14.418 -15.253 4.027   1.00 27.00 ? 115  PRO A CB  1 
ATOM   750  C CG  . PRO A 1 115 ? -14.640 -13.883 4.599   1.00 28.35 ? 115  PRO A CG  1 
ATOM   751  C CD  . PRO A 1 115 ? -13.733 -13.771 5.778   1.00 24.12 ? 115  PRO A CD  1 
ATOM   752  N N   . PRO A 1 116 ? -11.607 -16.601 2.594   1.00 16.17 ? 116  PRO A N   1 
ATOM   753  C CA  . PRO A 1 116 ? -10.751 -16.542 1.407   1.00 15.25 ? 116  PRO A CA  1 
ATOM   754  C C   . PRO A 1 116 ? -11.499 -15.954 0.224   1.00 13.91 ? 116  PRO A C   1 
ATOM   755  O O   . PRO A 1 116 ? -12.686 -16.214 0.033   1.00 17.14 ? 116  PRO A O   1 
ATOM   756  C CB  . PRO A 1 116 ? -10.424 -18.020 1.125   1.00 19.37 ? 116  PRO A CB  1 
ATOM   757  C CG  . PRO A 1 116 ? -10.784 -18.753 2.372   1.00 22.66 ? 116  PRO A CG  1 
ATOM   758  C CD  . PRO A 1 116 ? -11.901 -17.984 3.003   1.00 18.90 ? 116  PRO A CD  1 
ATOM   759  N N   . GLY A 1 117 ? -10.809 -15.156 -0.576  1.00 11.45 ? 117  GLY A N   1 
ATOM   760  C CA  . GLY A 1 117 ? -11.417 -14.592 -1.763  1.00 11.23 ? 117  GLY A CA  1 
ATOM   761  C C   . GLY A 1 117 ? -10.505 -13.564 -2.393  1.00 10.00 ? 117  GLY A C   1 
ATOM   762  O O   . GLY A 1 117 ? -9.290  -13.523 -2.118  1.00 11.68 ? 117  GLY A O   1 
ATOM   763  N N   . ILE A 1 118 ? -11.094 -12.717 -3.224  1.00 9.99  ? 118  ILE A N   1 
ATOM   764  C CA  . ILE A 1 118 ? -10.375 -11.662 -3.911  1.00 9.99  ? 118  ILE A CA  1 
ATOM   765  C C   . ILE A 1 118 ? -10.821 -10.350 -3.275  1.00 9.89  ? 118  ILE A C   1 
ATOM   766  O O   . ILE A 1 118 ? -12.023 -10.075 -3.156  1.00 12.37 ? 118  ILE A O   1 
ATOM   767  C CB  . ILE A 1 118 ? -10.674 -11.686 -5.414  1.00 11.52 ? 118  ILE A CB  1 
ATOM   768  C CG1 . ILE A 1 118 ? -10.048 -12.945 -6.027  1.00 15.23 ? 118  ILE A CG1 1 
ATOM   769  C CG2 . ILE A 1 118 ? -10.139 -10.449 -6.093  1.00 13.62 ? 118  ILE A CG2 1 
ATOM   770  C CD1 . ILE A 1 118 ? -10.656 -13.370 -7.348  1.00 19.64 ? 118  ILE A CD1 1 
ATOM   771  N N   . TYR A 1 119 ? -9.852  -9.567  -2.815  1.00 7.33  ? 119  TYR A N   1 
ATOM   772  C CA  . TYR A 1 119 ? -10.129 -8.329  -2.097  1.00 8.49  ? 119  TYR A CA  1 
ATOM   773  C C   . TYR A 1 119 ? -9.601  -7.128  -2.873  1.00 9.35  ? 119  TYR A C   1 
ATOM   774  O O   . TYR A 1 119 ? -8.524  -7.192  -3.478  1.00 10.77 ? 119  TYR A O   1 
ATOM   775  C CB  . TYR A 1 119 ? -9.502  -8.391  -0.688  1.00 8.67  ? 119  TYR A CB  1 
ATOM   776  C CG  . TYR A 1 119 ? -10.254 -9.309  0.258   1.00 8.82  ? 119  TYR A CG  1 
ATOM   777  C CD1 . TYR A 1 119 ? -10.118 -10.703 0.179   1.00 8.46  ? 119  TYR A CD1 1 
ATOM   778  C CD2 . TYR A 1 119 ? -11.110 -8.786  1.221   1.00 8.14  ? 119  TYR A CD2 1 
ATOM   779  C CE1 . TYR A 1 119 ? -10.825 -11.544 1.042   1.00 9.17  ? 119  TYR A CE1 1 
ATOM   780  C CE2 . TYR A 1 119 ? -11.807 -9.621  2.084   1.00 7.17  ? 119  TYR A CE2 1 
ATOM   781  C CZ  . TYR A 1 119 ? -11.665 -10.985 1.991   1.00 8.86  ? 119  TYR A CZ  1 
ATOM   782  O OH  . TYR A 1 119 ? -12.400 -11.783 2.836   1.00 10.64 ? 119  TYR A OH  1 
ATOM   783  N N   . ASN A 1 120 ? -10.353 -6.034  -2.853  1.00 8.86  ? 120  ASN A N   1 
ATOM   784  C CA  . ASN A 1 120 ? -9.996  -4.848  -3.616  1.00 9.58  ? 120  ASN A CA  1 
ATOM   785  C C   . ASN A 1 120 ? -9.889  -3.586  -2.768  1.00 8.03  ? 120  ASN A C   1 
ATOM   786  O O   . ASN A 1 120 ? -10.632 -3.416  -1.791  1.00 8.82  ? 120  ASN A O   1 
ATOM   787  C CB  . ASN A 1 120 ? -11.042 -4.639  -4.724  1.00 12.51 ? 120  ASN A CB  1 
ATOM   788  C CG  . ASN A 1 120 ? -10.992 -3.260  -5.341  1.00 20.04 ? 120  ASN A CG  1 
ATOM   789  O OD1 . ASN A 1 120 ? -10.276 -3.024  -6.322  1.00 24.63 ? 120  ASN A OD1 1 
ATOM   790  N ND2 . ASN A 1 120 ? -11.793 -2.346  -4.798  1.00 19.76 ? 120  ASN A ND2 1 
ATOM   791  N N   . ASP A 1 121 ? -8.986  -2.694  -3.168  1.00 9.85  ? 121  ASP A N   1 
ATOM   792  C CA  . ASP A 1 121 ? -8.952  -1.325  -2.638  1.00 11.10 ? 121  ASP A CA  1 
ATOM   793  C C   . ASP A 1 121 ? -8.178  -0.476  -3.643  1.00 11.25 ? 121  ASP A C   1 
ATOM   794  O O   . ASP A 1 121 ? -7.570  -1.002  -4.574  1.00 13.82 ? 121  ASP A O   1 
ATOM   795  C CB  . ASP A 1 121 ? -8.282  -1.298  -1.249  1.00 10.24 ? 121  ASP A CB  1 
ATOM   796  C CG  . ASP A 1 121 ? -8.549  -0.004  -0.482  1.00 13.51 ? 121  ASP A CG  1 
ATOM   797  O OD1 . ASP A 1 121 ? -9.465  0.769   -0.854  1.00 12.14 ? 121  ASP A OD1 1 
ATOM   798  O OD2 . ASP A 1 121 ? -7.870  0.246   0.548   1.00 12.26 ? 121  ASP A OD2 1 
ATOM   799  N N   . GLN A 1 122 ? -8.219  0.840   -3.472  1.00 11.14 ? 122  GLN A N   1 
ATOM   800  C CA  . GLN A 1 122 ? -7.392  1.714   -4.279  1.00 12.22 ? 122  GLN A CA  1 
ATOM   801  C C   . GLN A 1 122 ? -6.497  2.508   -3.346  1.00 12.51 ? 122  GLN A C   1 
ATOM   802  O O   . GLN A 1 122 ? -6.948  3.032   -2.328  1.00 16.32 ? 122  GLN A O   1 
ATOM   803  C CB  . GLN A 1 122 ? -8.234  2.652   -5.164  1.00 19.43 ? 122  GLN A CB  1 
ATOM   804  C CG  . GLN A 1 122 ? -7.452  3.873   -5.673  1.00 26.71 ? 122  GLN A CG  1 
ATOM   805  C CD  . GLN A 1 122 ? -8.103  4.564   -6.863  1.00 32.13 ? 122  GLN A CD  1 
ATOM   806  O OE1 . GLN A 1 122 ? -8.448  5.745   -6.798  1.00 32.32 ? 122  GLN A OE1 1 
ATOM   807  N NE2 . GLN A 1 122 ? -8.247  3.836   -7.965  1.00 34.72 ? 122  GLN A NE2 1 
ATOM   808  N N   . VAL A 1 123 ? -5.214  2.553   -3.675  1.00 12.41 ? 123  VAL A N   1 
ATOM   809  C CA  . VAL A 1 123 ? -4.281  3.311   -2.868  1.00 13.03 ? 123  VAL A CA  1 
ATOM   810  C C   . VAL A 1 123 ? -3.665  4.374   -3.743  1.00 13.12 ? 123  VAL A C   1 
ATOM   811  O O   . VAL A 1 123 ? -3.992  4.459   -4.936  1.00 13.38 ? 123  VAL A O   1 
ATOM   812  C CB  . VAL A 1 123 ? -3.203  2.408   -2.223  1.00 13.59 ? 123  VAL A CB  1 
ATOM   813  C CG1 . VAL A 1 123 ? -3.860  1.350   -1.346  1.00 12.19 ? 123  VAL A CG1 1 
ATOM   814  C CG2 . VAL A 1 123 ? -2.315  1.751   -3.267  1.00 15.04 ? 123  VAL A CG2 1 
ATOM   815  N N   . MET A 1 124 ? -2.809  5.199   -3.149  1.00 12.33 ? 124  MET A N   1 
ATOM   816  C CA  . MET A 1 124 ? -2.118  6.261   -3.879  1.00 11.08 ? 124  MET A CA  1 
ATOM   817  C C   . MET A 1 124 ? -0.617  6.132   -3.719  1.00 14.17 ? 124  MET A C   1 
ATOM   818  O O   . MET A 1 124 ? -0.121  5.760   -2.656  1.00 12.51 ? 124  MET A O   1 
ATOM   819  C CB  . MET A 1 124 ? -2.538  7.641   -3.357  1.00 14.86 ? 124  MET A CB  1 
ATOM   820  C CG  . MET A 1 124 ? -3.987  8.014   -3.577  1.00 15.78 ? 124  MET A CG  1 
ATOM   821  S SD  . MET A 1 124 ? -4.385  8.291   -5.315  1.00 23.86 ? 124  MET A SD  1 
ATOM   822  C CE  . MET A 1 124 ? -2.861  9.045   -5.871  1.00 20.25 ? 124  MET A CE  1 
ATOM   823  N N   . VAL A 1 125 ? 0.111   6.452   -4.776  1.00 11.96 ? 125  VAL A N   1 
ATOM   824  C CA  . VAL A 1 125 ? 1.558   6.544   -4.700  1.00 11.20 ? 125  VAL A CA  1 
ATOM   825  C C   . VAL A 1 125 ? 1.936   8.006   -4.906  1.00 14.59 ? 125  VAL A C   1 
ATOM   826  O O   . VAL A 1 125 ? 1.460   8.652   -5.843  1.00 15.59 ? 125  VAL A O   1 
ATOM   827  C CB  . VAL A 1 125 ? 2.248   5.685   -5.776  1.00 11.42 ? 125  VAL A CB  1 
ATOM   828  C CG1 . VAL A 1 125 ? 3.752   5.654   -5.537  1.00 13.38 ? 125  VAL A CG1 1 
ATOM   829  C CG2 . VAL A 1 125 ? 1.665   4.270   -5.787  1.00 15.29 ? 125  VAL A CG2 1 
ATOM   830  N N   . GLY A 1 126 ? 2.768   8.528   -4.015  1.00 13.75 ? 126  GLY A N   1 
ATOM   831  C CA  . GLY A 1 126 ? 3.247   9.893   -4.122  1.00 12.67 ? 126  GLY A CA  1 
ATOM   832  C C   . GLY A 1 126 ? 4.744   9.894   -4.319  1.00 13.35 ? 126  GLY A C   1 
ATOM   833  O O   . GLY A 1 126 ? 5.464   9.172   -3.638  1.00 12.20 ? 126  GLY A O   1 
ATOM   834  N N   . TYR A 1 127 ? 5.213   10.703  -5.269  1.00 16.11 ? 127  TYR A N   1 
ATOM   835  C CA  . TYR A 1 127 ? 6.640   10.836  -5.531  1.00 14.79 ? 127  TYR A CA  1 
ATOM   836  C C   . TYR A 1 127 ? 7.047   12.287  -5.300  1.00 17.83 ? 127  TYR A C   1 
ATOM   837  O O   . TYR A 1 127 ? 6.464   13.194  -5.900  1.00 17.49 ? 127  TYR A O   1 
ATOM   838  C CB  . TYR A 1 127 ? 6.955   10.476  -6.984  1.00 12.97 ? 127  TYR A CB  1 
ATOM   839  C CG  . TYR A 1 127 ? 6.534   9.094   -7.433  1.00 14.50 ? 127  TYR A CG  1 
ATOM   840  C CD1 . TYR A 1 127 ? 5.246   8.858   -7.912  1.00 15.06 ? 127  TYR A CD1 1 
ATOM   841  C CD2 . TYR A 1 127 ? 7.437   8.038   -7.421  1.00 13.69 ? 127  TYR A CD2 1 
ATOM   842  C CE1 . TYR A 1 127 ? 4.861   7.599   -8.350  1.00 14.41 ? 127  TYR A CE1 1 
ATOM   843  C CE2 . TYR A 1 127 ? 7.063   6.771   -7.854  1.00 12.78 ? 127  TYR A CE2 1 
ATOM   844  C CZ  . TYR A 1 127 ? 5.774   6.564   -8.314  1.00 12.01 ? 127  TYR A CZ  1 
ATOM   845  O OH  . TYR A 1 127 ? 5.406   5.305   -8.742  1.00 16.83 ? 127  TYR A OH  1 
ATOM   846  N N   . TYR A 1 128 ? 8.028   12.518  -4.431  1.00 16.43 ? 128  TYR A N   1 
ATOM   847  C CA  . TYR A 1 128 ? 8.507   13.882  -4.191  1.00 18.83 ? 128  TYR A CA  1 
ATOM   848  C C   . TYR A 1 128 ? 9.616   14.239  -5.183  1.00 18.77 ? 128  TYR A C   1 
ATOM   849  O O   . TYR A 1 128 ? 10.756  13.789  -5.046  1.00 19.26 ? 128  TYR A O   1 
ATOM   850  C CB  . TYR A 1 128 ? 8.995   14.047  -2.751  1.00 19.41 ? 128  TYR A CB  1 
ATOM   851  C CG  . TYR A 1 128 ? 9.296   15.478  -2.359  1.00 20.19 ? 128  TYR A CG  1 
ATOM   852  C CD1 . TYR A 1 128 ? 8.281   16.414  -2.262  1.00 22.51 ? 128  TYR A CD1 1 
ATOM   853  C CD2 . TYR A 1 128 ? 10.595  15.884  -2.069  1.00 29.82 ? 128  TYR A CD2 1 
ATOM   854  C CE1 . TYR A 1 128 ? 8.543   17.727  -1.897  1.00 26.71 ? 128  TYR A CE1 1 
ATOM   855  C CE2 . TYR A 1 128 ? 10.872  17.196  -1.700  1.00 31.89 ? 128  TYR A CE2 1 
ATOM   856  C CZ  . TYR A 1 128 ? 9.840   18.109  -1.617  1.00 34.56 ? 128  TYR A CZ  1 
ATOM   857  O OH  . TYR A 1 128 ? 10.107  19.411  -1.256  1.00 37.43 ? 128  TYR A OH  1 
ATOM   858  N N   . VAL A 1 129 ? 9.256   15.043  -6.180  1.00 21.64 ? 129  VAL A N   1 
ATOM   859  C CA  . VAL A 1 129 ? 10.151  15.414  -7.270  1.00 26.13 ? 129  VAL A CA  1 
ATOM   860  C C   . VAL A 1 129 ? 10.741  16.802  -7.038  1.00 28.14 ? 129  VAL A C   1 
ATOM   861  O O   . VAL A 1 129 ? 11.940  16.943  -6.799  1.00 34.65 ? 129  VAL A O   1 
ATOM   862  C CB  . VAL A 1 129 ? 9.406   15.431  -8.621  1.00 24.57 ? 129  VAL A CB  1 
ATOM   863  C CG1 . VAL A 1 129 ? 10.348  15.873  -9.744  1.00 32.18 ? 129  VAL A CG1 1 
ATOM   864  C CG2 . VAL A 1 129 ? 8.800   14.063  -8.925  1.00 27.75 ? 129  VAL A CG2 1 
ATOM   865  N N   . ASN A 1 136 ? 8.095   19.175  -5.351  1.00 30.97 ? 136  ASN A N   1 
ATOM   866  C CA  . ASN A 1 136 ? 6.648   18.990  -5.306  1.00 30.75 ? 136  ASN A CA  1 
ATOM   867  C C   . ASN A 1 136 ? 6.256   17.520  -5.403  1.00 28.99 ? 136  ASN A C   1 
ATOM   868  O O   . ASN A 1 136 ? 7.008   16.705  -5.946  1.00 25.26 ? 136  ASN A O   1 
ATOM   869  C CB  . ASN A 1 136 ? 5.956   19.807  -6.406  1.00 33.76 ? 136  ASN A CB  1 
ATOM   870  C CG  . ASN A 1 136 ? 6.475   19.484  -7.801  1.00 41.87 ? 136  ASN A CG  1 
ATOM   871  O OD1 . ASN A 1 136 ? 6.803   18.338  -8.110  1.00 43.49 ? 136  ASN A OD1 1 
ATOM   872  N ND2 . ASN A 1 136 ? 6.548   20.504  -8.653  1.00 52.19 ? 136  ASN A ND2 1 
ATOM   873  N N   . TRP A 1 137 ? 5.087   17.186  -4.859  1.00 27.46 ? 137  TRP A N   1 
ATOM   874  C CA  . TRP A 1 137 ? 4.575   15.819  -4.912  1.00 23.55 ? 137  TRP A CA  1 
ATOM   875  C C   . TRP A 1 137 ? 3.808   15.557  -6.202  1.00 26.08 ? 137  TRP A C   1 
ATOM   876  O O   . TRP A 1 137 ? 2.950   16.349  -6.603  1.00 28.45 ? 137  TRP A O   1 
ATOM   877  C CB  . TRP A 1 137 ? 3.661   15.530  -3.715  1.00 21.62 ? 137  TRP A CB  1 
ATOM   878  C CG  . TRP A 1 137 ? 4.371   15.396  -2.393  1.00 21.95 ? 137  TRP A CG  1 
ATOM   879  C CD1 . TRP A 1 137 ? 4.516   16.361  -1.444  1.00 22.34 ? 137  TRP A CD1 1 
ATOM   880  C CD2 . TRP A 1 137 ? 5.025   14.225  -1.881  1.00 20.23 ? 137  TRP A CD2 1 
ATOM   881  N NE1 . TRP A 1 137 ? 5.219   15.868  -0.370  1.00 23.60 ? 137  TRP A NE1 1 
ATOM   882  C CE2 . TRP A 1 137 ? 5.543   14.561  -0.613  1.00 18.29 ? 137  TRP A CE2 1 
ATOM   883  C CE3 . TRP A 1 137 ? 5.230   12.933  -2.372  1.00 17.89 ? 137  TRP A CE3 1 
ATOM   884  C CZ2 . TRP A 1 137 ? 6.240   13.644  0.177   1.00 18.86 ? 137  TRP A CZ2 1 
ATOM   885  C CZ3 . TRP A 1 137 ? 5.921   12.025  -1.588  1.00 17.20 ? 137  TRP A CZ3 1 
ATOM   886  C CH2 . TRP A 1 137 ? 6.423   12.386  -0.330  1.00 17.72 ? 137  TRP A CH2 1 
ATOM   887  N N   . GLN A 1 138 ? 4.132   14.444  -6.853  1.00 21.87 ? 138  GLN A N   1 
ATOM   888  C CA  . GLN A 1 138 ? 3.360   13.943  -7.986  1.00 20.40 ? 138  GLN A CA  1 
ATOM   889  C C   . GLN A 1 138 ? 2.637   12.677  -7.532  1.00 22.38 ? 138  GLN A C   1 
ATOM   890  O O   . GLN A 1 138 ? 3.251   11.810  -6.906  1.00 19.13 ? 138  GLN A O   1 
ATOM   891  C CB  . GLN A 1 138 ? 4.282   13.623  -9.162  1.00 23.13 ? 138  GLN A CB  1 
ATOM   892  C CG  . GLN A 1 138 ? 5.189   14.785  -9.579  1.00 32.77 ? 138  GLN A CG  1 
ATOM   893  C CD  . GLN A 1 138 ? 4.447   15.874  -10.334 1.00 33.68 ? 138  GLN A CD  1 
ATOM   894  O OE1 . GLN A 1 138 ? 3.948   15.647  -11.439 1.00 38.47 ? 138  GLN A OE1 1 
ATOM   895  N NE2 . GLN A 1 138 ? 4.369   17.062  -9.741  1.00 39.73 ? 138  GLN A NE2 1 
ATOM   896  N N   . TYR A 1 139 ? 1.345   12.572  -7.841  1.00 21.30 ? 139  TYR A N   1 
ATOM   897  C CA  . TYR A 1 139 ? 0.533   11.455  -7.350  1.00 22.24 ? 139  TYR A CA  1 
ATOM   898  C C   . TYR A 1 139 ? 0.033   10.554  -8.475  1.00 23.88 ? 139  TYR A C   1 
ATOM   899  O O   . TYR A 1 139 ? -0.250  11.018  -9.585  1.00 27.23 ? 139  TYR A O   1 
ATOM   900  C CB  . TYR A 1 139 ? -0.672  11.956  -6.542  1.00 22.49 ? 139  TYR A CB  1 
ATOM   901  C CG  . TYR A 1 139 ? -0.346  12.993  -5.489  1.00 25.07 ? 139  TYR A CG  1 
ATOM   902  C CD1 . TYR A 1 139 ? -0.363  14.346  -5.797  1.00 28.53 ? 139  TYR A CD1 1 
ATOM   903  C CD2 . TYR A 1 139 ? -0.028  12.622  -4.188  1.00 27.27 ? 139  TYR A CD2 1 
ATOM   904  C CE1 . TYR A 1 139 ? -0.068  15.304  -4.843  1.00 29.49 ? 139  TYR A CE1 1 
ATOM   905  C CE2 . TYR A 1 139 ? 0.273   13.578  -3.223  1.00 23.96 ? 139  TYR A CE2 1 
ATOM   906  C CZ  . TYR A 1 139 ? 0.249   14.915  -3.557  1.00 29.59 ? 139  TYR A CZ  1 
ATOM   907  O OH  . TYR A 1 139 ? 0.539   15.870  -2.605  1.00 30.12 ? 139  TYR A OH  1 
ATOM   908  N N   . LYS A 1 140 ? -0.083  9.264   -8.176  1.00 18.89 ? 140  LYS A N   1 
ATOM   909  C CA  . LYS A 1 140 ? -0.609  8.283   -9.119  1.00 21.72 ? 140  LYS A CA  1 
ATOM   910  C C   . LYS A 1 140 ? -1.448  7.245   -8.368  1.00 22.76 ? 140  LYS A C   1 
ATOM   911  O O   . LYS A 1 140 ? -0.979  6.654   -7.394  1.00 16.53 ? 140  LYS A O   1 
ATOM   912  C CB  . LYS A 1 140 ? 0.543   7.597   -9.848  1.00 24.04 ? 140  LYS A CB  1 
ATOM   913  C CG  . LYS A 1 140 ? 0.122   6.400   -10.687 1.00 31.82 ? 140  LYS A CG  1 
ATOM   914  C CD  . LYS A 1 140 ? -0.437  6.837   -12.029 1.00 35.46 ? 140  LYS A CD  1 
ATOM   915  C CE  . LYS A 1 140 ? -1.438  5.825   -12.571 1.00 36.75 ? 140  LYS A CE  1 
ATOM   916  N NZ  . LYS A 1 140 ? -2.144  6.360   -13.771 1.00 42.59 ? 140  LYS A NZ  1 
ATOM   917  N N   . SER A 1 141 ? -2.690  7.036   -8.799  1.00 19.11 ? 141  SER A N   1 
ATOM   918  C CA  . SER A 1 141 ? -3.550  6.032   -8.160  1.00 17.17 ? 141  SER A CA  1 
ATOM   919  C C   . SER A 1 141 ? -3.082  4.623   -8.515  1.00 18.62 ? 141  SER A C   1 
ATOM   920  O O   . SER A 1 141 ? -2.477  4.405   -9.566  1.00 20.43 ? 141  SER A O   1 
ATOM   921  C CB  . SER A 1 141 ? -5.004  6.214   -8.585  1.00 17.96 ? 141  SER A CB  1 
ATOM   922  O OG  . SER A 1 141 ? -5.153  5.965   -9.972  1.00 26.37 ? 141  SER A OG  1 
ATOM   923  N N   . LEU A 1 142 ? -3.364  3.667   -7.629  1.00 13.76 ? 142  LEU A N   1 
ATOM   924  C CA  . LEU A 1 142 ? -2.962  2.284   -7.824  1.00 15.82 ? 142  LEU A CA  1 
ATOM   925  C C   . LEU A 1 142 ? -4.101  1.358   -7.387  1.00 17.59 ? 142  LEU A C   1 
ATOM   926  O O   . LEU A 1 142 ? -4.507  1.361   -6.221  1.00 14.46 ? 142  LEU A O   1 
ATOM   927  C CB  . LEU A 1 142 ? -1.680  1.988   -7.024  1.00 19.21 ? 142  LEU A CB  1 
ATOM   928  C CG  . LEU A 1 142 ? -1.118  0.567   -7.059  1.00 25.28 ? 142  LEU A CG  1 
ATOM   929  C CD1 . LEU A 1 142 ? -0.723  0.204   -8.483  1.00 22.07 ? 142  LEU A CD1 1 
ATOM   930  C CD2 . LEU A 1 142 ? 0.078   0.433   -6.118  1.00 19.01 ? 142  LEU A CD2 1 
ATOM   931  N N   . ASP A 1 143 ? -4.627  0.578   -8.327  1.00 17.96 ? 143  ASP A N   1 
ATOM   932  C CA  . ASP A 1 143 ? -5.684  -0.378  -8.020  1.00 17.08 ? 143  ASP A CA  1 
ATOM   933  C C   . ASP A 1 143 ? -5.100  -1.646  -7.430  1.00 15.41 ? 143  ASP A C   1 
ATOM   934  O O   . ASP A 1 143 ? -4.113  -2.173  -7.941  1.00 19.68 ? 143  ASP A O   1 
ATOM   935  C CB  . ASP A 1 143 ? -6.480  -0.730  -9.280  1.00 21.88 ? 143  ASP A CB  1 
ATOM   936  C CG  . ASP A 1 143 ? -7.321  0.420   -9.774  1.00 31.25 ? 143  ASP A CG  1 
ATOM   937  O OD1 . ASP A 1 143 ? -7.794  1.219   -8.937  1.00 33.90 ? 143  ASP A OD1 1 
ATOM   938  O OD2 . ASP A 1 143 ? -7.511  0.525   -11.004 1.00 38.74 ? 143  ASP A OD2 1 
ATOM   939  N N   . VAL A 1 144 ? -5.708  -2.130  -6.346  1.00 11.33 ? 144  VAL A N   1 
ATOM   940  C CA  . VAL A 1 144 ? -5.246  -3.350  -5.701  1.00 12.53 ? 144  VAL A CA  1 
ATOM   941  C C   . VAL A 1 144 ? -6.334  -4.406  -5.784  1.00 11.29 ? 144  VAL A C   1 
ATOM   942  O O   . VAL A 1 144 ? -7.443  -4.195  -5.312  1.00 11.02 ? 144  VAL A O   1 
ATOM   943  C CB  . VAL A 1 144 ? -4.865  -3.102  -4.213  1.00 9.99  ? 144  VAL A CB  1 
ATOM   944  C CG1 . VAL A 1 144 ? -4.417  -4.400  -3.557  1.00 10.55 ? 144  VAL A CG1 1 
ATOM   945  C CG2 . VAL A 1 144 ? -3.753  -2.053  -4.114  1.00 12.69 ? 144  VAL A CG2 1 
ATOM   946  N N   . ASN A 1 145 ? -6.019  -5.532  -6.422  1.00 9.99  ? 145  ASN A N   1 
ATOM   947  C CA  . ASN A 1 145 ? -6.934  -6.665  -6.501  1.00 13.09 ? 145  ASN A CA  1 
ATOM   948  C C   . ASN A 1 145 ? -6.109  -7.891  -6.190  1.00 13.89 ? 145  ASN A C   1 
ATOM   949  O O   . ASN A 1 145 ? -5.288  -8.320  -7.005  1.00 15.42 ? 145  ASN A O   1 
ATOM   950  C CB  . ASN A 1 145 ? -7.556  -6.773  -7.902  1.00 16.25 ? 145  ASN A CB  1 
ATOM   951  C CG  . ASN A 1 145 ? -8.432  -5.589  -8.237  1.00 13.58 ? 145  ASN A CG  1 
ATOM   952  O OD1 . ASN A 1 145 ? -9.556  -5.488  -7.757  1.00 18.40 ? 145  ASN A OD1 1 
ATOM   953  N ND2 . ASN A 1 145 ? -7.919  -4.680  -9.055  1.00 20.16 ? 145  ASN A ND2 1 
ATOM   954  N N   . VAL A 1 146 ? -6.282  -8.425  -4.987  1.00 9.86  ? 146  VAL A N   1 
ATOM   955  C CA  . VAL A 1 146 ? -5.424  -9.496  -4.499  1.00 10.90 ? 146  VAL A CA  1 
ATOM   956  C C   . VAL A 1 146 ? -6.179  -10.664 -3.872  1.00 10.93 ? 146  VAL A C   1 
ATOM   957  O O   . VAL A 1 146 ? -7.225  -10.489 -3.224  1.00 9.81  ? 146  VAL A O   1 
ATOM   958  C CB  . VAL A 1 146 ? -4.390  -8.983  -3.447  1.00 12.30 ? 146  VAL A CB  1 
ATOM   959  C CG1 . VAL A 1 146 ? -3.369  -8.072  -4.093  1.00 15.31 ? 146  VAL A CG1 1 
ATOM   960  C CG2 . VAL A 1 146 ? -5.095  -8.291  -2.278  1.00 13.45 ? 146  VAL A CG2 1 
ATOM   961  N N   . ASN A 1 147 ? -5.640  -11.868 -4.043  1.00 10.62 ? 147  ASN A N   1 
ATOM   962  C CA  . ASN A 1 147 ? -6.149  -13.028 -3.332  1.00 12.06 ? 147  ASN A CA  1 
ATOM   963  C C   . ASN A 1 147 ? -5.643  -13.044 -1.908  1.00 12.05 ? 147  ASN A C   1 
ATOM   964  O O   . ASN A 1 147 ? -4.432  -12.901 -1.666  1.00 13.54 ? 147  ASN A O   1 
ATOM   965  C CB  . ASN A 1 147 ? -5.704  -14.331 -4.006  1.00 14.35 ? 147  ASN A CB  1 
ATOM   966  C CG  . ASN A 1 147 ? -6.286  -14.503 -5.380  1.00 14.42 ? 147  ASN A CG  1 
ATOM   967  O OD1 . ASN A 1 147 ? -5.801  -13.917 -6.346  1.00 15.64 ? 147  ASN A OD1 1 
ATOM   968  N ND2 . ASN A 1 147 ? -7.326  -15.320 -5.484  1.00 13.27 ? 147  ASN A ND2 1 
ATOM   969  N N   . ILE A 1 148 ? -6.561  -13.242 -0.968  1.00 11.38 ? 148  ILE A N   1 
ATOM   970  C CA  . ILE A 1 148 ? -6.223  -13.385 0.444   1.00 12.65 ? 148  ILE A CA  1 
ATOM   971  C C   . ILE A 1 148 ? -6.875  -14.682 0.915   1.00 20.18 ? 148  ILE A C   1 
ATOM   972  O O   . ILE A 1 148 ? -8.091  -14.846 0.797   1.00 18.42 ? 148  ILE A O   1 
ATOM   973  C CB  . ILE A 1 148 ? -6.664  -12.140 1.259   1.00 15.22 ? 148  ILE A CB  1 
ATOM   974  C CG1 . ILE A 1 148 ? -5.937  -10.904 0.711   1.00 15.64 ? 148  ILE A CG1 1 
ATOM   975  C CG2 . ILE A 1 148 ? -6.388  -12.326 2.764   1.00 18.73 ? 148  ILE A CG2 1 
ATOM   976  C CD1 . ILE A 1 148 ? -6.318  -9.576  1.347   1.00 16.49 ? 148  ILE A CD1 1 
ATOM   977  N N   . GLU A 1 149 ? -6.062  -15.625 1.397   1.00 24.09 ? 149  GLU A N   1 
ATOM   978  C CA  . GLU A 1 149 ? -6.554  -16.983 1.656   1.00 27.53 ? 149  GLU A CA  1 
ATOM   979  C C   . GLU A 1 149 ? -5.998  -17.610 2.930   1.00 33.36 ? 149  GLU A C   1 
ATOM   980  O O   . GLU A 1 149 ? -5.660  -18.796 2.915   1.00 34.99 ? 149  GLU A O   1 
ATOM   981  C CB  . GLU A 1 149 ? -6.244  -17.931 0.487   1.00 29.75 ? 149  GLU A CB  1 
ATOM   982  C CG  . GLU A 1 149 ? -6.302  -17.320 -0.901  1.00 25.47 ? 149  GLU A CG  1 
ATOM   983  C CD  . GLU A 1 149 ? -4.929  -16.945 -1.435  1.00 24.33 ? 149  GLU A CD  1 
ATOM   984  O OE1 . GLU A 1 149 ? -3.917  -17.119 -0.715  1.00 23.01 ? 149  GLU A OE1 1 
ATOM   985  O OE2 . GLU A 1 149 ? -4.852  -16.482 -2.590  1.00 35.32 ? 149  GLU A OE2 1 
ATOM   986  O OXT . GLU A 1 149 ? -5.878  -16.977 3.975   1.00 38.69 ? 149  GLU A OXT 1 
HETATM 987  O O   . HOH B 2 .   ? 12.912  14.012  -16.925 1.00 40.85 ? 2001 HOH A O   1 
HETATM 988  O O   . HOH B 2 .   ? 11.927  10.068  -13.836 1.00 30.85 ? 2002 HOH A O   1 
HETATM 989  O O   . HOH B 2 .   ? 11.524  5.691   -14.236 1.00 35.95 ? 2003 HOH A O   1 
HETATM 990  O O   . HOH B 2 .   ? 4.601   8.796   -14.931 1.00 39.30 ? 2004 HOH A O   1 
HETATM 991  O O   . HOH B 2 .   ? 2.871   5.320   -12.673 1.00 34.44 ? 2005 HOH A O   1 
HETATM 992  O O   . HOH B 2 .   ? 7.347   3.764   -9.954  1.00 28.06 ? 2006 HOH A O   1 
HETATM 993  O O   . HOH B 2 .   ? 7.099   -1.344  -11.164 1.00 33.17 ? 2007 HOH A O   1 
HETATM 994  O O   . HOH B 2 .   ? 7.203   -2.125  -13.806 1.00 41.42 ? 2008 HOH A O   1 
HETATM 995  O O   . HOH B 2 .   ? 8.375   0.184   -10.652 1.00 34.05 ? 2009 HOH A O   1 
HETATM 996  O O   . HOH B 2 .   ? 0.098   -2.982  -10.782 1.00 36.01 ? 2010 HOH A O   1 
HETATM 997  O O   . HOH B 2 .   ? 13.149  11.239  -15.828 1.00 37.56 ? 2011 HOH A O   1 
HETATM 998  O O   . HOH B 2 .   ? 0.819   -5.581  -10.057 1.00 23.31 ? 2012 HOH A O   1 
HETATM 999  O O   . HOH B 2 .   ? 3.261   -9.004  -9.304  1.00 32.46 ? 2013 HOH A O   1 
HETATM 1000 O O   . HOH B 2 .   ? 3.253   -9.607  -0.290  1.00 13.87 ? 2014 HOH A O   1 
HETATM 1001 O O   . HOH B 2 .   ? 7.475   -8.270  -1.935  1.00 34.21 ? 2015 HOH A O   1 
HETATM 1002 O O   . HOH B 2 .   ? -2.291  -14.810 -5.093  1.00 18.98 ? 2016 HOH A O   1 
HETATM 1003 O O   . HOH B 2 .   ? 4.735   -13.315 -2.080  1.00 33.80 ? 2017 HOH A O   1 
HETATM 1004 O O   . HOH B 2 .   ? -2.364  -11.230 -1.050  1.00 14.82 ? 2018 HOH A O   1 
HETATM 1005 O O   . HOH B 2 .   ? -2.538  -14.968 -2.173  1.00 17.85 ? 2019 HOH A O   1 
HETATM 1006 O O   . HOH B 2 .   ? 1.179   -13.086 5.361   1.00 29.45 ? 2020 HOH A O   1 
HETATM 1007 O O   . HOH B 2 .   ? 0.859   -11.718 16.381  1.00 32.34 ? 2021 HOH A O   1 
HETATM 1008 O O   . HOH B 2 .   ? 1.107   -7.419  16.878  1.00 27.19 ? 2022 HOH A O   1 
HETATM 1009 O O   . HOH B 2 .   ? -0.311  -16.123 5.556   1.00 34.67 ? 2023 HOH A O   1 
HETATM 1010 O O   . HOH B 2 .   ? -2.409  -17.578 8.503   1.00 38.33 ? 2024 HOH A O   1 
HETATM 1011 O O   . HOH B 2 .   ? 1.793   -4.085  13.140  1.00 27.42 ? 2025 HOH A O   1 
HETATM 1012 O O   . HOH B 2 .   ? -4.994  -15.883 9.584   1.00 34.29 ? 2026 HOH A O   1 
HETATM 1013 O O   . HOH B 2 .   ? -8.302  -10.593 10.988  1.00 34.59 ? 2027 HOH A O   1 
HETATM 1014 O O   . HOH B 2 .   ? -1.619  -10.643 16.098  1.00 31.21 ? 2028 HOH A O   1 
HETATM 1015 O O   . HOH B 2 .   ? 1.680   -9.272  14.796  1.00 26.71 ? 2029 HOH A O   1 
HETATM 1016 O O   . HOH B 2 .   ? -7.876  -9.464  14.867  1.00 31.37 ? 2030 HOH A O   1 
HETATM 1017 O O   . HOH B 2 .   ? 2.969   -6.407  12.374  1.00 20.52 ? 2031 HOH A O   1 
HETATM 1018 O O   . HOH B 2 .   ? 3.623   -8.516  13.002  1.00 30.43 ? 2032 HOH A O   1 
HETATM 1019 O O   . HOH B 2 .   ? 6.965   -8.069  0.856   1.00 27.59 ? 2033 HOH A O   1 
HETATM 1020 O O   . HOH B 2 .   ? 8.807   -3.427  -9.183  1.00 32.34 ? 2034 HOH A O   1 
HETATM 1021 O O   . HOH B 2 .   ? 15.535  -1.702  -9.423  1.00 39.33 ? 2035 HOH A O   1 
HETATM 1022 O O   . HOH B 2 .   ? -21.208 -0.297  4.891   1.00 34.69 ? 2036 HOH A O   1 
HETATM 1023 O O   . HOH B 2 .   ? -17.074 -0.827  -0.616  1.00 35.72 ? 2037 HOH A O   1 
HETATM 1024 O O   . HOH B 2 .   ? 14.431  5.074   -12.342 1.00 31.38 ? 2038 HOH A O   1 
HETATM 1025 O O   . HOH B 2 .   ? -15.930 -4.126  -4.146  1.00 27.21 ? 2039 HOH A O   1 
HETATM 1026 O O   . HOH B 2 .   ? -16.892 -15.429 1.136   1.00 29.55 ? 2040 HOH A O   1 
HETATM 1027 O O   . HOH B 2 .   ? -22.710 -15.596 2.448   1.00 26.89 ? 2041 HOH A O   1 
HETATM 1028 O O   . HOH B 2 .   ? 13.030  7.817   -14.079 1.00 29.62 ? 2042 HOH A O   1 
HETATM 1029 O O   . HOH B 2 .   ? 18.111  11.573  -10.599 1.00 28.98 ? 2043 HOH A O   1 
HETATM 1030 O O   . HOH B 2 .   ? -15.953 -1.920  -2.674  1.00 33.03 ? 2044 HOH A O   1 
HETATM 1031 O O   . HOH B 2 .   ? -17.682 -1.525  -4.949  1.00 34.66 ? 2045 HOH A O   1 
HETATM 1032 O O   . HOH B 2 .   ? -13.970 -7.867  11.073  1.00 23.06 ? 2046 HOH A O   1 
HETATM 1033 O O   . HOH B 2 .   ? -1.669  -3.436  14.755  1.00 35.74 ? 2047 HOH A O   1 
HETATM 1034 O O   . HOH B 2 .   ? 12.728  14.416  0.383   1.00 31.84 ? 2048 HOH A O   1 
HETATM 1035 O O   . HOH B 2 .   ? 12.498  -4.433  1.351   1.00 30.39 ? 2049 HOH A O   1 
HETATM 1036 O O   . HOH B 2 .   ? 8.324   13.345  5.194   1.00 34.56 ? 2050 HOH A O   1 
HETATM 1037 O O   . HOH B 2 .   ? -4.901  11.682  -1.753  1.00 26.27 ? 2051 HOH A O   1 
HETATM 1038 O O   . HOH B 2 .   ? 18.252  13.252  -1.122  1.00 46.14 ? 2052 HOH A O   1 
HETATM 1039 O O   . HOH B 2 .   ? -2.712  8.108   4.153   1.00 23.05 ? 2053 HOH A O   1 
HETATM 1040 O O   . HOH B 2 .   ? -7.393  2.993   0.453   1.00 19.38 ? 2054 HOH A O   1 
HETATM 1041 O O   . HOH B 2 .   ? -9.958  9.725   3.778   1.00 29.51 ? 2055 HOH A O   1 
HETATM 1042 O O   . HOH B 2 .   ? -13.397 7.299   2.981   1.00 31.55 ? 2056 HOH A O   1 
HETATM 1043 O O   . HOH B 2 .   ? -16.228 4.031   8.057   1.00 37.30 ? 2057 HOH A O   1 
HETATM 1044 O O   . HOH B 2 .   ? -8.901  11.289  6.579   1.00 31.53 ? 2058 HOH A O   1 
HETATM 1045 O O   . HOH B 2 .   ? -2.194  11.443  5.171   1.00 29.08 ? 2059 HOH A O   1 
HETATM 1046 O O   . HOH B 2 .   ? -3.847  13.599  4.838   1.00 31.51 ? 2060 HOH A O   1 
HETATM 1047 O O   . HOH B 2 .   ? -8.645  12.881  15.393  1.00 41.09 ? 2061 HOH A O   1 
HETATM 1048 O O   . HOH B 2 .   ? -0.705  3.597   5.733   1.00 8.28  ? 2062 HOH A O   1 
HETATM 1049 O O   . HOH B 2 .   ? -12.361 -0.539  -0.816  1.00 23.33 ? 2063 HOH A O   1 
HETATM 1050 O O   . HOH B 2 .   ? -19.236 1.431   3.309   1.00 33.56 ? 2064 HOH A O   1 
HETATM 1051 O O   . HOH B 2 .   ? -17.828 -4.488  4.765   1.00 21.68 ? 2065 HOH A O   1 
HETATM 1052 O O   . HOH B 2 .   ? -18.850 -2.519  1.301   1.00 30.36 ? 2066 HOH A O   1 
HETATM 1053 O O   . HOH B 2 .   ? -17.936 -6.185  -2.934  1.00 19.94 ? 2067 HOH A O   1 
HETATM 1054 O O   . HOH B 2 .   ? -13.924 -13.027 -3.561  1.00 16.64 ? 2068 HOH A O   1 
HETATM 1055 O O   . HOH B 2 .   ? -15.007 -15.037 -0.725  1.00 19.91 ? 2069 HOH A O   1 
HETATM 1056 O O   . HOH B 2 .   ? 3.286   21.272  -5.659  1.00 38.62 ? 2070 HOH A O   1 
HETATM 1057 O O   . HOH B 2 .   ? -17.636 -5.877  -6.033  1.00 28.67 ? 2071 HOH A O   1 
HETATM 1058 O O   . HOH B 2 .   ? -22.893 -12.840 2.518   1.00 30.09 ? 2072 HOH A O   1 
HETATM 1059 O O   . HOH B 2 .   ? -19.189 -14.868 1.436   1.00 28.54 ? 2073 HOH A O   1 
HETATM 1060 O O   . HOH B 2 .   ? -23.106 -9.175  1.369   1.00 26.90 ? 2074 HOH A O   1 
HETATM 1061 O O   . HOH B 2 .   ? -17.490 -4.009  -2.611  1.00 37.63 ? 2075 HOH A O   1 
HETATM 1062 O O   . HOH B 2 .   ? -24.482 -7.055  0.350   1.00 24.92 ? 2076 HOH A O   1 
HETATM 1063 O O   . HOH B 2 .   ? -16.019 -7.150  7.843   1.00 22.10 ? 2077 HOH A O   1 
HETATM 1064 O O   . HOH B 2 .   ? -19.535 -10.638 7.638   1.00 35.49 ? 2078 HOH A O   1 
HETATM 1065 O O   . HOH B 2 .   ? -13.605 -5.877  9.340   1.00 23.20 ? 2079 HOH A O   1 
HETATM 1066 O O   . HOH B 2 .   ? 2.123   1.869   12.665  1.00 27.84 ? 2080 HOH A O   1 
HETATM 1067 O O   . HOH B 2 .   ? -1.058  -3.543  12.136  1.00 18.82 ? 2081 HOH A O   1 
HETATM 1068 O O   . HOH B 2 .   ? 1.211   -0.037  14.473  1.00 31.44 ? 2082 HOH A O   1 
HETATM 1069 O O   . HOH B 2 .   ? 8.715   -3.213  3.353   1.00 13.08 ? 2083 HOH A O   1 
HETATM 1070 O O   . HOH B 2 .   ? 12.530  4.432   5.807   1.00 32.65 ? 2084 HOH A O   1 
HETATM 1071 O O   . HOH B 2 .   ? 11.333  5.878   7.227   1.00 33.61 ? 2085 HOH A O   1 
HETATM 1072 O O   . HOH B 2 .   ? 10.213  5.385   8.826   1.00 30.17 ? 2086 HOH A O   1 
HETATM 1073 O O   . HOH B 2 .   ? 9.341   7.129   6.856   1.00 35.86 ? 2087 HOH A O   1 
HETATM 1074 O O   . HOH B 2 .   ? 10.416  0.747   2.203   1.00 18.20 ? 2088 HOH A O   1 
HETATM 1075 O O   . HOH B 2 .   ? 12.460  -1.889  0.554   1.00 20.48 ? 2089 HOH A O   1 
HETATM 1076 O O   . HOH B 2 .   ? 11.643  -4.890  6.113   1.00 30.18 ? 2090 HOH A O   1 
HETATM 1077 O O   . HOH B 2 .   ? 16.604  2.994   10.864  1.00 35.36 ? 2091 HOH A O   1 
HETATM 1078 O O   . HOH B 2 .   ? 4.339   2.985   12.140  0.50 13.77 ? 2092 HOH A O   1 
HETATM 1079 O O   . HOH B 2 .   ? 9.214   -3.679  10.151  1.00 26.60 ? 2093 HOH A O   1 
HETATM 1080 O O   . HOH B 2 .   ? 5.127   8.378   7.277   1.00 19.12 ? 2094 HOH A O   1 
HETATM 1081 O O   . HOH B 2 .   ? -2.004  2.814   13.011  1.00 26.93 ? 2095 HOH A O   1 
HETATM 1082 O O   . HOH B 2 .   ? -3.758  5.888   14.034  1.00 31.23 ? 2096 HOH A O   1 
HETATM 1083 O O   . HOH B 2 .   ? -3.661  14.649  -4.406  1.00 39.35 ? 2097 HOH A O   1 
HETATM 1084 O O   . HOH B 2 .   ? 2.209   12.485  -0.962  1.00 24.22 ? 2098 HOH A O   1 
HETATM 1085 O O   . HOH B 2 .   ? 6.333   16.389  2.657   1.00 37.08 ? 2099 HOH A O   1 
HETATM 1086 O O   . HOH B 2 .   ? 7.800   10.697  6.346   1.00 29.29 ? 2100 HOH A O   1 
HETATM 1087 O O   . HOH B 2 .   ? 13.373  6.512   4.941   1.00 32.84 ? 2101 HOH A O   1 
HETATM 1088 O O   . HOH B 2 .   ? 17.684  10.971  -2.610  1.00 35.89 ? 2102 HOH A O   1 
HETATM 1089 O O   . HOH B 2 .   ? 20.551  3.778   -6.788  1.00 36.95 ? 2103 HOH A O   1 
HETATM 1090 O O   . HOH B 2 .   ? 17.458  -1.443  -8.460  0.50 40.49 ? 2104 HOH A O   1 
HETATM 1091 O O   . HOH B 2 .   ? 18.132  -0.890  -3.619  1.00 34.75 ? 2105 HOH A O   1 
HETATM 1092 O O   . HOH B 2 .   ? 16.744  -2.579  -2.217  1.00 40.20 ? 2106 HOH A O   1 
HETATM 1093 O O   . HOH B 2 .   ? 12.739  -3.727  -2.478  1.00 27.64 ? 2107 HOH A O   1 
HETATM 1094 O O   . HOH B 2 .   ? 7.498   -5.687  10.423  1.00 25.37 ? 2108 HOH A O   1 
HETATM 1095 O O   . HOH B 2 .   ? -8.777  -9.445  9.287   1.00 30.20 ? 2109 HOH A O   1 
HETATM 1096 O O   . HOH B 2 .   ? -3.668  1.825   17.330  1.00 21.75 ? 2110 HOH A O   1 
HETATM 1097 O O   . HOH B 2 .   ? -13.454 -7.164  13.760  1.00 25.15 ? 2111 HOH A O   1 
HETATM 1098 O O   . HOH B 2 .   ? -14.783 -10.029 17.383  1.00 26.92 ? 2112 HOH A O   1 
HETATM 1099 O O   . HOH B 2 .   ? -8.593  -16.426 4.178   1.00 29.62 ? 2113 HOH A O   1 
HETATM 1100 O O   . HOH B 2 .   ? -13.326 -18.348 -2.212  1.00 26.96 ? 2114 HOH A O   1 
HETATM 1101 O O   . HOH B 2 .   ? -8.170  -16.201 -2.890  1.00 12.17 ? 2115 HOH A O   1 
HETATM 1102 O O   . HOH B 2 .   ? -13.341 -1.636  -2.705  1.00 24.30 ? 2116 HOH A O   1 
HETATM 1103 O O   . HOH B 2 .   ? -11.339 0.574   -5.192  1.00 31.25 ? 2117 HOH A O   1 
HETATM 1104 O O   . HOH B 2 .   ? -10.027 3.890   -2.330  1.00 27.57 ? 2118 HOH A O   1 
HETATM 1105 O O   . HOH B 2 .   ? -11.648 1.518   -3.127  1.00 26.67 ? 2119 HOH A O   1 
HETATM 1106 O O   . HOH B 2 .   ? -10.962 2.732   0.402   1.00 32.10 ? 2120 HOH A O   1 
HETATM 1107 O O   . HOH B 2 .   ? -10.641 5.649   -4.252  1.00 37.46 ? 2121 HOH A O   1 
HETATM 1108 O O   . HOH B 2 .   ? 2.933   5.144   -9.934  1.00 27.82 ? 2122 HOH A O   1 
HETATM 1109 O O   . HOH B 2 .   ? 3.862   19.572  -3.847  1.00 28.45 ? 2123 HOH A O   1 
HETATM 1110 O O   . HOH B 2 .   ? -0.073  14.595  -9.547  1.00 34.41 ? 2124 HOH A O   1 
HETATM 1111 O O   . HOH B 2 .   ? 0.769   12.335  -11.793 1.00 34.41 ? 2125 HOH A O   1 
HETATM 1112 O O   . HOH B 2 .   ? -4.587  4.250   -13.278 1.00 40.87 ? 2126 HOH A O   1 
HETATM 1113 O O   . HOH B 2 .   ? -2.755  8.156   -11.692 1.00 33.75 ? 2127 HOH A O   1 
HETATM 1114 O O   . HOH B 2 .   ? -4.070  9.267   -10.580 1.00 34.21 ? 2128 HOH A O   1 
HETATM 1115 O O   . HOH B 2 .   ? 0.576   3.702   -9.260  1.00 27.25 ? 2129 HOH A O   1 
HETATM 1116 O O   . HOH B 2 .   ? -0.313  2.518   -11.270 1.00 38.83 ? 2130 HOH A O   1 
HETATM 1117 O O   . HOH B 2 .   ? -5.231  3.100   -11.258 1.00 34.03 ? 2131 HOH A O   1 
HETATM 1118 O O   . HOH B 2 .   ? -3.565  0.926   -11.061 1.00 27.85 ? 2132 HOH A O   1 
HETATM 1119 O O   . HOH B 2 .   ? -3.940  -5.038  -8.496  1.00 23.11 ? 2133 HOH A O   1 
HETATM 1120 O O   . HOH B 2 .   ? -2.689  -2.256  -10.279 1.00 30.93 ? 2134 HOH A O   1 
HETATM 1121 O O   . HOH B 2 .   ? -6.340  0.247   -13.241 1.00 41.01 ? 2135 HOH A O   1 
HETATM 1122 O O   . HOH B 2 .   ? -2.360  -8.547  -7.587  1.00 26.55 ? 2136 HOH A O   1 
HETATM 1123 O O   . HOH B 2 .   ? -5.463  -5.056  -10.522 1.00 28.80 ? 2137 HOH A O   1 
HETATM 1124 O O   . HOH B 2 .   ? -6.758  -6.619  -11.884 1.00 39.54 ? 2138 HOH A O   1 
HETATM 1125 O O   . HOH B 2 .   ? -3.493  -12.418 -5.957  1.00 16.61 ? 2139 HOH A O   1 
# 
